data_7K9S
#
_entry.id   7K9S
#
_cell.length_a   51.639
_cell.length_b   78.450
_cell.length_c   188.105
_cell.angle_alpha   90.000
_cell.angle_beta   95.743
_cell.angle_gamma   90.000
#
_symmetry.space_group_name_H-M   'P 1 21 1'
#
loop_
_entity.id
_entity.type
_entity.pdbx_description
1 polymer 'Hsp90-like protein'
2 non-polymer 5-[2,4-DIHYDROXY-5-(1-METHYLETHYL)PHENYL]-N-ETHYL-4-[4-(MORPHOLIN-4-YLMETHYL)PHENYL]ISOXAZOLE-3-CARBOXAMIDE
#
_entity_poly.entity_id   1
_entity_poly.type   'polypeptide(L)'
_entity_poly.pdbx_seq_one_letter_code
;GPGSMSTETFGFQAEISQLLDLIINTFYSNKEIFLRELISNSSDALDKIRYAALTDPSQLDSEKDLYIRIIPNKEEGTLT
IRDTGIGMTKADLVNNLGTIAKSGTKAFMEALSSGADISMIGQFGVGFYSSYLVAEKVQVTTKHNDDEQYIWESAAGGTF
TITEDTEGPRLGRGTSMKLFIKEDLKEYLEEKRIREIVKKHSEFISYPIQLVVTK
;
_entity_poly.pdbx_strand_id   A,B,C,D,E,F
#
loop_
_chem_comp.id
_chem_comp.type
_chem_comp.name
_chem_comp.formula
2GJ non-polymer 5-[2,4-DIHYDROXY-5-(1-METHYLETHYL)PHENYL]-N-ETHYL-4-[4-(MORPHOLIN-4-YLMETHYL)PHENYL]ISOXAZOLE-3-CARBOXAMIDE 'C26 H31 N3 O5'
#
# COMPACT_ATOMS: atom_id res chain seq x y z
N MET A 5 3.74 -19.80 -19.65
CA MET A 5 2.75 -19.55 -20.68
C MET A 5 1.53 -20.45 -20.49
N SER A 6 1.49 -21.15 -19.37
CA SER A 6 0.39 -22.05 -19.07
C SER A 6 -0.90 -21.26 -18.91
N THR A 7 -1.99 -21.81 -19.40
CA THR A 7 -3.27 -21.15 -19.31
C THR A 7 -4.12 -21.84 -18.27
N GLU A 8 -4.64 -21.06 -17.33
CA GLU A 8 -5.47 -21.60 -16.28
C GLU A 8 -6.90 -21.22 -16.59
N THR A 9 -7.76 -22.23 -16.67
CA THR A 9 -9.16 -22.00 -16.99
C THR A 9 -9.96 -21.92 -15.71
N PHE A 10 -10.74 -20.86 -15.59
CA PHE A 10 -11.55 -20.62 -14.41
C PHE A 10 -12.98 -20.44 -14.84
N GLY A 11 -13.90 -20.58 -13.90
CA GLY A 11 -15.28 -20.40 -14.24
C GLY A 11 -15.86 -19.18 -13.57
N PHE A 12 -16.75 -18.49 -14.28
CA PHE A 12 -17.42 -17.32 -13.73
C PHE A 12 -18.24 -17.70 -12.51
N GLN A 13 -18.29 -16.77 -11.55
CA GLN A 13 -19.19 -16.94 -10.42
C GLN A 13 -20.63 -16.96 -10.91
N ALA A 14 -21.48 -17.72 -10.20
CA ALA A 14 -22.81 -18.05 -10.70
C ALA A 14 -23.60 -16.81 -11.07
N GLU A 15 -23.54 -15.76 -10.24
CA GLU A 15 -24.29 -14.54 -10.53
C GLU A 15 -23.76 -13.85 -11.78
N ILE A 16 -22.43 -13.92 -11.99
CA ILE A 16 -21.83 -13.26 -13.15
C ILE A 16 -22.20 -13.99 -14.43
N SER A 17 -22.17 -15.33 -14.41
CA SER A 17 -22.64 -16.09 -15.56
C SER A 17 -24.11 -15.81 -15.84
N GLN A 18 -24.92 -15.76 -14.78
CA GLN A 18 -26.33 -15.44 -14.93
C GLN A 18 -26.51 -14.06 -15.54
N LEU A 19 -25.76 -13.08 -15.06
CA LEU A 19 -25.85 -11.73 -15.62
C LEU A 19 -25.33 -11.68 -17.05
N LEU A 20 -24.23 -12.38 -17.31
CA LEU A 20 -23.64 -12.36 -18.65
C LEU A 20 -24.64 -12.87 -19.69
N ASP A 21 -25.42 -13.90 -19.35
CA ASP A 21 -26.46 -14.37 -20.25
C ASP A 21 -27.53 -13.30 -20.47
N LEU A 22 -27.81 -12.50 -19.45
CA LEU A 22 -28.83 -11.46 -19.58
C LEU A 22 -28.38 -10.34 -20.51
N ILE A 23 -27.07 -10.10 -20.61
CA ILE A 23 -26.57 -9.06 -21.51
C ILE A 23 -26.60 -9.54 -22.95
N ILE A 24 -26.16 -10.77 -23.20
CA ILE A 24 -25.99 -11.24 -24.57
C ILE A 24 -27.36 -11.55 -25.20
N ASN A 25 -28.21 -12.27 -24.47
CA ASN A 25 -29.43 -12.82 -25.05
C ASN A 25 -30.61 -11.86 -25.03
N THR A 26 -30.46 -10.65 -24.48
CA THR A 26 -31.52 -9.67 -24.47
C THR A 26 -31.20 -8.54 -25.43
N PHE A 27 -32.22 -8.09 -26.15
CA PHE A 27 -32.06 -7.07 -27.19
C PHE A 27 -32.14 -5.68 -26.56
N TYR A 28 -31.10 -4.88 -26.77
CA TYR A 28 -31.08 -3.48 -26.39
C TYR A 28 -30.69 -2.64 -27.59
N SER A 29 -31.12 -1.38 -27.59
CA SER A 29 -30.88 -0.49 -28.73
C SER A 29 -29.52 0.22 -28.60
N ASN A 30 -29.39 1.09 -27.61
CA ASN A 30 -28.19 1.91 -27.46
C ASN A 30 -27.07 1.09 -26.80
N LYS A 31 -26.62 0.07 -27.53
CA LYS A 31 -25.49 -0.74 -27.08
C LYS A 31 -24.21 0.07 -26.98
N GLU A 32 -24.20 1.31 -27.48
CA GLU A 32 -23.01 2.16 -27.43
C GLU A 32 -22.59 2.54 -26.01
N ILE A 33 -23.44 2.27 -25.01
CA ILE A 33 -23.08 2.58 -23.64
C ILE A 33 -21.92 1.76 -23.12
N PHE A 34 -21.53 0.70 -23.84
CA PHE A 34 -20.39 -0.10 -23.42
C PHE A 34 -19.12 0.73 -23.38
N LEU A 35 -18.92 1.59 -24.37
CA LEU A 35 -17.70 2.39 -24.42
C LEU A 35 -17.65 3.39 -23.27
N ARG A 36 -18.80 3.89 -22.83
CA ARG A 36 -18.83 4.78 -21.66
C ARG A 36 -18.31 4.05 -20.43
N GLU A 37 -18.69 2.79 -20.25
CA GLU A 37 -18.29 2.05 -19.06
C GLU A 37 -16.83 1.60 -19.14
N LEU A 38 -16.36 1.23 -20.33
CA LEU A 38 -14.97 0.80 -20.47
C LEU A 38 -14.02 1.98 -20.31
N ILE A 39 -14.40 3.15 -20.84
CA ILE A 39 -13.62 4.36 -20.59
C ILE A 39 -13.69 4.74 -19.11
N SER A 40 -14.87 4.64 -18.52
CA SER A 40 -15.01 4.96 -17.10
C SER A 40 -14.20 4.02 -16.23
N ASN A 41 -14.21 2.72 -16.55
CA ASN A 41 -13.34 1.79 -15.85
C ASN A 41 -11.87 2.12 -16.07
N SER A 42 -11.54 2.60 -17.27
CA SER A 42 -10.17 3.04 -17.54
C SER A 42 -9.85 4.30 -16.73
N SER A 43 -10.82 5.20 -16.60
CA SER A 43 -10.60 6.41 -15.82
C SER A 43 -10.41 6.11 -14.34
N ASP A 44 -11.20 5.16 -13.81
CA ASP A 44 -11.04 4.78 -12.41
C ASP A 44 -9.67 4.14 -12.16
N ALA A 45 -9.19 3.35 -13.12
CA ALA A 45 -7.86 2.75 -12.99
C ALA A 45 -6.78 3.82 -13.05
N LEU A 46 -6.99 4.85 -13.87
CA LEU A 46 -6.05 5.95 -13.93
C LEU A 46 -6.04 6.75 -12.63
N ASP A 47 -7.21 6.88 -12.02
CA ASP A 47 -7.27 7.60 -10.72
C ASP A 47 -6.43 6.85 -9.68
N LYS A 48 -6.50 5.52 -9.67
CA LYS A 48 -5.83 4.75 -8.63
C LYS A 48 -4.32 4.89 -8.71
N ILE A 49 -3.76 5.05 -9.90
CA ILE A 49 -2.32 5.15 -10.01
C ILE A 49 -1.81 6.55 -9.68
N ARG A 50 -2.60 7.59 -10.00
CA ARG A 50 -2.17 8.96 -9.60
C ARG A 50 -2.15 9.00 -8.07
N TYR A 51 -3.16 8.44 -7.42
CA TYR A 51 -3.26 8.40 -5.95
C TYR A 51 -2.12 7.55 -5.41
N ALA A 52 -1.75 6.48 -6.11
CA ALA A 52 -0.61 5.67 -5.67
C ALA A 52 0.66 6.50 -5.87
N ALA A 53 0.72 7.27 -6.96
CA ALA A 53 1.90 8.11 -7.26
C ALA A 53 2.02 9.22 -6.23
N LEU A 54 0.89 9.73 -5.74
CA LEU A 54 0.93 10.82 -4.74
C LEU A 54 1.66 10.23 -3.54
N THR A 55 1.28 9.02 -3.13
CA THR A 55 1.99 8.35 -2.01
C THR A 55 3.46 8.05 -2.38
N ASP A 56 3.63 7.23 -3.42
CA ASP A 56 4.99 6.89 -3.92
C ASP A 56 5.05 7.09 -5.43
N PRO A 57 5.87 8.03 -5.95
CA PRO A 57 5.97 8.24 -7.39
C PRO A 57 6.68 7.10 -8.13
N SER A 58 7.50 6.31 -7.43
CA SER A 58 8.22 5.21 -8.11
C SER A 58 7.23 4.27 -8.80
N GLN A 59 5.93 4.52 -8.66
CA GLN A 59 4.95 3.67 -9.33
C GLN A 59 4.77 4.08 -10.79
N LEU A 60 5.00 5.34 -11.13
CA LEU A 60 4.90 5.82 -12.50
C LEU A 60 6.12 5.48 -13.35
N ASP A 61 7.15 4.85 -12.75
CA ASP A 61 8.31 4.44 -13.52
C ASP A 61 7.96 3.48 -14.64
N SER A 62 6.92 2.66 -14.43
CA SER A 62 6.50 1.71 -15.46
C SER A 62 6.00 2.44 -16.70
N GLU A 63 5.25 3.52 -16.51
CA GLU A 63 4.80 4.37 -17.62
C GLU A 63 4.34 5.71 -17.08
N LYS A 64 5.08 6.79 -17.37
CA LYS A 64 4.80 8.07 -16.74
C LYS A 64 3.55 8.75 -17.33
N ASP A 65 3.16 8.40 -18.55
CA ASP A 65 2.04 9.04 -19.22
C ASP A 65 0.73 8.37 -18.82
N LEU A 66 -0.24 9.18 -18.43
CA LEU A 66 -1.56 8.69 -18.02
C LEU A 66 -2.58 9.14 -19.07
N TYR A 67 -3.11 8.18 -19.82
CA TYR A 67 -4.03 8.49 -20.91
C TYR A 67 -4.95 7.31 -21.14
N ILE A 68 -5.92 7.52 -22.03
CA ILE A 68 -6.83 6.49 -22.49
C ILE A 68 -6.79 6.50 -24.01
N ARG A 69 -6.40 5.38 -24.61
CA ARG A 69 -6.25 5.29 -26.06
C ARG A 69 -7.15 4.19 -26.60
N ILE A 70 -7.86 4.50 -27.69
CA ILE A 70 -8.77 3.56 -28.35
C ILE A 70 -8.18 3.22 -29.71
N ILE A 71 -8.00 1.93 -29.97
CA ILE A 71 -7.35 1.47 -31.20
C ILE A 71 -8.30 0.55 -31.95
N PRO A 72 -9.14 1.08 -32.84
CA PRO A 72 -10.00 0.20 -33.66
C PRO A 72 -9.18 -0.48 -34.76
N ASN A 73 -9.42 -1.77 -34.93
CA ASN A 73 -8.78 -2.58 -35.96
C ASN A 73 -9.88 -3.16 -36.84
N LYS A 74 -10.14 -2.51 -37.98
CA LYS A 74 -11.22 -2.95 -38.85
C LYS A 74 -10.89 -4.29 -39.51
N GLU A 75 -9.64 -4.47 -39.94
CA GLU A 75 -9.27 -5.71 -40.64
C GLU A 75 -9.32 -6.91 -39.70
N GLU A 76 -8.92 -6.72 -38.44
CA GLU A 76 -9.07 -7.77 -37.44
C GLU A 76 -10.46 -7.77 -36.81
N GLY A 77 -11.25 -6.72 -36.99
CA GLY A 77 -12.56 -6.64 -36.39
C GLY A 77 -12.54 -6.49 -34.88
N THR A 78 -11.52 -5.81 -34.34
CA THR A 78 -11.35 -5.66 -32.90
C THR A 78 -11.31 -4.18 -32.52
N LEU A 79 -11.81 -3.90 -31.32
CA LEU A 79 -11.71 -2.57 -30.71
C LEU A 79 -10.90 -2.69 -29.45
N THR A 80 -9.73 -2.05 -29.43
CA THR A 80 -8.81 -2.12 -28.29
C THR A 80 -8.85 -0.81 -27.53
N ILE A 81 -9.03 -0.90 -26.22
CA ILE A 81 -9.06 0.26 -25.33
C ILE A 81 -7.87 0.12 -24.40
N ARG A 82 -6.81 0.88 -24.67
CA ARG A 82 -5.58 0.83 -23.89
C ARG A 82 -5.49 2.04 -22.99
N ASP A 83 -5.25 1.81 -21.70
CA ASP A 83 -5.02 2.87 -20.74
C ASP A 83 -3.85 2.46 -19.85
N THR A 84 -3.15 3.46 -19.34
CA THR A 84 -1.98 3.24 -18.47
C THR A 84 -2.38 3.36 -17.00
N GLY A 85 -3.40 2.57 -16.64
CA GLY A 85 -3.90 2.55 -15.28
C GLY A 85 -2.96 1.81 -14.34
N ILE A 86 -3.43 1.65 -13.10
CA ILE A 86 -2.64 0.95 -12.09
C ILE A 86 -2.48 -0.52 -12.44
N GLY A 87 -3.41 -1.08 -13.21
CA GLY A 87 -3.33 -2.46 -13.61
C GLY A 87 -3.91 -3.39 -12.57
N MET A 88 -3.92 -4.68 -12.91
CA MET A 88 -4.46 -5.72 -12.05
C MET A 88 -3.47 -6.87 -11.93
N THR A 89 -3.45 -7.45 -10.75
CA THR A 89 -2.61 -8.59 -10.45
C THR A 89 -3.38 -9.85 -10.81
N LYS A 90 -2.69 -10.99 -10.83
CA LYS A 90 -3.35 -12.24 -11.18
C LYS A 90 -4.46 -12.48 -10.19
N ALA A 91 -4.18 -12.17 -8.93
CA ALA A 91 -5.17 -12.31 -7.88
C ALA A 91 -6.32 -11.35 -8.15
N ASP A 92 -5.99 -10.13 -8.55
CA ASP A 92 -7.03 -9.09 -8.75
C ASP A 92 -7.93 -9.50 -9.91
N LEU A 93 -7.40 -10.20 -10.91
CA LEU A 93 -8.28 -10.51 -12.06
C LEU A 93 -9.41 -11.39 -11.54
N VAL A 94 -9.10 -12.32 -10.63
CA VAL A 94 -10.15 -13.20 -10.04
C VAL A 94 -10.92 -12.46 -8.94
N ASN A 95 -10.23 -11.65 -8.11
CA ASN A 95 -10.92 -11.02 -6.94
C ASN A 95 -11.52 -9.63 -7.24
N ASN A 96 -11.18 -9.00 -8.37
CA ASN A 96 -11.80 -7.69 -8.70
C ASN A 96 -12.94 -7.91 -9.70
N LEU A 97 -12.77 -8.88 -10.59
CA LEU A 97 -13.84 -9.21 -11.57
C LEU A 97 -14.73 -10.30 -10.96
N GLY A 98 -14.46 -10.65 -9.70
CA GLY A 98 -15.31 -11.63 -8.99
C GLY A 98 -15.35 -11.32 -7.51
N THR A 99 -16.35 -11.85 -6.78
CA THR A 99 -16.48 -11.65 -5.30
C THR A 99 -16.90 -10.20 -4.99
N ILE A 100 -16.07 -9.20 -5.32
CA ILE A 100 -16.47 -7.78 -5.13
C ILE A 100 -17.63 -7.52 -6.09
N ALA A 101 -17.53 -8.04 -7.31
CA ALA A 101 -18.57 -7.86 -8.33
C ALA A 101 -19.85 -8.60 -7.96
N LYS A 102 -19.76 -9.65 -7.13
CA LYS A 102 -20.97 -10.48 -6.87
C LYS A 102 -22.09 -9.64 -6.27
N SER A 103 -21.79 -8.77 -5.31
CA SER A 103 -22.87 -7.99 -4.67
C SER A 103 -23.52 -7.09 -5.71
N GLY A 104 -22.70 -6.40 -6.53
CA GLY A 104 -23.22 -5.52 -7.58
C GLY A 104 -23.96 -6.29 -8.67
N THR A 105 -23.42 -7.45 -9.06
CA THR A 105 -24.03 -8.23 -10.16
C THR A 105 -25.43 -8.65 -9.74
N LYS A 106 -25.58 -9.09 -8.49
CA LYS A 106 -26.91 -9.49 -7.98
C LYS A 106 -27.78 -8.25 -7.88
N ALA A 107 -27.23 -7.17 -7.31
CA ALA A 107 -28.02 -5.95 -7.15
C ALA A 107 -28.47 -5.40 -8.50
N PHE A 108 -27.69 -5.60 -9.56
CA PHE A 108 -28.09 -5.13 -10.87
C PHE A 108 -29.33 -5.87 -11.36
N MET A 109 -29.34 -7.19 -11.26
CA MET A 109 -30.49 -7.97 -11.68
C MET A 109 -31.69 -7.75 -10.75
N GLU A 110 -31.44 -7.53 -9.46
CA GLU A 110 -32.52 -7.15 -8.56
C GLU A 110 -33.11 -5.81 -8.97
N ALA A 111 -32.31 -4.93 -9.57
CA ALA A 111 -32.84 -3.69 -10.11
C ALA A 111 -33.45 -3.89 -11.49
N LEU A 112 -32.84 -4.77 -12.30
CA LEU A 112 -33.40 -5.07 -13.62
C LEU A 112 -34.76 -5.73 -13.51
N SER A 113 -34.97 -6.55 -12.48
CA SER A 113 -36.30 -7.11 -12.24
C SER A 113 -37.28 -6.04 -11.79
N SER A 114 -36.78 -4.97 -11.17
CA SER A 114 -37.62 -3.84 -10.79
C SER A 114 -37.87 -2.88 -11.94
N GLY A 115 -37.40 -3.20 -13.14
CA GLY A 115 -37.60 -2.37 -14.30
C GLY A 115 -36.48 -1.39 -14.62
N ALA A 116 -35.27 -1.62 -14.11
CA ALA A 116 -34.17 -0.72 -14.41
C ALA A 116 -33.73 -0.87 -15.87
N ASP A 117 -32.88 0.07 -16.30
CA ASP A 117 -32.37 0.08 -17.66
C ASP A 117 -30.99 -0.55 -17.71
N ILE A 118 -30.62 -1.03 -18.90
CA ILE A 118 -29.32 -1.65 -19.08
C ILE A 118 -28.20 -0.62 -18.97
N SER A 119 -28.49 0.66 -19.22
CA SER A 119 -27.47 1.70 -19.13
C SER A 119 -27.00 1.94 -17.71
N MET A 120 -27.82 1.60 -16.70
CA MET A 120 -27.44 1.74 -15.30
C MET A 120 -26.44 0.70 -14.85
N ILE A 121 -25.88 -0.09 -15.77
CA ILE A 121 -24.94 -1.14 -15.40
C ILE A 121 -23.71 -0.57 -14.71
N GLY A 122 -23.38 0.69 -15.02
CA GLY A 122 -22.20 1.30 -14.39
C GLY A 122 -22.38 1.58 -12.92
N GLN A 123 -23.60 1.93 -12.50
CA GLN A 123 -23.86 2.24 -11.10
C GLN A 123 -23.71 1.04 -10.19
N PHE A 124 -23.58 -0.17 -10.73
CA PHE A 124 -23.43 -1.38 -9.93
C PHE A 124 -22.04 -2.00 -10.06
N GLY A 125 -21.09 -1.28 -10.65
CA GLY A 125 -19.72 -1.74 -10.70
C GLY A 125 -19.47 -2.93 -11.60
N VAL A 126 -20.39 -3.23 -12.52
CA VAL A 126 -20.22 -4.34 -13.44
C VAL A 126 -20.31 -3.81 -14.87
N GLY A 127 -19.93 -2.55 -15.07
CA GLY A 127 -20.00 -1.94 -16.39
C GLY A 127 -19.11 -2.58 -17.42
N PHE A 128 -18.10 -3.35 -16.99
CA PHE A 128 -17.24 -4.04 -17.94
C PHE A 128 -18.02 -5.08 -18.75
N TYR A 129 -18.92 -5.81 -18.09
CA TYR A 129 -19.64 -6.88 -18.77
C TYR A 129 -20.57 -6.36 -19.84
N SER A 130 -20.89 -5.07 -19.85
CA SER A 130 -21.63 -4.48 -20.95
C SER A 130 -20.87 -4.54 -22.26
N SER A 131 -19.57 -4.81 -22.22
CA SER A 131 -18.82 -4.95 -23.47
C SER A 131 -19.31 -6.13 -24.28
N TYR A 132 -19.86 -7.15 -23.62
CA TYR A 132 -20.41 -8.30 -24.34
C TYR A 132 -21.72 -7.98 -25.06
N LEU A 133 -22.25 -6.76 -24.90
CA LEU A 133 -23.33 -6.31 -25.77
C LEU A 133 -22.86 -6.24 -27.22
N VAL A 134 -21.61 -5.84 -27.42
CA VAL A 134 -21.06 -5.68 -28.76
C VAL A 134 -19.92 -6.64 -29.05
N ALA A 135 -19.41 -7.35 -28.06
CA ALA A 135 -18.24 -8.22 -28.23
C ALA A 135 -18.65 -9.66 -28.02
N GLU A 136 -18.28 -10.52 -28.98
CA GLU A 136 -18.43 -11.95 -28.81
C GLU A 136 -17.32 -12.56 -27.98
N LYS A 137 -16.19 -11.87 -27.86
CA LYS A 137 -15.04 -12.33 -27.10
C LYS A 137 -14.24 -11.12 -26.65
N VAL A 138 -13.69 -11.19 -25.44
CA VAL A 138 -12.97 -10.07 -24.84
C VAL A 138 -11.61 -10.57 -24.35
N GLN A 139 -10.54 -9.94 -24.82
CA GLN A 139 -9.18 -10.22 -24.36
C GLN A 139 -8.71 -9.04 -23.53
N VAL A 140 -8.52 -9.26 -22.23
CA VAL A 140 -8.08 -8.22 -21.31
C VAL A 140 -6.61 -8.47 -21.00
N THR A 141 -5.74 -7.59 -21.48
CA THR A 141 -4.31 -7.63 -21.18
C THR A 141 -4.01 -6.57 -20.13
N THR A 142 -3.52 -7.00 -18.97
CA THR A 142 -3.28 -6.11 -17.86
C THR A 142 -1.87 -6.32 -17.32
N LYS A 143 -1.40 -5.31 -16.58
CA LYS A 143 -0.08 -5.38 -15.97
C LYS A 143 -0.07 -4.45 -14.77
N HIS A 144 0.07 -5.02 -13.57
CA HIS A 144 0.21 -4.25 -12.35
C HIS A 144 1.69 -4.19 -11.96
N ASN A 145 2.06 -3.11 -11.25
CA ASN A 145 3.46 -2.90 -10.94
C ASN A 145 4.03 -4.01 -10.06
N ASP A 146 3.21 -4.60 -9.20
CA ASP A 146 3.66 -5.61 -8.25
C ASP A 146 3.40 -7.03 -8.74
N ASP A 147 2.98 -7.21 -9.99
CA ASP A 147 2.73 -8.53 -10.54
C ASP A 147 3.20 -8.55 -12.00
N GLU A 148 3.02 -9.69 -12.64
CA GLU A 148 3.41 -9.86 -14.04
C GLU A 148 2.27 -9.43 -14.97
N GLN A 149 2.51 -9.57 -16.27
CA GLN A 149 1.52 -9.24 -17.28
C GLN A 149 0.70 -10.48 -17.60
N TYR A 150 -0.63 -10.33 -17.60
CA TYR A 150 -1.54 -11.44 -17.82
C TYR A 150 -2.55 -11.09 -18.90
N ILE A 151 -3.00 -12.10 -19.62
CA ILE A 151 -4.04 -11.95 -20.64
C ILE A 151 -5.29 -12.67 -20.13
N TRP A 152 -6.30 -11.89 -19.77
CA TRP A 152 -7.60 -12.42 -19.41
C TRP A 152 -8.47 -12.49 -20.65
N GLU A 153 -9.09 -13.64 -20.89
CA GLU A 153 -9.89 -13.85 -22.09
C GLU A 153 -11.10 -14.68 -21.76
N SER A 154 -12.25 -14.32 -22.34
CA SER A 154 -13.49 -15.04 -22.11
C SER A 154 -14.49 -14.70 -23.20
N ALA A 155 -15.23 -15.72 -23.66
CA ALA A 155 -16.34 -15.54 -24.57
C ALA A 155 -17.69 -15.61 -23.84
N ALA A 156 -17.67 -15.41 -22.52
CA ALA A 156 -18.88 -15.43 -21.69
C ALA A 156 -19.62 -16.76 -21.78
N GLY A 157 -18.88 -17.86 -21.92
CA GLY A 157 -19.47 -19.17 -21.92
C GLY A 157 -19.42 -19.82 -20.55
N GLY A 158 -19.56 -19.01 -19.51
CA GLY A 158 -19.42 -19.46 -18.14
C GLY A 158 -18.00 -19.63 -17.67
N THR A 159 -17.03 -19.62 -18.58
CA THR A 159 -15.63 -19.78 -18.22
C THR A 159 -14.75 -18.66 -18.75
N PHE A 160 -13.70 -18.33 -18.00
CA PHE A 160 -12.76 -17.32 -18.42
C PHE A 160 -11.35 -17.83 -18.18
N THR A 161 -10.41 -17.49 -19.04
CA THR A 161 -9.06 -17.99 -18.89
C THR A 161 -8.05 -16.90 -18.60
N ILE A 162 -7.18 -17.13 -17.62
CA ILE A 162 -6.15 -16.18 -17.28
C ILE A 162 -4.84 -16.78 -17.74
N THR A 163 -4.11 -16.04 -18.57
CA THR A 163 -2.84 -16.53 -19.09
C THR A 163 -1.70 -15.59 -18.80
N GLU A 164 -0.62 -16.10 -18.25
CA GLU A 164 0.54 -15.26 -17.97
C GLU A 164 1.18 -14.84 -19.30
N ASP A 165 1.15 -13.55 -19.58
CA ASP A 165 1.61 -13.04 -20.87
C ASP A 165 3.14 -13.00 -20.89
N THR A 166 3.73 -13.80 -21.78
CA THR A 166 5.17 -13.82 -21.97
C THR A 166 5.60 -13.56 -23.41
N GLU A 167 4.68 -13.61 -24.36
CA GLU A 167 5.02 -13.42 -25.77
C GLU A 167 4.33 -12.22 -26.41
N GLY A 168 3.38 -11.59 -25.73
CA GLY A 168 2.73 -10.42 -26.26
C GLY A 168 3.52 -9.16 -25.96
N PRO A 169 3.08 -8.05 -26.56
CA PRO A 169 3.81 -6.78 -26.35
C PRO A 169 3.72 -6.33 -24.91
N ARG A 170 4.85 -5.81 -24.40
CA ARG A 170 4.90 -5.32 -23.03
C ARG A 170 4.02 -4.08 -22.88
N LEU A 171 3.32 -4.00 -21.75
CA LEU A 171 2.52 -2.83 -21.43
C LEU A 171 3.22 -1.92 -20.41
N GLY A 172 4.03 -2.48 -19.53
CA GLY A 172 4.66 -1.70 -18.47
C GLY A 172 3.74 -1.50 -17.30
N ARG A 173 2.59 -0.88 -17.55
CA ARG A 173 1.53 -0.70 -16.55
C ARG A 173 0.28 -0.25 -17.26
N GLY A 174 -0.87 -0.78 -16.85
CA GLY A 174 -2.15 -0.41 -17.38
C GLY A 174 -2.94 -1.63 -17.80
N THR A 175 -3.97 -1.39 -18.61
CA THR A 175 -4.87 -2.44 -19.06
C THR A 175 -5.23 -2.20 -20.51
N SER A 176 -4.91 -3.17 -21.37
CA SER A 176 -5.30 -3.16 -22.77
C SER A 176 -6.41 -4.18 -22.96
N MET A 177 -7.56 -3.71 -23.44
CA MET A 177 -8.77 -4.53 -23.55
C MET A 177 -9.16 -4.65 -25.02
N LYS A 178 -9.05 -5.85 -25.57
CA LYS A 178 -9.36 -6.12 -26.97
C LYS A 178 -10.76 -6.71 -27.06
N LEU A 179 -11.67 -5.99 -27.72
CA LEU A 179 -13.03 -6.44 -27.91
C LEU A 179 -13.20 -6.98 -29.32
N PHE A 180 -13.58 -8.25 -29.44
CA PHE A 180 -13.85 -8.86 -30.73
C PHE A 180 -15.30 -8.58 -31.09
N ILE A 181 -15.52 -7.63 -31.98
CA ILE A 181 -16.86 -7.11 -32.25
C ILE A 181 -17.64 -8.08 -33.11
N LYS A 182 -18.93 -8.23 -32.81
CA LYS A 182 -19.83 -9.02 -33.64
C LYS A 182 -19.95 -8.37 -35.03
N GLU A 183 -20.17 -9.22 -36.04
CA GLU A 183 -20.07 -8.75 -37.42
C GLU A 183 -21.12 -7.68 -37.74
N ASP A 184 -22.31 -7.79 -37.15
CA ASP A 184 -23.34 -6.80 -37.39
C ASP A 184 -23.14 -5.51 -36.60
N LEU A 185 -22.07 -5.43 -35.81
CA LEU A 185 -21.83 -4.27 -34.97
C LEU A 185 -20.50 -3.58 -35.29
N LYS A 186 -19.99 -3.76 -36.51
CA LYS A 186 -18.75 -3.12 -36.92
C LYS A 186 -18.87 -1.60 -37.01
N GLU A 187 -20.06 -1.04 -36.75
CA GLU A 187 -20.20 0.41 -36.68
C GLU A 187 -19.33 1.00 -35.58
N TYR A 188 -19.09 0.23 -34.52
CA TYR A 188 -18.27 0.69 -33.40
C TYR A 188 -16.78 0.66 -33.71
N LEU A 189 -16.39 0.32 -34.93
CA LEU A 189 -15.03 0.47 -35.39
C LEU A 189 -14.85 1.68 -36.31
N GLU A 190 -15.95 2.29 -36.75
CA GLU A 190 -15.87 3.46 -37.61
C GLU A 190 -15.34 4.65 -36.83
N GLU A 191 -14.61 5.52 -37.54
CA GLU A 191 -13.99 6.67 -36.87
C GLU A 191 -15.05 7.62 -36.33
N LYS A 192 -16.00 8.03 -37.19
CA LYS A 192 -16.99 9.01 -36.78
C LYS A 192 -17.87 8.47 -35.65
N ARG A 193 -18.23 7.18 -35.70
CA ARG A 193 -19.11 6.61 -34.69
C ARG A 193 -18.45 6.61 -33.32
N ILE A 194 -17.17 6.23 -33.26
CA ILE A 194 -16.47 6.18 -31.98
C ILE A 194 -16.38 7.58 -31.36
N ARG A 195 -16.09 8.59 -32.18
CA ARG A 195 -15.90 9.93 -31.65
C ARG A 195 -17.22 10.52 -31.17
N GLU A 196 -18.30 10.36 -31.94
CA GLU A 196 -19.58 10.89 -31.51
C GLU A 196 -20.09 10.19 -30.26
N ILE A 197 -19.67 8.95 -30.02
CA ILE A 197 -20.00 8.27 -28.77
C ILE A 197 -19.19 8.85 -27.62
N VAL A 198 -17.88 9.04 -27.84
CA VAL A 198 -17.00 9.54 -26.78
C VAL A 198 -17.45 10.93 -26.34
N LYS A 199 -17.77 11.80 -27.29
CA LYS A 199 -18.23 13.14 -26.94
C LYS A 199 -19.60 13.11 -26.26
N LYS A 200 -20.39 12.07 -26.52
CA LYS A 200 -21.75 11.99 -26.01
C LYS A 200 -21.83 11.38 -24.62
N HIS A 201 -20.96 10.42 -24.30
CA HIS A 201 -21.05 9.68 -23.04
C HIS A 201 -19.86 9.89 -22.10
N SER A 202 -18.72 10.34 -22.61
CA SER A 202 -17.51 10.53 -21.80
C SER A 202 -16.93 11.91 -22.04
N GLU A 203 -17.79 12.93 -22.05
CA GLU A 203 -17.32 14.28 -22.35
C GLU A 203 -16.48 14.84 -21.21
N PHE A 204 -16.90 14.64 -19.98
CA PHE A 204 -16.24 15.23 -18.81
C PHE A 204 -15.54 14.13 -18.01
N ILE A 205 -14.45 13.62 -18.58
CA ILE A 205 -13.48 12.82 -17.84
C ILE A 205 -12.14 13.54 -17.92
N SER A 206 -11.36 13.44 -16.84
CA SER A 206 -10.16 14.27 -16.72
C SER A 206 -9.03 13.79 -17.62
N TYR A 207 -9.00 12.53 -17.94
CA TYR A 207 -7.84 12.02 -18.64
C TYR A 207 -8.02 12.12 -20.15
N PRO A 208 -6.92 12.23 -20.91
CA PRO A 208 -7.05 12.42 -22.36
C PRO A 208 -7.51 11.14 -23.04
N ILE A 209 -8.57 11.24 -23.83
CA ILE A 209 -9.06 10.13 -24.63
C ILE A 209 -8.44 10.25 -26.03
N GLN A 210 -7.74 9.21 -26.45
CA GLN A 210 -7.06 9.19 -27.73
C GLN A 210 -7.70 8.15 -28.65
N LEU A 211 -7.84 8.50 -29.92
CA LEU A 211 -8.35 7.59 -30.94
C LEU A 211 -7.33 7.47 -32.05
N VAL A 212 -6.93 6.24 -32.37
CA VAL A 212 -5.98 5.97 -33.44
C VAL A 212 -6.78 5.81 -34.73
N VAL A 213 -6.77 6.85 -35.57
CA VAL A 213 -7.41 6.81 -36.87
C VAL A 213 -6.36 6.42 -37.91
N THR A 214 -6.79 5.65 -38.91
CA THR A 214 -5.90 5.19 -39.97
C THR A 214 -6.50 5.58 -41.32
N LYS A 215 -5.69 6.23 -42.14
CA LYS A 215 -6.13 6.68 -43.44
C LYS A 215 -5.47 5.88 -44.56
N SER B 6 -41.96 -17.40 -17.55
CA SER B 6 -42.34 -18.80 -17.38
C SER B 6 -41.12 -19.66 -17.08
N THR B 7 -39.94 -19.14 -17.39
CA THR B 7 -38.68 -19.87 -17.24
C THR B 7 -37.76 -19.09 -16.29
N GLU B 8 -37.22 -19.79 -15.30
CA GLU B 8 -36.30 -19.19 -14.33
C GLU B 8 -34.88 -19.61 -14.68
N THR B 9 -34.05 -18.64 -15.05
CA THR B 9 -32.69 -18.90 -15.48
C THR B 9 -31.72 -18.68 -14.33
N PHE B 10 -30.84 -19.65 -14.11
CA PHE B 10 -29.83 -19.59 -13.07
C PHE B 10 -28.44 -19.69 -13.69
N GLY B 11 -27.43 -19.52 -12.85
CA GLY B 11 -26.05 -19.61 -13.27
C GLY B 11 -25.34 -20.74 -12.53
N PHE B 12 -24.49 -21.47 -13.23
CA PHE B 12 -23.75 -22.56 -12.62
C PHE B 12 -22.77 -22.03 -11.58
N GLN B 13 -22.63 -22.78 -10.49
CA GLN B 13 -21.56 -22.52 -9.53
C GLN B 13 -20.23 -22.46 -10.27
N ALA B 14 -19.34 -21.61 -9.77
CA ALA B 14 -18.09 -21.34 -10.49
C ALA B 14 -17.29 -22.61 -10.75
N GLU B 15 -17.39 -23.60 -9.86
CA GLU B 15 -16.63 -24.83 -10.04
C GLU B 15 -17.23 -25.73 -11.11
N ILE B 16 -18.55 -25.68 -11.30
CA ILE B 16 -19.18 -26.48 -12.36
C ILE B 16 -18.72 -25.99 -13.72
N SER B 17 -18.91 -24.69 -14.00
CA SER B 17 -18.53 -24.13 -15.29
C SER B 17 -17.09 -24.46 -15.63
N GLN B 18 -16.22 -24.50 -14.61
CA GLN B 18 -14.84 -24.94 -14.82
C GLN B 18 -14.78 -26.41 -15.20
N LEU B 19 -15.58 -27.24 -14.54
CA LEU B 19 -15.58 -28.67 -14.84
C LEU B 19 -16.20 -28.96 -16.21
N LEU B 20 -17.30 -28.28 -16.54
CA LEU B 20 -17.96 -28.51 -17.81
C LEU B 20 -17.05 -28.18 -18.98
N ASP B 21 -16.24 -27.13 -18.84
CA ASP B 21 -15.27 -26.80 -19.87
C ASP B 21 -14.20 -27.89 -19.99
N LEU B 22 -13.77 -28.44 -18.86
CA LEU B 22 -12.80 -29.53 -18.88
C LEU B 22 -13.38 -30.78 -19.53
N ILE B 23 -14.69 -30.98 -19.42
CA ILE B 23 -15.33 -32.17 -19.96
C ILE B 23 -15.59 -32.02 -21.46
N ILE B 24 -16.09 -30.86 -21.88
CA ILE B 24 -16.50 -30.68 -23.28
C ILE B 24 -15.29 -30.55 -24.19
N ASN B 25 -14.38 -29.64 -23.86
CA ASN B 25 -13.35 -29.19 -24.78
C ASN B 25 -12.09 -30.05 -24.77
N THR B 26 -12.01 -31.06 -23.91
CA THR B 26 -10.88 -31.97 -23.86
C THR B 26 -11.30 -33.33 -24.38
N PHE B 27 -10.43 -33.95 -25.19
CA PHE B 27 -10.74 -35.25 -25.77
C PHE B 27 -10.43 -36.35 -24.76
N TYR B 28 -11.40 -37.24 -24.55
CA TYR B 28 -11.22 -38.42 -23.71
C TYR B 28 -11.65 -39.64 -24.50
N SER B 29 -10.92 -40.75 -24.30
CA SER B 29 -11.13 -41.93 -25.13
C SER B 29 -12.49 -42.58 -24.83
N ASN B 30 -12.66 -43.08 -23.61
CA ASN B 30 -13.87 -43.82 -23.25
C ASN B 30 -14.94 -42.83 -22.75
N LYS B 31 -15.51 -42.09 -23.70
CA LYS B 31 -16.65 -41.24 -23.40
C LYS B 31 -17.90 -42.03 -23.05
N GLU B 32 -17.89 -43.35 -23.27
CA GLU B 32 -19.06 -44.18 -23.03
C GLU B 32 -19.42 -44.29 -21.56
N ILE B 33 -18.49 -43.94 -20.66
CA ILE B 33 -18.74 -44.05 -19.23
C ILE B 33 -19.86 -43.13 -18.76
N PHE B 34 -20.33 -42.22 -19.61
CA PHE B 34 -21.48 -41.39 -19.25
C PHE B 34 -22.71 -42.26 -18.98
N LEU B 35 -22.90 -43.30 -19.78
CA LEU B 35 -24.05 -44.17 -19.60
C LEU B 35 -23.97 -44.92 -18.28
N ARG B 36 -22.77 -45.28 -17.84
CA ARG B 36 -22.59 -45.88 -16.52
C ARG B 36 -23.07 -44.92 -15.43
N GLU B 37 -22.79 -43.63 -15.59
CA GLU B 37 -23.18 -42.66 -14.57
C GLU B 37 -24.67 -42.39 -14.59
N LEU B 38 -25.26 -42.27 -15.79
CA LEU B 38 -26.69 -41.99 -15.88
C LEU B 38 -27.52 -43.14 -15.33
N ILE B 39 -27.05 -44.37 -15.49
CA ILE B 39 -27.74 -45.52 -14.91
C ILE B 39 -27.46 -45.61 -13.41
N SER B 40 -26.22 -45.32 -13.00
CA SER B 40 -25.89 -45.33 -11.57
C SER B 40 -26.72 -44.30 -10.81
N ASN B 41 -26.84 -43.08 -11.36
CA ASN B 41 -27.68 -42.07 -10.72
C ASN B 41 -29.14 -42.53 -10.67
N SER B 42 -29.61 -43.18 -11.73
CA SER B 42 -30.99 -43.68 -11.73
C SER B 42 -31.16 -44.84 -10.77
N SER B 43 -30.14 -45.67 -10.60
CA SER B 43 -30.23 -46.78 -9.65
C SER B 43 -30.35 -46.28 -8.23
N ASP B 44 -29.55 -45.27 -7.86
CA ASP B 44 -29.65 -44.70 -6.52
C ASP B 44 -30.98 -43.97 -6.32
N ALA B 45 -31.54 -43.38 -7.39
CA ALA B 45 -32.84 -42.75 -7.28
C ALA B 45 -33.94 -43.78 -7.08
N LEU B 46 -33.81 -44.94 -7.72
CA LEU B 46 -34.77 -46.02 -7.51
C LEU B 46 -34.59 -46.65 -6.14
N ASP B 47 -33.38 -46.61 -5.58
CA ASP B 47 -33.17 -47.12 -4.23
C ASP B 47 -33.84 -46.21 -3.20
N LYS B 48 -33.95 -44.92 -3.49
CA LYS B 48 -34.57 -43.99 -2.55
C LYS B 48 -36.09 -44.13 -2.54
N ILE B 49 -36.70 -44.51 -3.66
CA ILE B 49 -38.14 -44.70 -3.68
C ILE B 49 -38.50 -46.09 -3.13
N ARG B 50 -37.61 -47.08 -3.31
CA ARG B 50 -37.77 -48.35 -2.61
C ARG B 50 -37.75 -48.13 -1.10
N TYR B 51 -36.77 -47.35 -0.62
CA TYR B 51 -36.64 -47.09 0.81
C TYR B 51 -37.80 -46.25 1.33
N ALA B 52 -38.29 -45.31 0.51
CA ALA B 52 -39.42 -44.49 0.93
C ALA B 52 -40.71 -45.30 1.01
N ALA B 53 -40.85 -46.31 0.15
CA ALA B 53 -42.05 -47.15 0.16
C ALA B 53 -42.11 -48.09 1.35
N LEU B 54 -41.02 -48.26 2.09
CA LEU B 54 -41.05 -49.11 3.27
C LEU B 54 -41.78 -48.42 4.43
N THR B 55 -41.45 -47.15 4.68
CA THR B 55 -42.14 -46.39 5.72
C THR B 55 -43.47 -45.82 5.23
N ASP B 56 -43.68 -45.76 3.91
CA ASP B 56 -44.92 -45.23 3.35
C ASP B 56 -45.14 -45.87 1.99
N PRO B 57 -45.85 -47.01 1.96
CA PRO B 57 -46.08 -47.70 0.67
C PRO B 57 -46.92 -46.90 -0.31
N SER B 58 -47.57 -45.82 0.12
CA SER B 58 -48.38 -45.02 -0.79
C SER B 58 -47.53 -44.16 -1.73
N GLN B 59 -46.22 -44.11 -1.52
CA GLN B 59 -45.36 -43.28 -2.37
C GLN B 59 -45.26 -43.82 -3.79
N LEU B 60 -45.57 -45.09 -4.01
CA LEU B 60 -45.53 -45.68 -5.34
C LEU B 60 -46.80 -45.45 -6.14
N ASP B 61 -47.76 -44.69 -5.61
CA ASP B 61 -49.01 -44.45 -6.33
C ASP B 61 -48.77 -43.66 -7.60
N SER B 62 -47.73 -42.82 -7.63
CA SER B 62 -47.41 -42.07 -8.84
C SER B 62 -46.88 -42.98 -9.95
N GLU B 63 -46.24 -44.09 -9.58
CA GLU B 63 -45.74 -45.07 -10.53
C GLU B 63 -45.33 -46.35 -9.81
N LYS B 64 -46.00 -47.46 -10.13
CA LYS B 64 -45.74 -48.70 -9.42
C LYS B 64 -44.50 -49.43 -9.94
N ASP B 65 -44.16 -49.24 -11.21
CA ASP B 65 -43.03 -49.94 -11.82
C ASP B 65 -41.74 -49.17 -11.59
N LEU B 66 -40.71 -49.86 -11.12
CA LEU B 66 -39.39 -49.29 -10.90
C LEU B 66 -38.45 -49.84 -11.96
N TYR B 67 -38.08 -49.01 -12.92
CA TYR B 67 -37.27 -49.48 -14.04
C TYR B 67 -36.44 -48.33 -14.60
N ILE B 68 -35.44 -48.71 -15.39
CA ILE B 68 -34.59 -47.79 -16.14
C ILE B 68 -34.76 -48.08 -17.61
N ARG B 69 -35.09 -47.05 -18.40
CA ARG B 69 -35.36 -47.22 -19.81
C ARG B 69 -34.51 -46.26 -20.63
N ILE B 70 -33.91 -46.79 -21.70
CA ILE B 70 -33.10 -46.01 -22.62
C ILE B 70 -33.83 -45.90 -23.94
N ILE B 71 -34.00 -44.68 -24.43
CA ILE B 71 -34.75 -44.44 -25.66
C ILE B 71 -33.91 -43.63 -26.63
N PRO B 72 -33.13 -44.27 -27.50
CA PRO B 72 -32.40 -43.53 -28.53
C PRO B 72 -33.32 -43.10 -29.66
N ASN B 73 -33.26 -41.82 -30.02
CA ASN B 73 -34.07 -41.26 -31.11
C ASN B 73 -33.11 -40.78 -32.18
N LYS B 74 -32.91 -41.58 -33.22
CA LYS B 74 -32.02 -41.21 -34.32
C LYS B 74 -32.53 -39.96 -35.02
N GLU B 75 -33.83 -39.88 -35.29
CA GLU B 75 -34.37 -38.75 -36.03
C GLU B 75 -34.21 -37.45 -35.25
N GLU B 76 -34.46 -37.49 -33.94
CA GLU B 76 -34.26 -36.33 -33.09
C GLU B 76 -32.80 -36.13 -32.68
N GLY B 77 -31.95 -37.13 -32.89
CA GLY B 77 -30.56 -37.04 -32.48
C GLY B 77 -30.36 -36.98 -30.98
N THR B 78 -31.25 -37.62 -30.21
CA THR B 78 -31.23 -37.55 -28.76
C THR B 78 -31.17 -38.96 -28.17
N LEU B 79 -30.64 -39.03 -26.95
CA LEU B 79 -30.61 -40.26 -26.15
C LEU B 79 -31.26 -39.96 -24.81
N THR B 80 -32.42 -40.55 -24.57
CA THR B 80 -33.19 -40.29 -23.36
C THR B 80 -33.06 -41.46 -22.41
N ILE B 81 -32.72 -41.17 -21.15
CA ILE B 81 -32.68 -42.16 -20.08
C ILE B 81 -33.87 -41.87 -19.17
N ARG B 82 -34.82 -42.82 -19.12
CA ARG B 82 -36.07 -42.65 -18.41
C ARG B 82 -36.09 -43.62 -17.24
N ASP B 83 -36.10 -43.08 -16.03
CA ASP B 83 -36.20 -43.90 -14.82
C ASP B 83 -37.32 -43.37 -13.95
N THR B 84 -37.92 -44.29 -13.19
CA THR B 84 -39.03 -43.96 -12.29
C THR B 84 -38.56 -43.89 -10.84
N GLY B 85 -37.44 -43.22 -10.61
CA GLY B 85 -36.90 -43.08 -9.28
C GLY B 85 -37.73 -42.16 -8.41
N ILE B 86 -37.14 -41.75 -7.29
CA ILE B 86 -37.82 -40.88 -6.36
C ILE B 86 -38.11 -39.51 -6.97
N GLY B 87 -37.35 -39.11 -7.97
CA GLY B 87 -37.52 -37.81 -8.58
C GLY B 87 -36.86 -36.71 -7.78
N MET B 88 -36.82 -35.53 -8.38
CA MET B 88 -36.20 -34.36 -7.76
C MET B 88 -37.19 -33.20 -7.72
N THR B 89 -37.24 -32.52 -6.59
CA THR B 89 -37.99 -31.28 -6.49
C THR B 89 -37.20 -30.14 -7.13
N LYS B 90 -37.83 -28.96 -7.21
CA LYS B 90 -37.10 -27.79 -7.69
C LYS B 90 -35.95 -27.45 -6.76
N ALA B 91 -36.16 -27.68 -5.46
CA ALA B 91 -35.08 -27.43 -4.48
C ALA B 91 -33.93 -28.41 -4.79
N ASP B 92 -34.27 -29.69 -4.93
CA ASP B 92 -33.23 -30.71 -5.20
C ASP B 92 -32.57 -30.40 -6.54
N LEU B 93 -33.34 -29.95 -7.54
CA LEU B 93 -32.76 -29.73 -8.88
C LEU B 93 -31.68 -28.64 -8.80
N VAL B 94 -31.99 -27.54 -8.11
CA VAL B 94 -30.99 -26.43 -7.99
C VAL B 94 -29.80 -26.90 -7.16
N ASN B 95 -30.05 -27.63 -6.08
CA ASN B 95 -28.95 -28.14 -5.23
C ASN B 95 -28.12 -29.19 -5.98
N ASN B 96 -28.77 -30.13 -6.66
CA ASN B 96 -28.04 -31.24 -7.33
C ASN B 96 -27.24 -30.73 -8.53
N LEU B 97 -27.81 -29.83 -9.34
CA LEU B 97 -27.11 -29.41 -10.58
C LEU B 97 -26.46 -28.04 -10.39
N GLY B 98 -27.19 -27.07 -9.84
CA GLY B 98 -26.64 -25.71 -9.62
C GLY B 98 -25.51 -25.68 -8.61
N THR B 99 -25.61 -26.48 -7.54
CA THR B 99 -24.59 -26.45 -6.46
C THR B 99 -23.75 -27.73 -6.46
N ILE B 100 -24.39 -28.91 -6.58
CA ILE B 100 -23.67 -30.21 -6.49
C ILE B 100 -22.81 -30.20 -5.23
N ALA B 101 -21.54 -30.57 -5.37
CA ALA B 101 -20.60 -30.48 -4.23
C ALA B 101 -19.43 -29.63 -4.71
N LYS B 102 -19.13 -28.53 -4.03
CA LYS B 102 -17.95 -27.71 -4.39
C LYS B 102 -16.72 -28.58 -4.18
N SER B 103 -16.70 -29.36 -3.09
CA SER B 103 -15.53 -30.21 -2.78
C SER B 103 -15.32 -31.26 -3.87
N GLY B 104 -16.40 -31.92 -4.29
CA GLY B 104 -16.24 -33.01 -5.28
C GLY B 104 -15.72 -32.52 -6.60
N THR B 105 -16.28 -31.42 -7.11
CA THR B 105 -15.87 -30.94 -8.44
C THR B 105 -14.41 -30.51 -8.38
N LYS B 106 -14.05 -29.77 -7.34
CA LYS B 106 -12.66 -29.24 -7.25
C LYS B 106 -11.69 -30.41 -7.11
N ALA B 107 -12.03 -31.38 -6.26
CA ALA B 107 -11.12 -32.53 -6.04
C ALA B 107 -11.00 -33.32 -7.34
N PHE B 108 -12.11 -33.50 -8.04
CA PHE B 108 -12.07 -34.29 -9.29
C PHE B 108 -11.17 -33.56 -10.27
N MET B 109 -11.26 -32.23 -10.31
CA MET B 109 -10.45 -31.60 -11.34
C MET B 109 -8.97 -31.67 -11.01
N GLU B 110 -8.61 -31.55 -9.72
CA GLU B 110 -7.21 -31.72 -9.34
C GLU B 110 -6.75 -33.15 -9.58
N ALA B 111 -7.66 -34.13 -9.46
CA ALA B 111 -7.32 -35.49 -9.82
C ALA B 111 -7.13 -35.64 -11.33
N LEU B 112 -8.00 -35.00 -12.11
CA LEU B 112 -7.84 -35.04 -13.56
C LEU B 112 -6.57 -34.32 -13.99
N SER B 113 -6.22 -33.23 -13.32
CA SER B 113 -4.99 -32.51 -13.66
C SER B 113 -3.75 -33.35 -13.33
N SER B 114 -3.83 -34.18 -12.31
CA SER B 114 -2.74 -35.08 -11.96
C SER B 114 -2.66 -36.31 -12.87
N GLY B 115 -3.53 -36.41 -13.86
CA GLY B 115 -3.48 -37.49 -14.82
C GLY B 115 -4.46 -38.63 -14.60
N ALA B 116 -5.49 -38.44 -13.78
CA ALA B 116 -6.44 -39.50 -13.53
C ALA B 116 -7.32 -39.73 -14.76
N ASP B 117 -8.05 -40.84 -14.73
CA ASP B 117 -8.92 -41.21 -15.83
C ASP B 117 -10.22 -40.41 -15.76
N ILE B 118 -10.86 -40.26 -16.93
CA ILE B 118 -12.15 -39.58 -16.97
C ILE B 118 -13.22 -40.43 -16.30
N SER B 119 -13.05 -41.76 -16.28
CA SER B 119 -13.99 -42.65 -15.62
C SER B 119 -14.03 -42.41 -14.11
N MET B 120 -13.04 -41.72 -13.56
CA MET B 120 -12.99 -41.41 -12.14
C MET B 120 -14.09 -40.46 -11.70
N ILE B 121 -14.84 -39.87 -12.64
CA ILE B 121 -15.83 -38.85 -12.32
C ILE B 121 -16.95 -39.41 -11.44
N GLY B 122 -17.18 -40.71 -11.47
CA GLY B 122 -18.25 -41.29 -10.67
C GLY B 122 -17.94 -41.27 -9.19
N GLN B 123 -16.68 -41.53 -8.82
CA GLN B 123 -16.31 -41.63 -7.41
C GLN B 123 -16.31 -40.27 -6.71
N PHE B 124 -16.29 -39.17 -7.46
CA PHE B 124 -16.36 -37.83 -6.87
C PHE B 124 -17.77 -37.29 -6.79
N GLY B 125 -18.77 -38.07 -7.20
CA GLY B 125 -20.16 -37.66 -7.06
C GLY B 125 -20.64 -36.62 -8.04
N VAL B 126 -19.93 -36.44 -9.16
CA VAL B 126 -20.34 -35.47 -10.17
C VAL B 126 -20.44 -36.18 -11.52
N GLY B 127 -20.82 -37.46 -11.48
CA GLY B 127 -20.86 -38.27 -12.69
C GLY B 127 -21.88 -37.82 -13.72
N PHE B 128 -22.89 -37.06 -13.30
CA PHE B 128 -23.89 -36.57 -14.25
C PHE B 128 -23.24 -35.77 -15.37
N TYR B 129 -22.32 -34.87 -15.01
CA TYR B 129 -21.70 -33.98 -15.98
C TYR B 129 -20.89 -34.71 -17.05
N SER B 130 -20.64 -36.00 -16.86
CA SER B 130 -20.04 -36.79 -17.93
C SER B 130 -20.98 -36.92 -19.13
N SER B 131 -22.27 -36.58 -18.96
CA SER B 131 -23.18 -36.59 -20.09
C SER B 131 -22.74 -35.60 -21.16
N TYR B 132 -22.08 -34.51 -20.76
CA TYR B 132 -21.58 -33.54 -21.72
C TYR B 132 -20.33 -34.03 -22.46
N LEU B 133 -19.80 -35.20 -22.10
CA LEU B 133 -18.79 -35.83 -22.94
C LEU B 133 -19.36 -36.15 -24.32
N VAL B 134 -20.63 -36.54 -24.36
CA VAL B 134 -21.26 -36.95 -25.61
C VAL B 134 -22.40 -36.02 -26.03
N ALA B 135 -22.92 -35.19 -25.12
CA ALA B 135 -24.08 -34.36 -25.41
C ALA B 135 -23.69 -32.89 -25.42
N GLU B 136 -24.21 -32.16 -26.41
CA GLU B 136 -24.04 -30.71 -26.47
C GLU B 136 -25.10 -29.97 -25.66
N LYS B 137 -26.26 -30.59 -25.47
CA LYS B 137 -27.32 -30.02 -24.64
C LYS B 137 -27.97 -31.15 -23.86
N VAL B 138 -28.39 -30.85 -22.63
CA VAL B 138 -28.98 -31.83 -21.75
C VAL B 138 -30.27 -31.25 -21.17
N GLN B 139 -31.38 -31.93 -21.40
CA GLN B 139 -32.66 -31.60 -20.77
C GLN B 139 -32.98 -32.65 -19.73
N VAL B 140 -33.36 -32.21 -18.53
CA VAL B 140 -33.68 -33.10 -17.43
C VAL B 140 -35.10 -32.79 -16.99
N THR B 141 -36.02 -33.69 -17.33
CA THR B 141 -37.40 -33.62 -16.87
C THR B 141 -37.55 -34.53 -15.66
N THR B 142 -37.94 -33.94 -14.52
CA THR B 142 -38.03 -34.67 -13.27
C THR B 142 -39.39 -34.42 -12.63
N LYS B 143 -39.80 -35.35 -11.77
CA LYS B 143 -41.09 -35.26 -11.08
C LYS B 143 -40.96 -35.97 -9.74
N HIS B 144 -40.97 -35.20 -8.67
CA HIS B 144 -40.97 -35.74 -7.31
C HIS B 144 -42.40 -35.72 -6.76
N ASN B 145 -42.64 -36.57 -5.76
CA ASN B 145 -43.98 -36.67 -5.20
C ASN B 145 -44.43 -35.39 -4.52
N ASP B 146 -43.48 -34.63 -3.96
CA ASP B 146 -43.80 -33.42 -3.20
C ASP B 146 -43.69 -32.15 -4.03
N ASP B 147 -43.50 -32.27 -5.35
CA ASP B 147 -43.33 -31.10 -6.19
C ASP B 147 -43.96 -31.37 -7.54
N GLU B 148 -44.01 -30.32 -8.37
CA GLU B 148 -44.55 -30.44 -9.72
C GLU B 148 -43.46 -30.99 -10.65
N GLN B 149 -43.76 -31.03 -11.94
CA GLN B 149 -42.81 -31.51 -12.94
C GLN B 149 -42.01 -30.34 -13.49
N TYR B 150 -40.69 -30.46 -13.48
CA TYR B 150 -39.80 -29.39 -13.91
C TYR B 150 -38.85 -29.89 -14.99
N ILE B 151 -38.50 -28.99 -15.90
CA ILE B 151 -37.55 -29.27 -16.97
C ILE B 151 -36.27 -28.50 -16.68
N TRP B 152 -35.21 -29.21 -16.31
CA TRP B 152 -33.88 -28.62 -16.20
C TRP B 152 -33.18 -28.76 -17.54
N GLU B 153 -32.59 -27.65 -18.01
CA GLU B 153 -31.92 -27.65 -19.30
C GLU B 153 -30.70 -26.76 -19.24
N SER B 154 -29.62 -27.20 -19.88
CA SER B 154 -28.41 -26.40 -19.99
C SER B 154 -27.56 -26.92 -21.13
N ALA B 155 -27.00 -26.00 -21.92
CA ALA B 155 -25.98 -26.31 -22.90
C ALA B 155 -24.58 -26.06 -22.37
N ALA B 156 -24.42 -26.06 -21.04
CA ALA B 156 -23.13 -25.85 -20.37
C ALA B 156 -22.52 -24.51 -20.74
N GLY B 157 -23.35 -23.49 -20.87
CA GLY B 157 -22.88 -22.15 -21.13
C GLY B 157 -22.79 -21.33 -19.87
N GLY B 158 -22.43 -21.98 -18.76
CA GLY B 158 -22.40 -21.33 -17.46
C GLY B 158 -23.75 -21.01 -16.88
N THR B 159 -24.84 -21.27 -17.59
CA THR B 159 -26.19 -21.02 -17.10
C THR B 159 -27.06 -22.24 -17.35
N PHE B 160 -28.04 -22.42 -16.49
CA PHE B 160 -29.06 -23.45 -16.67
C PHE B 160 -30.42 -22.86 -16.39
N THR B 161 -31.45 -23.49 -16.95
CA THR B 161 -32.83 -23.01 -16.84
C THR B 161 -33.69 -24.10 -16.22
N ILE B 162 -34.50 -23.71 -15.24
CA ILE B 162 -35.49 -24.59 -14.61
C ILE B 162 -36.86 -24.09 -15.03
N THR B 163 -37.54 -24.86 -15.86
CA THR B 163 -38.85 -24.51 -16.39
C THR B 163 -39.90 -25.43 -15.79
N GLU B 164 -41.01 -24.85 -15.33
CA GLU B 164 -42.13 -25.65 -14.85
C GLU B 164 -42.80 -26.33 -16.04
N ASP B 165 -42.75 -27.65 -16.08
CA ASP B 165 -43.21 -28.40 -17.24
C ASP B 165 -44.73 -28.34 -17.32
N THR B 166 -45.24 -27.64 -18.35
CA THR B 166 -46.67 -27.58 -18.63
C THR B 166 -47.03 -28.12 -19.99
N GLU B 167 -46.06 -28.36 -20.87
CA GLU B 167 -46.32 -28.83 -22.22
C GLU B 167 -45.77 -30.23 -22.50
N GLY B 168 -44.90 -30.75 -21.65
CA GLY B 168 -44.30 -32.04 -21.87
C GLY B 168 -45.12 -33.18 -21.30
N PRO B 169 -44.77 -34.41 -21.68
CA PRO B 169 -45.51 -35.57 -21.16
C PRO B 169 -45.27 -35.75 -19.67
N ARG B 170 -46.32 -36.16 -18.97
CA ARG B 170 -46.23 -36.35 -17.52
C ARG B 170 -45.37 -37.57 -17.20
N LEU B 171 -44.67 -37.49 -16.07
CA LEU B 171 -43.82 -38.58 -15.62
C LEU B 171 -44.38 -39.32 -14.41
N GLY B 172 -45.33 -38.74 -13.69
CA GLY B 172 -45.81 -39.34 -12.47
C GLY B 172 -44.77 -39.29 -11.37
N ARG B 173 -43.65 -39.98 -11.58
CA ARG B 173 -42.52 -39.94 -10.68
C ARG B 173 -41.28 -40.40 -11.43
N GLY B 174 -40.13 -39.89 -11.02
CA GLY B 174 -38.87 -40.26 -11.62
C GLY B 174 -38.23 -39.09 -12.35
N THR B 175 -37.15 -39.42 -13.08
CA THR B 175 -36.36 -38.42 -13.78
C THR B 175 -36.11 -38.91 -15.20
N SER B 176 -36.47 -38.10 -16.18
CA SER B 176 -36.20 -38.38 -17.59
C SER B 176 -35.25 -37.31 -18.11
N MET B 177 -34.05 -37.72 -18.48
CA MET B 177 -33.05 -36.81 -19.03
C MET B 177 -32.83 -37.11 -20.50
N LYS B 178 -32.76 -36.06 -21.31
CA LYS B 178 -32.57 -36.18 -22.75
C LYS B 178 -31.21 -35.61 -23.11
N LEU B 179 -30.39 -36.43 -23.78
CA LEU B 179 -29.03 -36.05 -24.15
C LEU B 179 -29.01 -35.77 -25.64
N PHE B 180 -28.78 -34.51 -26.01
CA PHE B 180 -28.65 -34.10 -27.40
C PHE B 180 -27.24 -34.44 -27.85
N ILE B 181 -27.09 -35.59 -28.51
CA ILE B 181 -25.76 -36.11 -28.84
C ILE B 181 -25.08 -35.22 -29.85
N LYS B 182 -23.77 -35.02 -29.67
CA LYS B 182 -22.97 -34.25 -30.60
C LYS B 182 -22.95 -34.92 -31.96
N GLU B 183 -22.68 -34.12 -33.01
CA GLU B 183 -22.88 -34.58 -34.38
C GLU B 183 -22.01 -35.80 -34.70
N ASP B 184 -20.72 -35.72 -34.40
CA ASP B 184 -19.80 -36.80 -34.73
C ASP B 184 -19.82 -37.93 -33.70
N LEU B 185 -20.74 -37.91 -32.75
CA LEU B 185 -20.81 -38.93 -31.70
C LEU B 185 -22.10 -39.74 -31.75
N LYS B 186 -22.76 -39.80 -32.90
CA LYS B 186 -24.00 -40.55 -33.03
C LYS B 186 -23.80 -42.06 -32.89
N GLU B 187 -22.58 -42.51 -32.64
CA GLU B 187 -22.33 -43.92 -32.36
C GLU B 187 -23.09 -44.39 -31.12
N TYR B 188 -23.39 -43.47 -30.20
CA TYR B 188 -24.07 -43.80 -28.96
C TYR B 188 -25.59 -43.89 -29.11
N LEU B 189 -26.11 -43.83 -30.32
CA LEU B 189 -27.53 -44.03 -30.58
C LEU B 189 -27.84 -45.38 -31.20
N GLU B 190 -26.83 -46.17 -31.53
CA GLU B 190 -27.05 -47.47 -32.14
C GLU B 190 -27.32 -48.52 -31.07
N GLU B 191 -28.28 -49.41 -31.34
CA GLU B 191 -28.73 -50.37 -30.35
C GLU B 191 -27.58 -51.27 -29.89
N LYS B 192 -26.77 -51.76 -30.82
CA LYS B 192 -25.68 -52.66 -30.45
C LYS B 192 -24.66 -51.93 -29.57
N ARG B 193 -24.29 -50.71 -29.94
CA ARG B 193 -23.34 -49.94 -29.14
C ARG B 193 -23.88 -49.70 -27.73
N ILE B 194 -25.17 -49.41 -27.62
CA ILE B 194 -25.74 -49.08 -26.31
C ILE B 194 -25.70 -50.31 -25.40
N ARG B 195 -26.13 -51.47 -25.89
N ARG B 195 -26.20 -51.44 -25.89
CA ARG B 195 -26.23 -52.63 -25.01
CA ARG B 195 -26.23 -52.69 -25.14
C ARG B 195 -24.86 -53.09 -24.52
C ARG B 195 -24.87 -53.04 -24.55
N GLU B 196 -23.86 -53.11 -25.41
CA GLU B 196 -22.53 -53.54 -24.96
C GLU B 196 -21.94 -52.55 -23.96
N ILE B 197 -22.29 -51.27 -24.06
CA ILE B 197 -21.93 -50.31 -23.02
C ILE B 197 -22.63 -50.66 -21.72
N VAL B 198 -23.95 -50.87 -21.79
CA VAL B 198 -24.72 -51.23 -20.60
C VAL B 198 -24.22 -52.55 -20.01
N LYS B 199 -23.97 -53.54 -20.87
CA LYS B 199 -23.57 -54.86 -20.39
C LYS B 199 -22.31 -54.79 -19.53
N LYS B 200 -21.34 -53.99 -19.94
CA LYS B 200 -20.07 -53.88 -19.22
C LYS B 200 -20.11 -52.92 -18.04
N HIS B 201 -20.82 -51.80 -18.21
CA HIS B 201 -20.77 -50.75 -17.16
C HIS B 201 -21.84 -50.93 -16.08
N SER B 202 -22.97 -51.56 -16.42
CA SER B 202 -24.06 -51.69 -15.41
C SER B 202 -23.89 -53.01 -14.66
N GLU B 203 -23.53 -52.94 -13.39
CA GLU B 203 -23.31 -54.17 -12.58
C GLU B 203 -24.06 -54.01 -11.26
N PHE B 204 -24.59 -55.11 -10.71
CA PHE B 204 -25.35 -55.06 -9.44
C PHE B 204 -26.51 -54.07 -9.58
N ILE B 205 -27.17 -54.07 -10.75
CA ILE B 205 -28.37 -53.20 -10.95
C ILE B 205 -29.60 -54.01 -10.57
N SER B 206 -30.22 -53.71 -9.43
CA SER B 206 -31.37 -54.49 -8.93
C SER B 206 -32.61 -54.05 -9.71
N TYR B 207 -32.43 -53.15 -10.68
CA TYR B 207 -33.60 -52.60 -11.40
C TYR B 207 -33.60 -53.02 -12.88
N PRO B 208 -34.76 -53.31 -13.52
CA PRO B 208 -34.75 -53.67 -14.95
C PRO B 208 -34.29 -52.51 -15.81
N ILE B 209 -33.44 -52.81 -16.79
CA ILE B 209 -32.87 -51.82 -17.69
C ILE B 209 -33.42 -52.09 -19.08
N GLN B 210 -34.45 -51.33 -19.47
CA GLN B 210 -35.07 -51.47 -20.77
C GLN B 210 -34.37 -50.60 -21.82
N LEU B 211 -34.51 -51.01 -23.08
CA LEU B 211 -33.94 -50.29 -24.21
C LEU B 211 -34.90 -50.37 -25.38
N VAL B 212 -35.39 -49.22 -25.82
CA VAL B 212 -36.40 -49.15 -26.87
C VAL B 212 -35.70 -49.20 -28.21
N VAL B 213 -35.62 -50.39 -28.79
CA VAL B 213 -35.09 -50.58 -30.14
C VAL B 213 -36.23 -50.41 -31.13
N THR B 214 -35.91 -49.89 -32.31
CA THR B 214 -36.92 -49.54 -33.31
C THR B 214 -36.62 -50.25 -34.62
N LYS B 215 -37.65 -50.89 -35.18
CA LYS B 215 -37.55 -51.53 -36.49
C LYS B 215 -38.21 -50.63 -37.53
N MET C 5 12.52 -21.75 -8.79
CA MET C 5 13.83 -21.13 -8.88
C MET C 5 13.73 -19.60 -8.72
N SER C 6 12.63 -19.04 -9.19
CA SER C 6 12.42 -17.59 -9.13
C SER C 6 12.27 -17.14 -7.68
N THR C 7 13.25 -16.38 -7.19
CA THR C 7 13.28 -15.90 -5.82
C THR C 7 13.37 -14.39 -5.82
N GLU C 8 12.34 -13.73 -5.32
CA GLU C 8 12.34 -12.28 -5.17
C GLU C 8 13.00 -11.92 -3.84
N THR C 9 14.05 -11.08 -3.91
CA THR C 9 14.74 -10.61 -2.71
C THR C 9 14.25 -9.21 -2.37
N PHE C 10 13.76 -9.04 -1.15
CA PHE C 10 13.28 -7.75 -0.67
C PHE C 10 14.19 -7.24 0.43
N GLY C 11 13.95 -5.99 0.82
CA GLY C 11 14.62 -5.38 1.96
C GLY C 11 13.59 -5.14 3.05
N PHE C 12 13.99 -5.40 4.29
CA PHE C 12 13.10 -5.18 5.42
C PHE C 12 12.76 -3.70 5.56
N GLN C 13 11.55 -3.44 6.04
CA GLN C 13 11.17 -2.07 6.40
C GLN C 13 12.17 -1.50 7.39
N ALA C 14 12.47 -0.21 7.23
CA ALA C 14 13.52 0.42 8.03
C ALA C 14 13.31 0.19 9.53
N GLU C 15 12.07 0.29 9.99
CA GLU C 15 11.81 0.04 11.40
C GLU C 15 11.99 -1.43 11.76
N ILE C 16 11.70 -2.34 10.83
CA ILE C 16 11.81 -3.76 11.15
C ILE C 16 13.26 -4.21 11.16
N SER C 17 14.09 -3.69 10.25
CA SER C 17 15.53 -3.91 10.34
C SER C 17 16.05 -3.42 11.68
N GLN C 18 15.59 -2.24 12.11
CA GLN C 18 15.96 -1.72 13.42
C GLN C 18 15.55 -2.68 14.53
N LEU C 19 14.37 -3.29 14.42
CA LEU C 19 13.90 -4.19 15.45
C LEU C 19 14.74 -5.46 15.52
N LEU C 20 15.06 -6.04 14.36
CA LEU C 20 15.82 -7.29 14.33
C LEU C 20 17.19 -7.13 14.97
N ASP C 21 17.77 -5.93 14.88
CA ASP C 21 19.04 -5.68 15.57
C ASP C 21 18.83 -5.67 17.08
N LEU C 22 17.77 -5.00 17.55
CA LEU C 22 17.49 -4.94 18.97
C LEU C 22 17.11 -6.30 19.54
N ILE C 23 16.65 -7.22 18.71
CA ILE C 23 16.26 -8.55 19.19
C ILE C 23 17.44 -9.51 19.19
N ILE C 24 18.27 -9.48 18.14
CA ILE C 24 19.36 -10.43 18.02
C ILE C 24 20.53 -10.03 18.92
N ASN C 25 20.95 -8.78 18.85
CA ASN C 25 22.20 -8.35 19.46
C ASN C 25 22.06 -7.96 20.93
N THR C 26 20.85 -7.84 21.44
CA THR C 26 20.63 -7.52 22.85
C THR C 26 20.31 -8.80 23.61
N PHE C 27 20.94 -8.97 24.77
CA PHE C 27 20.73 -10.16 25.58
C PHE C 27 19.39 -10.08 26.31
N TYR C 28 18.66 -11.19 26.29
CA TYR C 28 17.44 -11.34 27.05
C TYR C 28 17.43 -12.72 27.69
N SER C 29 16.94 -12.79 28.93
CA SER C 29 16.94 -14.05 29.66
C SER C 29 15.83 -14.97 29.17
N ASN C 30 14.58 -14.51 29.21
CA ASN C 30 13.43 -15.32 28.82
C ASN C 30 13.26 -15.34 27.30
N LYS C 31 14.28 -15.87 26.62
CA LYS C 31 14.18 -16.09 25.18
C LYS C 31 13.11 -17.12 24.82
N GLU C 32 12.59 -17.86 25.81
CA GLU C 32 11.58 -18.87 25.58
C GLU C 32 10.24 -18.29 25.12
N ILE C 33 10.04 -16.98 25.25
CA ILE C 33 8.76 -16.37 24.90
C ILE C 33 8.48 -16.38 23.40
N PHE C 34 9.48 -16.71 22.58
CA PHE C 34 9.26 -16.77 21.14
C PHE C 34 8.17 -17.77 20.78
N LEU C 35 8.14 -18.90 21.50
CA LEU C 35 7.19 -19.96 21.17
C LEU C 35 5.77 -19.54 21.50
N ARG C 36 5.57 -18.72 22.53
CA ARG C 36 4.23 -18.23 22.84
C ARG C 36 3.68 -17.38 21.69
N GLU C 37 4.54 -16.55 21.08
CA GLU C 37 4.08 -15.69 20.00
C GLU C 37 3.87 -16.46 18.71
N LEU C 38 4.74 -17.42 18.42
CA LEU C 38 4.54 -18.26 17.24
C LEU C 38 3.32 -19.14 17.38
N ILE C 39 3.01 -19.57 18.61
CA ILE C 39 1.79 -20.34 18.84
C ILE C 39 0.57 -19.45 18.84
N SER C 40 0.69 -18.25 19.42
CA SER C 40 -0.44 -17.32 19.45
C SER C 40 -0.83 -16.89 18.04
N ASN C 41 0.16 -16.61 17.18
CA ASN C 41 -0.15 -16.27 15.80
C ASN C 41 -0.75 -17.47 15.06
N SER C 42 -0.33 -18.68 15.40
CA SER C 42 -0.97 -19.87 14.82
C SER C 42 -2.41 -19.99 15.30
N SER C 43 -2.67 -19.67 16.57
CA SER C 43 -4.04 -19.65 17.07
C SER C 43 -4.85 -18.54 16.41
N ASP C 44 -4.21 -17.40 16.12
CA ASP C 44 -4.90 -16.33 15.42
C ASP C 44 -5.26 -16.75 14.00
N ALA C 45 -4.33 -17.42 13.30
CA ALA C 45 -4.63 -17.90 11.96
C ALA C 45 -5.72 -18.97 11.99
N LEU C 46 -5.67 -19.87 12.97
CA LEU C 46 -6.71 -20.87 13.10
C LEU C 46 -8.06 -20.23 13.42
N ASP C 47 -8.04 -19.15 14.20
CA ASP C 47 -9.27 -18.38 14.41
C ASP C 47 -9.76 -17.77 13.12
N LYS C 48 -8.84 -17.38 12.23
CA LYS C 48 -9.22 -16.75 10.97
C LYS C 48 -9.87 -17.75 10.02
N ILE C 49 -9.28 -18.93 9.88
CA ILE C 49 -9.83 -19.92 8.95
C ILE C 49 -11.13 -20.50 9.48
N ARG C 50 -11.23 -20.70 10.80
CA ARG C 50 -12.48 -21.15 11.39
C ARG C 50 -13.59 -20.14 11.14
N TYR C 51 -13.25 -18.85 11.19
CA TYR C 51 -14.24 -17.81 10.91
C TYR C 51 -14.63 -17.82 9.42
N ALA C 52 -13.65 -18.00 8.54
CA ALA C 52 -13.94 -18.04 7.11
C ALA C 52 -14.81 -19.23 6.75
N ALA C 53 -14.67 -20.33 7.47
CA ALA C 53 -15.46 -21.54 7.20
C ALA C 53 -16.89 -21.42 7.67
N LEU C 54 -17.21 -20.43 8.50
CA LEU C 54 -18.60 -20.26 8.94
C LEU C 54 -19.50 -19.86 7.77
N THR C 55 -19.10 -18.84 7.01
CA THR C 55 -19.86 -18.42 5.85
C THR C 55 -19.60 -19.28 4.63
N ASP C 56 -18.53 -20.09 4.65
CA ASP C 56 -18.20 -20.95 3.51
C ASP C 56 -17.44 -22.16 4.05
N PRO C 57 -18.17 -23.23 4.41
CA PRO C 57 -17.50 -24.42 4.96
C PRO C 57 -16.55 -25.11 4.00
N SER C 58 -16.53 -24.72 2.73
CA SER C 58 -15.60 -25.32 1.77
C SER C 58 -14.16 -24.88 2.01
N GLN C 59 -13.93 -23.83 2.79
CA GLN C 59 -12.58 -23.35 3.03
C GLN C 59 -11.74 -24.34 3.82
N LEU C 60 -12.37 -25.26 4.54
CA LEU C 60 -11.65 -26.29 5.29
C LEU C 60 -11.34 -27.52 4.46
N ASP C 61 -11.77 -27.57 3.20
CA ASP C 61 -11.57 -28.76 2.39
C ASP C 61 -10.10 -29.01 2.06
N SER C 62 -9.26 -27.98 2.11
CA SER C 62 -7.83 -28.18 1.90
C SER C 62 -7.16 -28.81 3.11
N GLU C 63 -7.77 -28.73 4.28
CA GLU C 63 -7.27 -29.35 5.50
C GLU C 63 -8.33 -29.31 6.58
N LYS C 64 -8.92 -30.47 6.90
CA LYS C 64 -10.07 -30.50 7.80
C LYS C 64 -9.67 -30.25 9.24
N ASP C 65 -8.48 -30.65 9.64
CA ASP C 65 -8.06 -30.57 11.04
C ASP C 65 -7.40 -29.24 11.34
N LEU C 66 -7.81 -28.60 12.43
CA LEU C 66 -7.24 -27.34 12.89
C LEU C 66 -6.35 -27.64 14.09
N TYR C 67 -5.04 -27.64 13.88
CA TYR C 67 -4.10 -28.01 14.92
C TYR C 67 -2.83 -27.19 14.80
N ILE C 68 -2.03 -27.21 15.87
CA ILE C 68 -0.73 -26.58 15.91
C ILE C 68 0.28 -27.65 16.31
N ARG C 69 1.23 -27.93 15.43
CA ARG C 69 2.19 -29.01 15.63
C ARG C 69 3.60 -28.43 15.69
N ILE C 70 4.36 -28.86 16.70
CA ILE C 70 5.75 -28.46 16.88
C ILE C 70 6.63 -29.66 16.56
N ILE C 71 7.58 -29.48 15.65
CA ILE C 71 8.42 -30.59 15.18
C ILE C 71 9.89 -30.21 15.34
N PRO C 72 10.54 -30.54 16.44
CA PRO C 72 11.97 -30.28 16.58
C PRO C 72 12.80 -31.34 15.85
N ASN C 73 13.76 -30.87 15.06
CA ASN C 73 14.66 -31.75 14.31
C ASN C 73 16.07 -31.51 14.83
N LYS C 74 16.54 -32.40 15.72
CA LYS C 74 17.84 -32.22 16.35
C LYS C 74 18.98 -32.40 15.36
N GLU C 75 18.87 -33.38 14.46
CA GLU C 75 19.94 -33.63 13.51
C GLU C 75 20.14 -32.44 12.57
N GLU C 76 19.05 -31.81 12.14
CA GLU C 76 19.12 -30.59 11.36
C GLU C 76 19.16 -29.33 12.24
N GLY C 77 18.93 -29.47 13.55
CA GLY C 77 18.97 -28.33 14.43
C GLY C 77 17.86 -27.32 14.20
N THR C 78 16.69 -27.77 13.73
CA THR C 78 15.60 -26.87 13.39
C THR C 78 14.36 -27.18 14.23
N LEU C 79 13.59 -26.14 14.50
CA LEU C 79 12.33 -26.25 15.23
C LEU C 79 11.21 -25.76 14.32
N THR C 80 10.30 -26.66 13.97
CA THR C 80 9.23 -26.36 13.04
C THR C 80 7.91 -26.23 13.77
N ILE C 81 7.21 -25.13 13.53
CA ILE C 81 5.88 -24.89 14.11
C ILE C 81 4.91 -24.86 12.94
N ARG C 82 4.18 -25.96 12.76
CA ARG C 82 3.20 -26.09 11.68
C ARG C 82 1.81 -25.79 12.21
N ASP C 83 1.03 -25.05 11.42
CA ASP C 83 -0.38 -24.81 11.72
C ASP C 83 -1.17 -24.89 10.44
N THR C 84 -2.48 -25.04 10.59
CA THR C 84 -3.40 -25.15 9.46
C THR C 84 -4.39 -23.99 9.46
N GLY C 85 -3.88 -22.78 9.69
CA GLY C 85 -4.70 -21.59 9.74
C GLY C 85 -5.16 -21.15 8.36
N ILE C 86 -5.51 -19.86 8.28
CA ILE C 86 -6.01 -19.31 7.03
C ILE C 86 -4.91 -19.28 5.98
N GLY C 87 -3.65 -19.14 6.41
CA GLY C 87 -2.56 -19.01 5.49
C GLY C 87 -2.39 -17.59 4.99
N MET C 88 -1.34 -17.38 4.20
CA MET C 88 -1.03 -16.01 3.72
C MET C 88 -0.73 -16.05 2.23
N THR C 89 -1.31 -15.13 1.46
CA THR C 89 -1.00 -15.02 0.01
C THR C 89 0.35 -14.30 -0.13
N LYS C 90 0.98 -14.35 -1.30
CA LYS C 90 2.22 -13.56 -1.48
C LYS C 90 1.91 -12.11 -1.13
N ALA C 91 0.76 -11.59 -1.60
CA ALA C 91 0.38 -10.23 -1.24
C ALA C 91 0.34 -10.05 0.27
N ASP C 92 -0.14 -11.05 0.99
CA ASP C 92 -0.14 -10.97 2.45
C ASP C 92 1.27 -11.10 3.01
N LEU C 93 2.11 -11.92 2.37
CA LEU C 93 3.45 -12.17 2.89
C LEU C 93 4.32 -10.93 2.84
N VAL C 94 4.31 -10.21 1.71
CA VAL C 94 5.16 -9.04 1.57
C VAL C 94 4.73 -7.95 2.55
N ASN C 95 3.43 -7.82 2.79
CA ASN C 95 2.94 -6.80 3.71
C ASN C 95 3.09 -7.23 5.17
N ASN C 96 2.78 -8.49 5.47
CA ASN C 96 2.82 -8.93 6.86
C ASN C 96 4.24 -9.23 7.34
N LEU C 97 5.09 -9.71 6.43
CA LEU C 97 6.47 -10.09 6.82
C LEU C 97 7.46 -9.24 6.05
N GLY C 98 7.73 -8.02 6.53
CA GLY C 98 8.76 -7.19 5.87
C GLY C 98 8.34 -5.77 5.56
N THR C 99 7.55 -5.55 4.51
CA THR C 99 7.22 -4.16 4.13
C THR C 99 6.00 -3.65 4.90
N ILE C 100 6.08 -3.57 6.23
CA ILE C 100 4.95 -2.99 7.04
C ILE C 100 5.54 -1.98 8.02
N ALA C 101 5.02 -0.75 8.05
CA ALA C 101 5.48 0.20 9.08
C ALA C 101 5.06 -0.36 10.44
N LYS C 102 3.84 -0.87 10.56
CA LYS C 102 3.31 -1.46 11.82
C LYS C 102 3.53 -0.54 13.04
N SER C 103 2.48 0.17 13.45
CA SER C 103 2.59 1.11 14.60
C SER C 103 3.37 0.46 15.76
N GLY C 104 3.11 -0.82 16.06
CA GLY C 104 3.78 -1.47 17.17
C GLY C 104 5.28 -1.55 17.00
N THR C 105 5.75 -1.60 15.75
CA THR C 105 7.20 -1.66 15.51
C THR C 105 7.90 -0.45 16.11
N LYS C 106 7.40 0.75 15.82
CA LYS C 106 7.94 1.96 16.44
C LYS C 106 7.62 1.99 17.94
N ALA C 107 6.43 1.51 18.31
CA ALA C 107 6.00 1.59 19.71
C ALA C 107 6.75 0.59 20.58
N PHE C 108 7.05 -0.60 20.05
CA PHE C 108 7.70 -1.62 20.84
C PHE C 108 9.07 -1.16 21.32
N MET C 109 9.83 -0.51 20.45
CA MET C 109 11.15 -0.02 20.84
C MET C 109 11.03 1.17 21.79
N GLU C 110 9.99 1.98 21.63
CA GLU C 110 9.74 3.06 22.60
C GLU C 110 9.51 2.48 23.98
N ALA C 111 8.78 1.36 24.07
CA ALA C 111 8.64 0.67 25.35
C ALA C 111 9.94 -0.06 25.71
N LEU C 112 10.57 -0.71 24.74
CA LEU C 112 11.84 -1.38 25.00
C LEU C 112 12.91 -0.40 25.44
N SER C 113 12.91 0.81 24.87
CA SER C 113 13.86 1.83 25.32
C SER C 113 13.56 2.28 26.75
N SER C 114 12.29 2.27 27.15
CA SER C 114 11.90 2.64 28.51
C SER C 114 12.07 1.49 29.50
N GLY C 115 12.64 0.36 29.07
CA GLY C 115 12.94 -0.74 29.96
C GLY C 115 11.98 -1.91 29.87
N ALA C 116 10.89 -1.79 29.12
CA ALA C 116 9.90 -2.85 29.04
C ALA C 116 10.54 -4.16 28.60
N ASP C 117 10.01 -5.26 29.13
CA ASP C 117 10.60 -6.57 28.86
C ASP C 117 10.27 -7.04 27.45
N ILE C 118 11.10 -7.94 26.94
CA ILE C 118 10.92 -8.48 25.60
C ILE C 118 9.64 -9.30 25.49
N SER C 119 9.13 -9.82 26.61
CA SER C 119 7.93 -10.65 26.59
C SER C 119 6.69 -9.89 26.12
N MET C 120 6.74 -8.57 26.05
CA MET C 120 5.61 -7.77 25.59
C MET C 120 5.62 -7.54 24.10
N ILE C 121 6.46 -8.26 23.35
CA ILE C 121 6.55 -8.05 21.90
C ILE C 121 5.23 -8.41 21.23
N GLY C 122 4.47 -9.33 21.82
CA GLY C 122 3.22 -9.75 21.21
C GLY C 122 2.11 -8.73 21.35
N GLN C 123 2.16 -7.90 22.39
CA GLN C 123 1.11 -6.91 22.58
C GLN C 123 1.15 -5.82 21.52
N PHE C 124 2.32 -5.58 20.92
CA PHE C 124 2.45 -4.59 19.87
C PHE C 124 2.21 -5.16 18.47
N GLY C 125 1.95 -6.47 18.36
CA GLY C 125 1.62 -7.08 17.09
C GLY C 125 2.80 -7.50 16.25
N VAL C 126 4.02 -7.49 16.80
CA VAL C 126 5.21 -7.91 16.07
C VAL C 126 5.78 -9.15 16.72
N GLY C 127 4.91 -10.04 17.18
CA GLY C 127 5.32 -11.21 17.93
C GLY C 127 6.21 -12.17 17.16
N PHE C 128 6.10 -12.19 15.82
CA PHE C 128 6.88 -13.14 15.03
C PHE C 128 8.37 -12.93 15.23
N TYR C 129 8.83 -11.67 15.21
CA TYR C 129 10.25 -11.37 15.26
C TYR C 129 10.91 -11.80 16.56
N SER C 130 10.12 -12.16 17.58
CA SER C 130 10.69 -12.77 18.78
C SER C 130 11.38 -14.09 18.48
N SER C 131 11.01 -14.75 17.38
CA SER C 131 11.65 -16.02 17.03
C SER C 131 13.14 -15.84 16.75
N TYR C 132 13.55 -14.65 16.29
CA TYR C 132 14.95 -14.40 16.01
C TYR C 132 15.78 -14.27 17.28
N LEU C 133 15.16 -14.34 18.46
CA LEU C 133 15.93 -14.46 19.69
C LEU C 133 16.69 -15.77 19.74
N VAL C 134 16.05 -16.86 19.29
CA VAL C 134 16.64 -18.19 19.34
C VAL C 134 17.06 -18.70 17.97
N ALA C 135 16.67 -18.04 16.89
CA ALA C 135 16.94 -18.53 15.54
C ALA C 135 17.88 -17.58 14.81
N GLU C 136 18.89 -18.14 14.16
CA GLU C 136 19.78 -17.35 13.30
C GLU C 136 19.15 -17.12 11.93
N LYS C 137 18.31 -18.03 11.47
CA LYS C 137 17.58 -17.90 10.22
C LYS C 137 16.20 -18.51 10.42
N VAL C 138 15.19 -17.91 9.80
CA VAL C 138 13.81 -18.33 9.96
C VAL C 138 13.22 -18.58 8.57
N GLN C 139 12.71 -19.79 8.34
CA GLN C 139 11.96 -20.13 7.14
C GLN C 139 10.48 -20.13 7.46
N VAL C 140 9.69 -19.43 6.65
CA VAL C 140 8.24 -19.39 6.80
C VAL C 140 7.62 -19.92 5.53
N THR C 141 7.05 -21.12 5.60
CA THR C 141 6.34 -21.73 4.49
C THR C 141 4.84 -21.61 4.76
N THR C 142 4.11 -21.01 3.81
CA THR C 142 2.70 -20.75 4.00
C THR C 142 1.93 -21.09 2.72
N LYS C 143 0.64 -21.29 2.87
CA LYS C 143 -0.24 -21.64 1.75
C LYS C 143 -1.63 -21.13 2.04
N HIS C 144 -2.23 -20.47 1.06
CA HIS C 144 -3.57 -19.89 1.17
C HIS C 144 -4.51 -20.61 0.21
N ASN C 145 -5.81 -20.51 0.48
CA ASN C 145 -6.79 -21.13 -0.41
C ASN C 145 -6.93 -20.35 -1.73
N ASP C 146 -6.50 -19.09 -1.76
CA ASP C 146 -6.62 -18.26 -2.94
C ASP C 146 -5.27 -17.90 -3.55
N ASP C 147 -4.21 -18.59 -3.16
CA ASP C 147 -2.89 -18.33 -3.72
C ASP C 147 -2.04 -19.58 -3.53
N GLU C 148 -0.94 -19.65 -4.29
CA GLU C 148 -0.07 -20.82 -4.26
C GLU C 148 0.74 -20.84 -2.96
N GLN C 149 1.52 -21.91 -2.80
CA GLN C 149 2.37 -22.06 -1.62
C GLN C 149 3.63 -21.22 -1.80
N TYR C 150 3.97 -20.44 -0.78
CA TYR C 150 5.14 -19.58 -0.80
C TYR C 150 6.01 -19.86 0.41
N ILE C 151 7.30 -19.58 0.26
CA ILE C 151 8.26 -19.72 1.36
C ILE C 151 8.93 -18.39 1.60
N TRP C 152 9.07 -18.03 2.87
CA TRP C 152 9.68 -16.78 3.31
C TRP C 152 10.91 -17.13 4.13
N GLU C 153 12.05 -16.55 3.78
CA GLU C 153 13.30 -16.87 4.44
C GLU C 153 14.13 -15.61 4.62
N SER C 154 14.75 -15.48 5.80
CA SER C 154 15.60 -14.35 6.09
C SER C 154 16.49 -14.68 7.28
N ALA C 155 17.74 -14.25 7.21
CA ALA C 155 18.65 -14.28 8.34
C ALA C 155 18.73 -12.94 9.06
N ALA C 156 17.74 -12.07 8.85
CA ALA C 156 17.65 -10.76 9.49
C ALA C 156 18.84 -9.87 9.13
N GLY C 157 19.38 -10.05 7.92
CA GLY C 157 20.45 -9.19 7.45
C GLY C 157 19.92 -7.99 6.69
N GLY C 158 18.77 -7.48 7.11
CA GLY C 158 18.10 -6.40 6.42
C GLY C 158 17.30 -6.82 5.20
N THR C 159 17.41 -8.07 4.77
CA THR C 159 16.74 -8.56 3.57
C THR C 159 15.99 -9.86 3.87
N PHE C 160 14.91 -10.08 3.12
CA PHE C 160 14.19 -11.35 3.17
C PHE C 160 13.85 -11.78 1.76
N THR C 161 13.70 -13.09 1.57
CA THR C 161 13.39 -13.68 0.28
C THR C 161 12.03 -14.34 0.32
N ILE C 162 11.27 -14.17 -0.75
CA ILE C 162 9.97 -14.80 -0.92
C ILE C 162 10.01 -15.61 -2.21
N THR C 163 9.99 -16.92 -2.08
CA THR C 163 10.05 -17.83 -3.23
C THR C 163 8.72 -18.57 -3.38
N GLU C 164 8.28 -18.72 -4.63
CA GLU C 164 7.11 -19.54 -4.92
C GLU C 164 7.48 -21.01 -4.72
N ASP C 165 6.99 -21.59 -3.64
CA ASP C 165 7.37 -22.95 -3.27
C ASP C 165 6.76 -23.95 -4.25
N THR C 166 7.60 -24.63 -5.02
CA THR C 166 7.16 -25.66 -5.94
C THR C 166 7.85 -27.00 -5.73
N GLU C 167 8.85 -27.07 -4.87
CA GLU C 167 9.58 -28.31 -4.62
C GLU C 167 9.48 -28.80 -3.18
N GLY C 168 8.95 -28.00 -2.27
CA GLY C 168 8.76 -28.41 -0.90
C GLY C 168 7.47 -29.18 -0.72
N PRO C 169 7.36 -29.86 0.43
CA PRO C 169 6.15 -30.62 0.70
C PRO C 169 4.93 -29.71 0.81
N ARG C 170 3.85 -30.12 0.16
CA ARG C 170 2.63 -29.33 0.16
C ARG C 170 2.04 -29.22 1.56
N LEU C 171 1.40 -28.08 1.82
CA LEU C 171 0.75 -27.84 3.10
C LEU C 171 -0.76 -27.85 3.03
N GLY C 172 -1.34 -27.73 1.84
CA GLY C 172 -2.78 -27.61 1.72
C GLY C 172 -3.29 -26.28 2.20
N ARG C 173 -3.05 -25.97 3.47
CA ARG C 173 -3.42 -24.69 4.06
C ARG C 173 -2.68 -24.52 5.37
N GLY C 174 -2.34 -23.27 5.68
CA GLY C 174 -1.69 -22.96 6.94
C GLY C 174 -0.30 -22.36 6.80
N THR C 175 0.49 -22.44 7.86
CA THR C 175 1.82 -21.83 7.88
C THR C 175 2.77 -22.75 8.63
N SER C 176 3.74 -23.32 7.93
CA SER C 176 4.80 -24.12 8.53
C SER C 176 6.05 -23.25 8.62
N MET C 177 6.55 -23.08 9.84
CA MET C 177 7.70 -22.18 10.11
C MET C 177 8.89 -22.98 10.64
N LYS C 178 10.04 -22.82 10.00
CA LYS C 178 11.27 -23.52 10.35
C LYS C 178 12.23 -22.55 11.00
N LEU C 179 12.60 -22.83 12.26
CA LEU C 179 13.52 -22.00 13.02
C LEU C 179 14.87 -22.69 13.11
N PHE C 180 15.88 -22.10 12.51
CA PHE C 180 17.25 -22.63 12.58
C PHE C 180 17.88 -22.12 13.86
N ILE C 181 17.88 -22.97 14.90
CA ILE C 181 18.27 -22.53 16.23
C ILE C 181 19.78 -22.31 16.30
N LYS C 182 20.19 -21.38 17.15
CA LYS C 182 21.60 -21.13 17.39
C LYS C 182 22.23 -22.28 18.17
N GLU C 183 23.55 -22.42 18.02
CA GLU C 183 24.23 -23.61 18.56
C GLU C 183 24.14 -23.66 20.07
N ASP C 184 24.27 -22.52 20.74
CA ASP C 184 24.20 -22.48 22.19
C ASP C 184 22.77 -22.51 22.74
N LEU C 185 21.76 -22.48 21.87
CA LEU C 185 20.36 -22.45 22.29
C LEU C 185 19.63 -23.74 21.93
N LYS C 186 20.36 -24.84 21.77
CA LYS C 186 19.73 -26.11 21.37
C LYS C 186 18.84 -26.70 22.45
N GLU C 187 18.78 -26.08 23.65
CA GLU C 187 17.87 -26.56 24.67
C GLU C 187 16.41 -26.40 24.25
N TYR C 188 16.13 -25.52 23.28
CA TYR C 188 14.77 -25.32 22.78
C TYR C 188 14.36 -26.37 21.75
N LEU C 189 15.21 -27.35 21.47
CA LEU C 189 14.84 -28.51 20.66
C LEU C 189 14.56 -29.73 21.51
N GLU C 190 14.91 -29.70 22.80
CA GLU C 190 14.63 -30.82 23.69
C GLU C 190 13.13 -30.90 23.96
N GLU C 191 12.63 -32.14 24.09
CA GLU C 191 11.20 -32.35 24.31
C GLU C 191 10.75 -31.75 25.63
N LYS C 192 11.50 -32.02 26.71
CA LYS C 192 11.08 -31.56 28.04
C LYS C 192 10.99 -30.04 28.11
N ARG C 193 11.92 -29.35 27.46
CA ARG C 193 11.90 -27.88 27.47
C ARG C 193 10.69 -27.35 26.69
N ILE C 194 10.42 -27.94 25.53
CA ILE C 194 9.30 -27.45 24.69
C ILE C 194 7.98 -27.63 25.41
N ARG C 195 7.77 -28.80 26.01
CA ARG C 195 6.51 -29.07 26.71
C ARG C 195 6.35 -28.17 27.93
N GLU C 196 7.46 -27.88 28.61
CA GLU C 196 7.41 -26.99 29.77
C GLU C 196 7.03 -25.58 29.34
N ILE C 197 7.60 -25.10 28.23
CA ILE C 197 7.32 -23.76 27.75
C ILE C 197 5.86 -23.65 27.30
N VAL C 198 5.37 -24.66 26.57
CA VAL C 198 4.01 -24.61 26.04
C VAL C 198 3.00 -24.66 27.19
N LYS C 199 3.23 -25.53 28.17
CA LYS C 199 2.32 -25.64 29.30
C LYS C 199 2.25 -24.33 30.08
N LYS C 200 3.39 -23.63 30.19
CA LYS C 200 3.44 -22.40 30.97
C LYS C 200 2.82 -21.23 30.21
N HIS C 201 3.01 -21.18 28.90
CA HIS C 201 2.67 -19.99 28.13
C HIS C 201 1.45 -20.14 27.23
N SER C 202 0.94 -21.36 27.01
CA SER C 202 -0.15 -21.58 26.08
C SER C 202 -1.27 -22.36 26.75
N GLU C 203 -1.75 -21.86 27.88
CA GLU C 203 -2.83 -22.51 28.61
C GLU C 203 -4.21 -22.11 28.12
N PHE C 204 -4.34 -20.95 27.47
CA PHE C 204 -5.64 -20.40 27.13
C PHE C 204 -6.04 -20.60 25.68
N ILE C 205 -5.13 -21.04 24.81
CA ILE C 205 -5.50 -21.21 23.40
C ILE C 205 -6.42 -22.41 23.26
N SER C 206 -7.34 -22.33 22.31
CA SER C 206 -8.40 -23.30 22.16
C SER C 206 -8.08 -24.42 21.17
N TYR C 207 -6.91 -24.39 20.56
CA TYR C 207 -6.61 -25.39 19.53
C TYR C 207 -5.58 -26.38 20.04
N PRO C 208 -5.61 -27.63 19.53
CA PRO C 208 -4.70 -28.65 20.05
C PRO C 208 -3.27 -28.37 19.67
N ILE C 209 -2.38 -28.39 20.66
CA ILE C 209 -0.94 -28.24 20.45
C ILE C 209 -0.32 -29.62 20.46
N GLN C 210 0.33 -29.98 19.35
CA GLN C 210 0.95 -31.28 19.19
C GLN C 210 2.47 -31.12 19.15
N LEU C 211 3.17 -32.09 19.73
CA LEU C 211 4.63 -32.13 19.69
C LEU C 211 5.08 -33.49 19.20
N VAL C 212 5.86 -33.50 18.13
CA VAL C 212 6.37 -34.72 17.52
C VAL C 212 7.62 -35.12 18.28
N VAL C 213 7.48 -36.04 19.23
CA VAL C 213 8.62 -36.56 19.98
C VAL C 213 9.15 -37.78 19.24
N THR C 214 10.47 -37.99 19.33
CA THR C 214 11.14 -39.06 18.61
C THR C 214 12.04 -39.81 19.58
N LYS C 215 12.01 -41.14 19.52
CA LYS C 215 12.95 -41.94 20.28
C LYS C 215 14.00 -42.54 19.36
N MET D 5 28.79 11.18 23.40
CA MET D 5 27.43 11.25 23.92
C MET D 5 26.81 9.84 23.95
N SER D 6 25.78 9.61 23.13
CA SER D 6 25.10 8.32 23.07
C SER D 6 24.94 7.91 21.62
N THR D 7 24.33 6.75 21.41
CA THR D 7 24.20 6.14 20.09
C THR D 7 22.73 5.93 19.76
N GLU D 8 22.32 6.42 18.58
CA GLU D 8 20.97 6.25 18.08
C GLU D 8 21.01 5.28 16.90
N THR D 9 20.36 4.12 17.05
CA THR D 9 20.39 3.09 16.02
C THR D 9 19.22 3.27 15.06
N PHE D 10 19.52 3.28 13.77
CA PHE D 10 18.53 3.41 12.71
C PHE D 10 18.51 2.14 11.88
N GLY D 11 17.60 2.11 10.92
CA GLY D 11 17.55 1.02 9.94
C GLY D 11 17.56 1.58 8.54
N PHE D 12 18.34 0.93 7.67
CA PHE D 12 18.40 1.34 6.28
C PHE D 12 17.01 1.26 5.65
N GLN D 13 16.81 2.04 4.59
CA GLN D 13 15.54 1.94 3.85
C GLN D 13 15.49 0.54 3.24
N ALA D 14 14.31 0.03 2.92
CA ALA D 14 14.20 -1.35 2.43
C ALA D 14 15.02 -1.49 1.15
N GLU D 15 14.90 -0.51 0.24
CA GLU D 15 15.60 -0.60 -1.06
C GLU D 15 17.11 -0.60 -0.81
N ILE D 16 17.58 0.23 0.11
CA ILE D 16 19.05 0.34 0.37
C ILE D 16 19.56 -0.98 0.95
N SER D 17 18.78 -1.60 1.84
CA SER D 17 19.17 -2.91 2.43
C SER D 17 19.26 -3.94 1.30
N GLN D 18 18.30 -3.93 0.38
CA GLN D 18 18.30 -4.87 -0.77
C GLN D 18 19.54 -4.59 -1.63
N LEU D 19 19.86 -3.32 -1.84
CA LEU D 19 21.02 -2.94 -2.68
C LEU D 19 22.30 -3.46 -2.05
N LEU D 20 22.41 -3.32 -0.73
CA LEU D 20 23.63 -3.76 -0.02
C LEU D 20 23.79 -5.27 -0.19
N ASP D 21 22.69 -6.02 -0.12
CA ASP D 21 22.77 -7.49 -0.22
C ASP D 21 23.36 -7.85 -1.58
N LEU D 22 22.91 -7.18 -2.63
CA LEU D 22 23.41 -7.47 -4.00
C LEU D 22 24.90 -7.16 -4.06
N ILE D 23 25.31 -6.00 -3.55
CA ILE D 23 26.74 -5.60 -3.65
C ILE D 23 27.60 -6.50 -2.78
N ILE D 24 27.17 -6.73 -1.53
CA ILE D 24 28.00 -7.51 -0.56
C ILE D 24 28.10 -8.99 -0.96
N ASN D 25 27.00 -9.62 -1.37
CA ASN D 25 27.04 -11.08 -1.61
C ASN D 25 27.40 -11.45 -3.05
N THR D 26 27.42 -10.48 -3.97
CA THR D 26 27.69 -10.84 -5.39
C THR D 26 29.14 -10.48 -5.72
N PHE D 27 29.85 -11.39 -6.40
CA PHE D 27 31.28 -11.14 -6.69
C PHE D 27 31.42 -10.10 -7.81
N TYR D 28 32.21 -9.04 -7.58
CA TYR D 28 32.48 -8.07 -8.66
C TYR D 28 34.00 -7.93 -8.80
N SER D 29 34.54 -8.22 -9.98
CA SER D 29 36.02 -8.22 -10.16
C SER D 29 36.60 -6.82 -9.96
N ASN D 30 35.95 -5.78 -10.48
CA ASN D 30 36.52 -4.42 -10.37
C ASN D 30 35.96 -3.74 -9.11
N LYS D 31 36.67 -3.88 -8.00
CA LYS D 31 36.23 -3.24 -6.74
C LYS D 31 36.98 -1.93 -6.58
N GLU D 32 37.90 -1.62 -7.50
CA GLU D 32 38.75 -0.41 -7.39
C GLU D 32 37.91 0.86 -7.61
N ILE D 33 36.73 0.72 -8.20
CA ILE D 33 35.86 1.89 -8.52
C ILE D 33 35.38 2.55 -7.22
N PHE D 34 35.49 1.86 -6.08
CA PHE D 34 34.98 2.42 -4.80
C PHE D 34 35.68 3.75 -4.53
N LEU D 35 36.99 3.81 -4.77
CA LEU D 35 37.77 5.03 -4.49
C LEU D 35 37.22 6.17 -5.36
N ARG D 36 36.92 5.88 -6.62
CA ARG D 36 36.45 6.94 -7.55
C ARG D 36 35.13 7.49 -7.01
N GLU D 37 34.24 6.60 -6.58
CA GLU D 37 32.90 7.03 -6.10
C GLU D 37 33.05 7.88 -4.84
N LEU D 38 33.91 7.45 -3.90
CA LEU D 38 34.12 8.22 -2.65
C LEU D 38 34.75 9.57 -2.98
N ILE D 39 35.73 9.59 -3.89
CA ILE D 39 36.41 10.85 -4.30
C ILE D 39 35.37 11.76 -4.96
N SER D 40 34.51 11.21 -5.82
CA SER D 40 33.49 12.00 -6.54
C SER D 40 32.52 12.61 -5.54
N ASN D 41 32.10 11.81 -4.56
CA ASN D 41 31.16 12.30 -3.52
C ASN D 41 31.84 13.42 -2.73
N SER D 42 33.14 13.25 -2.43
CA SER D 42 33.89 14.29 -1.69
C SER D 42 33.96 15.57 -2.54
N SER D 43 34.21 15.43 -3.84
CA SER D 43 34.23 16.61 -4.73
C SER D 43 32.86 17.27 -4.74
N ASP D 44 31.80 16.46 -4.77
CA ASP D 44 30.42 17.01 -4.85
C ASP D 44 30.16 17.84 -3.60
N ALA D 45 30.57 17.33 -2.43
CA ALA D 45 30.39 18.07 -1.17
C ALA D 45 31.25 19.33 -1.18
N LEU D 46 32.47 19.25 -1.70
CA LEU D 46 33.37 20.42 -1.78
C LEU D 46 32.76 21.48 -2.70
N ASP D 47 32.09 21.05 -3.78
CA ASP D 47 31.40 22.02 -4.66
C ASP D 47 30.34 22.73 -3.82
N LYS D 48 29.65 21.97 -2.97
CA LYS D 48 28.56 22.56 -2.17
C LYS D 48 29.08 23.63 -1.20
N ILE D 49 30.21 23.37 -0.53
CA ILE D 49 30.81 24.39 0.39
C ILE D 49 31.27 25.61 -0.40
N ARG D 50 31.81 25.41 -1.60
CA ARG D 50 32.25 26.55 -2.43
C ARG D 50 31.02 27.42 -2.72
N TYR D 51 29.90 26.80 -3.06
CA TYR D 51 28.65 27.54 -3.36
C TYR D 51 28.18 28.28 -2.09
N ALA D 52 28.26 27.59 -0.95
CA ALA D 52 27.81 28.21 0.32
C ALA D 52 28.70 29.42 0.60
N ALA D 53 29.99 29.30 0.34
CA ALA D 53 30.95 30.40 0.58
C ALA D 53 30.60 31.61 -0.29
N LEU D 54 30.10 31.40 -1.51
CA LEU D 54 29.90 32.56 -2.41
C LEU D 54 28.98 33.58 -1.73
N THR D 55 27.85 33.14 -1.17
CA THR D 55 26.99 34.08 -0.39
C THR D 55 27.64 34.40 0.98
N ASP D 56 28.23 33.40 1.65
CA ASP D 56 28.79 33.62 3.00
C ASP D 56 30.22 33.08 3.08
N PRO D 57 31.26 33.93 2.94
CA PRO D 57 32.65 33.48 2.96
C PRO D 57 33.03 32.88 4.32
N SER D 58 32.28 33.23 5.37
CA SER D 58 32.58 32.76 6.75
C SER D 58 32.50 31.24 6.83
N GLN D 59 31.75 30.60 5.93
CA GLN D 59 31.53 29.14 6.01
C GLN D 59 32.89 28.42 5.94
N LEU D 60 33.83 28.95 5.16
CA LEU D 60 35.17 28.32 5.00
C LEU D 60 36.02 28.48 6.27
N ASP D 61 35.59 29.27 7.24
CA ASP D 61 36.45 29.53 8.43
C ASP D 61 36.77 28.19 9.11
N SER D 62 35.81 27.25 9.14
CA SER D 62 36.02 25.98 9.85
C SER D 62 37.21 25.24 9.24
N GLU D 63 37.28 25.16 7.91
CA GLU D 63 38.48 24.60 7.24
C GLU D 63 38.70 25.40 5.96
N LYS D 64 39.65 26.34 5.97
CA LYS D 64 39.83 27.22 4.78
C LYS D 64 40.30 26.41 3.58
N ASP D 65 41.24 25.48 3.79
CA ASP D 65 41.81 24.72 2.64
C ASP D 65 40.79 23.67 2.18
N LEU D 66 40.50 23.62 0.88
CA LEU D 66 39.56 22.63 0.33
C LEU D 66 40.37 21.52 -0.34
N TYR D 67 40.30 20.30 0.19
CA TYR D 67 41.14 19.20 -0.38
C TYR D 67 40.54 17.83 -0.08
N ILE D 68 40.92 16.82 -0.87
CA ILE D 68 40.49 15.43 -0.60
C ILE D 68 41.76 14.68 -0.20
N ARG D 69 41.77 14.05 0.99
CA ARG D 69 43.00 13.39 1.47
C ARG D 69 42.73 11.91 1.72
N ILE D 70 43.58 11.03 1.19
CA ILE D 70 43.43 9.57 1.43
C ILE D 70 44.51 9.17 2.43
N ILE D 71 44.09 8.61 3.58
CA ILE D 71 45.07 8.16 4.62
C ILE D 71 45.00 6.63 4.71
N PRO D 72 45.96 5.90 4.10
CA PRO D 72 45.99 4.45 4.25
C PRO D 72 46.65 4.04 5.57
N ASN D 73 45.98 3.19 6.35
CA ASN D 73 46.57 2.68 7.61
C ASN D 73 46.71 1.16 7.50
N LYS D 74 47.91 0.68 7.18
CA LYS D 74 48.14 -0.78 7.04
C LYS D 74 47.98 -1.45 8.41
N GLU D 75 48.45 -0.80 9.46
CA GLU D 75 48.41 -1.41 10.82
C GLU D 75 46.95 -1.64 11.23
N GLU D 76 46.08 -0.67 10.96
CA GLU D 76 44.66 -0.78 11.38
C GLU D 76 43.87 -1.51 10.30
N GLY D 77 44.50 -1.78 9.15
CA GLY D 77 43.77 -2.41 8.02
C GLY D 77 42.62 -1.55 7.56
N THR D 78 42.79 -0.22 7.55
CA THR D 78 41.68 0.69 7.18
C THR D 78 42.14 1.73 6.16
N LEU D 79 41.25 2.14 5.27
CA LEU D 79 41.57 3.22 4.30
C LEU D 79 40.64 4.39 4.62
N THR D 80 41.20 5.58 4.83
CA THR D 80 40.36 6.72 5.23
C THR D 80 40.38 7.79 4.14
N ILE D 81 39.21 8.20 3.65
CA ILE D 81 39.16 9.32 2.67
C ILE D 81 38.60 10.52 3.43
N ARG D 82 39.36 11.61 3.50
CA ARG D 82 38.94 12.79 4.29
C ARG D 82 38.72 13.97 3.35
N ASP D 83 37.60 14.68 3.53
CA ASP D 83 37.35 15.87 2.69
C ASP D 83 37.02 17.07 3.60
N THR D 84 37.15 18.28 3.07
CA THR D 84 36.87 19.51 3.83
C THR D 84 35.61 20.12 3.21
N GLY D 85 34.65 19.27 2.84
CA GLY D 85 33.43 19.73 2.17
C GLY D 85 32.40 20.30 3.12
N ILE D 86 31.19 20.59 2.63
CA ILE D 86 30.13 21.24 3.46
C ILE D 86 29.85 20.34 4.67
N GLY D 87 29.88 19.02 4.47
CA GLY D 87 29.68 18.09 5.60
C GLY D 87 28.23 17.73 5.78
N MET D 88 27.96 16.77 6.66
CA MET D 88 26.56 16.29 6.79
C MET D 88 26.03 16.56 8.20
N THR D 89 24.84 17.15 8.29
CA THR D 89 24.20 17.34 9.61
C THR D 89 23.69 15.97 10.04
N LYS D 90 23.34 15.78 11.31
CA LYS D 90 22.93 14.42 11.74
C LYS D 90 21.73 14.04 10.89
N ALA D 91 20.85 15.01 10.63
CA ALA D 91 19.68 14.77 9.77
C ALA D 91 20.14 14.42 8.35
N ASP D 92 21.14 15.11 7.85
CA ASP D 92 21.66 14.81 6.49
C ASP D 92 22.21 13.38 6.51
N LEU D 93 22.89 12.99 7.58
CA LEU D 93 23.53 11.64 7.59
C LEU D 93 22.44 10.56 7.48
N VAL D 94 21.37 10.69 8.26
CA VAL D 94 20.25 9.70 8.20
C VAL D 94 19.56 9.82 6.84
N ASN D 95 19.41 11.04 6.31
CA ASN D 95 18.66 11.26 5.06
C ASN D 95 19.57 11.22 3.82
N ASN D 96 20.88 10.97 3.99
CA ASN D 96 21.77 10.82 2.81
C ASN D 96 22.39 9.42 2.82
N LEU D 97 22.62 8.85 4.00
CA LEU D 97 23.18 7.46 4.10
C LEU D 97 22.06 6.59 4.65
N GLY D 98 21.27 6.00 3.76
CA GLY D 98 20.08 5.25 4.19
C GLY D 98 18.87 6.15 4.09
N THR D 99 17.67 5.59 3.93
CA THR D 99 16.43 6.40 3.91
C THR D 99 16.41 7.37 2.72
N ILE D 100 17.24 7.13 1.70
CA ILE D 100 17.16 7.96 0.45
C ILE D 100 17.36 7.03 -0.76
N ALA D 101 16.33 6.85 -1.58
CA ALA D 101 16.47 5.89 -2.70
C ALA D 101 15.32 6.03 -3.70
N LYS D 102 14.26 5.23 -3.52
CA LYS D 102 13.07 5.25 -4.42
C LYS D 102 13.44 4.80 -5.84
N SER D 103 13.13 5.61 -6.85
CA SER D 103 13.32 5.19 -8.26
C SER D 103 14.78 4.93 -8.59
N GLY D 104 15.70 5.79 -8.17
CA GLY D 104 17.11 5.64 -8.59
C GLY D 104 17.74 4.34 -8.12
N THR D 105 17.53 3.99 -6.85
CA THR D 105 18.17 2.77 -6.30
C THR D 105 17.59 1.53 -6.99
N LYS D 106 16.27 1.50 -7.20
CA LYS D 106 15.62 0.32 -7.82
C LYS D 106 16.14 0.17 -9.25
N ALA D 107 16.23 1.29 -9.97
CA ALA D 107 16.70 1.24 -11.37
C ALA D 107 18.06 0.55 -11.42
N PHE D 108 18.90 0.78 -10.41
CA PHE D 108 20.24 0.21 -10.47
C PHE D 108 20.21 -1.30 -10.23
N MET D 109 19.32 -1.77 -9.35
CA MET D 109 19.20 -3.20 -9.12
C MET D 109 18.68 -3.92 -10.36
N GLU D 110 17.79 -3.27 -11.12
CA GLU D 110 17.37 -3.83 -12.41
C GLU D 110 18.55 -3.89 -13.37
N ALA D 111 19.45 -2.90 -13.32
CA ALA D 111 20.62 -2.92 -14.19
C ALA D 111 21.61 -4.00 -13.75
N LEU D 112 21.84 -4.13 -12.44
CA LEU D 112 22.73 -5.18 -11.96
C LEU D 112 22.14 -6.57 -12.17
N SER D 113 20.82 -6.69 -12.17
CA SER D 113 20.18 -7.98 -12.43
C SER D 113 20.47 -8.46 -13.85
N SER D 114 20.49 -7.54 -14.81
CA SER D 114 20.84 -7.87 -16.18
C SER D 114 22.32 -8.17 -16.36
N GLY D 115 23.13 -8.01 -15.32
CA GLY D 115 24.55 -8.28 -15.40
C GLY D 115 25.43 -7.09 -15.71
N ALA D 116 24.89 -5.87 -15.62
CA ALA D 116 25.69 -4.68 -15.92
C ALA D 116 26.82 -4.54 -14.90
N ASP D 117 27.81 -3.73 -15.27
CA ASP D 117 28.99 -3.59 -14.41
C ASP D 117 28.66 -2.79 -13.16
N ILE D 118 29.38 -3.11 -12.08
CA ILE D 118 29.22 -2.39 -10.83
C ILE D 118 29.68 -0.94 -10.95
N SER D 119 30.55 -0.63 -11.93
CA SER D 119 31.07 0.71 -12.08
C SER D 119 30.01 1.72 -12.53
N MET D 120 28.87 1.25 -13.03
CA MET D 120 27.79 2.17 -13.37
C MET D 120 27.06 2.71 -12.15
N ILE D 121 27.49 2.34 -10.95
CA ILE D 121 26.78 2.75 -9.74
C ILE D 121 26.84 4.26 -9.55
N GLY D 122 27.89 4.91 -10.09
CA GLY D 122 28.02 6.34 -9.94
C GLY D 122 26.95 7.12 -10.69
N GLN D 123 26.52 6.61 -11.84
CA GLN D 123 25.50 7.31 -12.62
C GLN D 123 24.16 7.33 -11.90
N PHE D 124 23.87 6.31 -11.09
CA PHE D 124 22.64 6.26 -10.31
C PHE D 124 22.76 6.97 -8.96
N GLY D 125 23.91 7.58 -8.67
CA GLY D 125 24.05 8.39 -7.48
C GLY D 125 24.13 7.65 -6.17
N VAL D 126 24.36 6.33 -6.20
CA VAL D 126 24.48 5.56 -4.96
C VAL D 126 25.86 4.93 -4.90
N GLY D 127 26.85 5.59 -5.51
CA GLY D 127 28.21 5.08 -5.56
C GLY D 127 28.86 4.88 -4.20
N PHE D 128 28.30 5.47 -3.14
CA PHE D 128 28.87 5.30 -1.81
C PHE D 128 28.87 3.84 -1.39
N TYR D 129 27.78 3.12 -1.65
CA TYR D 129 27.66 1.73 -1.21
C TYR D 129 28.60 0.80 -1.95
N SER D 130 29.27 1.26 -3.01
CA SER D 130 30.33 0.47 -3.62
C SER D 130 31.52 0.29 -2.69
N SER D 131 31.60 1.09 -1.61
CA SER D 131 32.66 0.91 -0.63
C SER D 131 32.57 -0.45 0.04
N TYR D 132 31.36 -0.99 0.18
CA TYR D 132 31.19 -2.30 0.79
C TYR D 132 31.69 -3.44 -0.09
N LEU D 133 32.17 -3.15 -1.30
CA LEU D 133 32.83 -4.18 -2.09
C LEU D 133 34.16 -4.58 -1.46
N VAL D 134 34.88 -3.62 -0.89
CA VAL D 134 36.17 -3.88 -0.27
C VAL D 134 36.14 -3.75 1.25
N ALA D 135 35.08 -3.16 1.81
CA ALA D 135 35.01 -2.88 3.24
C ALA D 135 33.99 -3.78 3.91
N GLU D 136 34.37 -4.36 5.04
CA GLU D 136 33.42 -5.10 5.86
C GLU D 136 32.62 -4.17 6.77
N LYS D 137 33.22 -3.06 7.19
CA LYS D 137 32.57 -2.07 8.03
C LYS D 137 33.00 -0.69 7.57
N VAL D 138 32.08 0.28 7.65
CA VAL D 138 32.31 1.62 7.15
C VAL D 138 31.97 2.62 8.25
N GLN D 139 32.93 3.45 8.62
CA GLN D 139 32.72 4.56 9.54
C GLN D 139 32.78 5.86 8.77
N VAL D 140 31.75 6.70 8.93
CA VAL D 140 31.67 7.99 8.27
C VAL D 140 31.65 9.05 9.36
N THR D 141 32.78 9.71 9.58
CA THR D 141 32.87 10.83 10.51
C THR D 141 32.67 12.10 9.71
N THR D 142 31.58 12.82 9.98
CA THR D 142 31.24 14.02 9.25
C THR D 142 31.06 15.18 10.23
N LYS D 143 31.18 16.39 9.69
CA LYS D 143 31.05 17.60 10.50
C LYS D 143 30.48 18.70 9.62
N HIS D 144 29.30 19.20 9.99
CA HIS D 144 28.67 20.32 9.32
C HIS D 144 28.83 21.59 10.17
N ASN D 145 28.78 22.74 9.50
CA ASN D 145 29.01 24.00 10.20
C ASN D 145 27.96 24.29 11.25
N ASP D 146 26.71 23.87 11.01
CA ASP D 146 25.60 24.15 11.91
C ASP D 146 25.25 22.96 12.80
N ASP D 147 26.12 21.96 12.89
CA ASP D 147 25.83 20.75 13.66
C ASP D 147 27.12 20.26 14.30
N GLU D 148 26.99 19.21 15.12
CA GLU D 148 28.12 18.61 15.80
C GLU D 148 28.84 17.63 14.88
N GLN D 149 29.88 16.99 15.40
CA GLN D 149 30.63 15.99 14.67
C GLN D 149 30.04 14.61 14.97
N TYR D 150 29.68 13.88 13.92
CA TYR D 150 28.99 12.61 14.05
C TYR D 150 29.76 11.50 13.33
N ILE D 151 29.72 10.30 13.91
CA ILE D 151 30.29 9.11 13.29
C ILE D 151 29.14 8.21 12.88
N TRP D 152 28.92 8.11 11.57
CA TRP D 152 28.00 7.14 11.01
C TRP D 152 28.75 5.84 10.79
N GLU D 153 28.16 4.73 11.23
CA GLU D 153 28.84 3.45 11.15
C GLU D 153 27.83 2.35 10.85
N SER D 154 28.21 1.44 9.96
CA SER D 154 27.35 0.31 9.62
C SER D 154 28.20 -0.82 9.08
N ALA D 155 27.82 -2.06 9.43
CA ALA D 155 28.40 -3.25 8.84
C ALA D 155 27.46 -3.91 7.84
N ALA D 156 26.53 -3.14 7.27
CA ALA D 156 25.60 -3.61 6.24
C ALA D 156 24.71 -4.74 6.76
N GLY D 157 24.32 -4.63 8.04
CA GLY D 157 23.41 -5.60 8.62
C GLY D 157 21.99 -5.09 8.71
N GLY D 158 21.60 -4.25 7.75
CA GLY D 158 20.29 -3.64 7.75
C GLY D 158 20.13 -2.46 8.68
N THR D 159 21.13 -2.18 9.52
CA THR D 159 21.06 -1.09 10.49
C THR D 159 22.35 -0.29 10.45
N PHE D 160 22.24 1.00 10.81
CA PHE D 160 23.40 1.86 10.98
C PHE D 160 23.22 2.69 12.24
N THR D 161 24.34 3.11 12.82
CA THR D 161 24.35 3.84 14.08
C THR D 161 25.06 5.19 13.88
N ILE D 162 24.45 6.25 14.41
CA ILE D 162 25.01 7.59 14.36
C ILE D 162 25.30 8.01 15.79
N THR D 163 26.57 8.14 16.13
CA THR D 163 27.01 8.53 17.45
C THR D 163 27.64 9.92 17.39
N GLU D 164 27.29 10.77 18.34
CA GLU D 164 27.90 12.08 18.43
C GLU D 164 29.37 11.93 18.82
N ASP D 165 30.26 12.32 17.91
CA ASP D 165 31.68 12.09 18.08
C ASP D 165 32.24 13.08 19.11
N THR D 166 32.71 12.56 20.24
CA THR D 166 33.40 13.37 21.23
C THR D 166 34.77 12.83 21.61
N GLU D 167 35.15 11.65 21.12
CA GLU D 167 36.45 11.05 21.43
C GLU D 167 37.39 10.99 20.23
N GLY D 168 36.89 11.19 19.02
CA GLY D 168 37.71 11.11 17.84
C GLY D 168 38.33 12.44 17.48
N PRO D 169 39.22 12.43 16.47
CA PRO D 169 39.87 13.68 16.08
C PRO D 169 38.88 14.67 15.48
N ARG D 170 39.10 15.95 15.79
CA ARG D 170 38.22 17.00 15.28
C ARG D 170 38.39 17.16 13.77
N LEU D 171 37.32 17.63 13.13
CA LEU D 171 37.31 17.82 11.69
C LEU D 171 37.13 19.26 11.25
N GLY D 172 36.53 20.11 12.07
CA GLY D 172 36.22 21.47 11.67
C GLY D 172 35.09 21.51 10.67
N ARG D 173 35.30 20.87 9.52
CA ARG D 173 34.27 20.70 8.51
C ARG D 173 34.72 19.64 7.54
N GLY D 174 33.76 18.93 6.95
CA GLY D 174 34.03 17.91 5.97
C GLY D 174 33.60 16.54 6.46
N THR D 175 34.04 15.52 5.72
CA THR D 175 33.64 14.15 5.97
C THR D 175 34.87 13.26 5.92
N SER D 176 35.11 12.52 7.00
CA SER D 176 36.20 11.54 7.06
C SER D 176 35.57 10.15 7.15
N MET D 177 35.75 9.36 6.10
CA MET D 177 35.19 8.01 6.02
C MET D 177 36.30 6.98 6.13
N LYS D 178 36.20 6.13 7.15
CA LYS D 178 37.15 5.04 7.35
C LYS D 178 36.56 3.75 6.81
N LEU D 179 37.30 3.06 5.95
CA LEU D 179 36.87 1.81 5.34
C LEU D 179 37.67 0.67 5.94
N PHE D 180 37.01 -0.19 6.71
CA PHE D 180 37.64 -1.38 7.27
C PHE D 180 37.74 -2.41 6.16
N ILE D 181 38.89 -2.46 5.48
CA ILE D 181 39.01 -3.24 4.26
C ILE D 181 39.01 -4.72 4.58
N LYS D 182 38.32 -5.50 3.74
CA LYS D 182 38.30 -6.94 3.88
C LYS D 182 39.72 -7.50 3.78
N GLU D 183 40.00 -8.53 4.58
CA GLU D 183 41.38 -9.00 4.73
C GLU D 183 41.96 -9.50 3.41
N ASP D 184 41.13 -10.06 2.54
CA ASP D 184 41.60 -10.51 1.24
C ASP D 184 41.98 -9.37 0.31
N LEU D 185 41.66 -8.12 0.67
CA LEU D 185 41.87 -6.99 -0.22
C LEU D 185 42.77 -5.93 0.40
N LYS D 186 43.87 -6.36 1.03
CA LYS D 186 44.80 -5.41 1.61
C LYS D 186 45.67 -4.72 0.57
N GLU D 187 45.39 -4.92 -0.71
CA GLU D 187 46.07 -4.22 -1.79
C GLU D 187 45.58 -2.79 -1.97
N TYR D 188 44.42 -2.44 -1.41
CA TYR D 188 43.89 -1.09 -1.48
C TYR D 188 44.40 -0.21 -0.34
N LEU D 189 45.47 -0.64 0.34
CA LEU D 189 46.23 0.22 1.25
C LEU D 189 47.64 0.46 0.75
N GLU D 190 48.06 -0.21 -0.31
CA GLU D 190 49.38 0.04 -0.88
C GLU D 190 49.46 1.44 -1.48
N GLU D 191 50.62 2.07 -1.32
CA GLU D 191 50.83 3.39 -1.90
C GLU D 191 50.75 3.33 -3.43
N LYS D 192 51.45 2.37 -4.03
CA LYS D 192 51.49 2.25 -5.48
C LYS D 192 50.10 2.07 -6.07
N ARG D 193 49.31 1.18 -5.46
CA ARG D 193 47.98 0.89 -5.97
C ARG D 193 47.05 2.10 -5.83
N ILE D 194 46.96 2.66 -4.63
CA ILE D 194 46.04 3.77 -4.39
C ILE D 194 46.32 4.93 -5.34
N ARG D 195 47.61 5.17 -5.62
CA ARG D 195 47.97 6.28 -6.50
C ARG D 195 47.59 6.00 -7.95
N GLU D 196 47.83 4.77 -8.43
CA GLU D 196 47.48 4.46 -9.80
C GLU D 196 45.97 4.30 -9.98
N ILE D 197 45.25 3.94 -8.91
CA ILE D 197 43.80 3.93 -8.95
C ILE D 197 43.26 5.35 -9.07
N VAL D 198 43.79 6.26 -8.26
CA VAL D 198 43.40 7.67 -8.36
C VAL D 198 43.81 8.24 -9.70
N LYS D 199 45.02 7.90 -10.16
CA LYS D 199 45.49 8.41 -11.44
C LYS D 199 44.63 7.90 -12.59
N LYS D 200 44.14 6.67 -12.49
CA LYS D 200 43.35 6.10 -13.58
C LYS D 200 41.91 6.61 -13.55
N HIS D 201 41.30 6.67 -12.37
CA HIS D 201 39.87 6.95 -12.27
C HIS D 201 39.55 8.41 -12.00
N SER D 202 40.52 9.20 -11.54
CA SER D 202 40.30 10.62 -11.23
C SER D 202 41.44 11.41 -11.85
N GLU D 203 41.45 11.50 -13.18
CA GLU D 203 42.56 12.12 -13.89
C GLU D 203 42.72 13.59 -13.51
N PHE D 204 41.60 14.33 -13.48
CA PHE D 204 41.67 15.75 -13.14
C PHE D 204 40.29 16.19 -12.66
N ILE D 205 40.14 16.34 -11.36
CA ILE D 205 38.96 16.95 -10.76
C ILE D 205 39.39 18.26 -10.11
N SER D 206 38.41 19.14 -9.89
CA SER D 206 38.70 20.52 -9.50
C SER D 206 39.49 20.61 -8.21
N TYR D 207 39.35 19.63 -7.33
CA TYR D 207 39.96 19.78 -6.02
C TYR D 207 41.19 18.89 -5.89
N PRO D 208 42.15 19.28 -5.04
CA PRO D 208 43.43 18.55 -4.99
C PRO D 208 43.30 17.25 -4.21
N ILE D 209 43.55 16.14 -4.87
CA ILE D 209 43.55 14.83 -4.23
C ILE D 209 44.93 14.58 -3.62
N GLN D 210 44.96 14.27 -2.33
CA GLN D 210 46.20 14.05 -1.62
C GLN D 210 46.26 12.62 -1.08
N LEU D 211 47.47 12.18 -0.77
CA LEU D 211 47.69 10.86 -0.19
C LEU D 211 48.74 10.95 0.90
N VAL D 212 48.42 10.39 2.07
CA VAL D 212 49.34 10.37 3.20
C VAL D 212 50.21 9.11 3.10
N VAL D 213 51.47 9.29 2.77
CA VAL D 213 52.43 8.19 2.75
C VAL D 213 53.21 8.20 4.04
N THR D 214 53.52 7.01 4.56
CA THR D 214 54.21 6.85 5.84
C THR D 214 55.49 6.07 5.60
N LYS D 215 56.63 6.73 5.80
CA LYS D 215 57.93 6.07 5.66
C LYS D 215 58.31 5.36 6.96
N SER E 6 -1.49 9.24 25.84
CA SER E 6 -0.97 10.60 25.92
C SER E 6 -1.18 11.35 24.60
N THR E 7 -0.57 12.52 24.48
CA THR E 7 -0.72 13.36 23.30
C THR E 7 0.65 13.85 22.85
N GLU E 8 1.05 13.50 21.64
CA GLU E 8 2.26 14.02 21.03
C GLU E 8 1.87 14.89 19.83
N THR E 9 2.28 16.15 19.87
CA THR E 9 1.93 17.09 18.82
C THR E 9 2.90 16.97 17.66
N PHE E 10 2.37 16.88 16.44
CA PHE E 10 3.17 16.83 15.23
C PHE E 10 3.04 18.15 14.48
N GLY E 11 3.67 18.22 13.33
CA GLY E 11 3.60 19.39 12.48
C GLY E 11 3.19 19.01 11.07
N PHE E 12 2.35 19.85 10.47
CA PHE E 12 1.96 19.64 9.08
C PHE E 12 3.16 19.78 8.17
N GLN E 13 3.20 18.98 7.11
CA GLN E 13 4.22 19.17 6.08
C GLN E 13 4.09 20.57 5.49
N ALA E 14 5.23 21.09 5.00
CA ALA E 14 5.26 22.48 4.54
C ALA E 14 4.22 22.74 3.47
N GLU E 15 3.95 21.74 2.62
CA GLU E 15 2.97 21.92 1.54
C GLU E 15 1.54 21.95 2.09
N ILE E 16 1.28 21.20 3.16
CA ILE E 16 -0.08 21.15 3.71
C ILE E 16 -0.43 22.48 4.35
N SER E 17 0.47 23.03 5.18
CA SER E 17 0.22 24.32 5.81
C SER E 17 -0.02 25.40 4.77
N GLN E 18 0.68 25.31 3.64
CA GLN E 18 0.46 26.26 2.55
C GLN E 18 -0.94 26.08 1.96
N LEU E 19 -1.37 24.83 1.76
CA LEU E 19 -2.71 24.59 1.25
C LEU E 19 -3.78 24.97 2.27
N LEU E 20 -3.56 24.61 3.54
CA LEU E 20 -4.51 24.97 4.58
C LEU E 20 -4.71 26.49 4.63
N ASP E 21 -3.64 27.25 4.44
CA ASP E 21 -3.77 28.70 4.38
C ASP E 21 -4.57 29.12 3.15
N LEU E 22 -4.38 28.42 2.02
CA LEU E 22 -5.11 28.74 0.81
C LEU E 22 -6.58 28.30 0.89
N ILE E 23 -6.89 27.33 1.74
CA ILE E 23 -8.27 26.84 1.85
C ILE E 23 -9.08 27.72 2.80
N ILE E 24 -8.51 28.04 3.97
CA ILE E 24 -9.25 28.77 4.97
C ILE E 24 -9.35 30.26 4.61
N ASN E 25 -8.23 30.86 4.22
CA ASN E 25 -8.15 32.31 4.08
C ASN E 25 -8.64 32.81 2.72
N THR E 26 -9.05 31.93 1.82
CA THR E 26 -9.58 32.32 0.52
C THR E 26 -11.07 31.98 0.46
N PHE E 27 -11.88 32.96 0.08
CA PHE E 27 -13.32 32.76 -0.03
C PHE E 27 -13.66 31.96 -1.26
N TYR E 28 -14.50 30.94 -1.09
CA TYR E 28 -15.02 30.14 -2.19
C TYR E 28 -16.52 29.98 -2.02
N SER E 29 -17.25 30.04 -3.14
CA SER E 29 -18.71 29.96 -3.07
C SER E 29 -19.18 28.54 -2.80
N ASN E 30 -18.71 27.59 -3.59
CA ASN E 30 -19.16 26.20 -3.50
C ASN E 30 -18.47 25.48 -2.33
N LYS E 31 -18.75 25.98 -1.12
CA LYS E 31 -18.22 25.35 0.08
C LYS E 31 -18.91 24.04 0.43
N GLU E 32 -20.05 23.75 -0.22
CA GLU E 32 -20.79 22.53 0.08
C GLU E 32 -20.10 21.27 -0.42
N ILE E 33 -19.10 21.40 -1.30
CA ILE E 33 -18.41 20.22 -1.83
C ILE E 33 -17.61 19.48 -0.79
N PHE E 34 -17.39 20.07 0.39
CA PHE E 34 -16.64 19.39 1.44
C PHE E 34 -17.31 18.09 1.84
N LEU E 35 -18.64 18.05 1.81
CA LEU E 35 -19.36 16.84 2.21
C LEU E 35 -19.14 15.71 1.22
N ARG E 36 -19.07 16.05 -0.08
CA ARG E 36 -18.85 15.01 -1.09
C ARG E 36 -17.45 14.41 -0.97
N GLU E 37 -16.46 15.23 -0.63
CA GLU E 37 -15.10 14.71 -0.48
C GLU E 37 -14.98 13.81 0.75
N LEU E 38 -15.70 14.14 1.81
CA LEU E 38 -15.66 13.30 3.01
C LEU E 38 -16.45 12.01 2.79
N ILE E 39 -17.55 12.09 2.04
CA ILE E 39 -18.30 10.88 1.70
C ILE E 39 -17.47 9.99 0.78
N SER E 40 -16.74 10.59 -0.17
CA SER E 40 -15.92 9.81 -1.08
C SER E 40 -14.79 9.11 -0.33
N ASN E 41 -14.14 9.81 0.60
CA ASN E 41 -13.08 9.19 1.38
C ASN E 41 -13.62 8.06 2.24
N SER E 42 -14.84 8.21 2.75
CA SER E 42 -15.45 7.14 3.51
C SER E 42 -15.75 5.93 2.62
N SER E 43 -16.19 6.18 1.39
CA SER E 43 -16.47 5.09 0.47
C SER E 43 -15.20 4.32 0.11
N ASP E 44 -14.09 5.02 -0.07
CA ASP E 44 -12.82 4.35 -0.36
C ASP E 44 -12.40 3.46 0.79
N ALA E 45 -12.48 3.98 2.02
CA ALA E 45 -12.14 3.16 3.19
C ALA E 45 -13.07 1.97 3.31
N LEU E 46 -14.35 2.17 2.99
CA LEU E 46 -15.28 1.05 2.96
C LEU E 46 -14.95 0.09 1.82
N ASP E 47 -14.48 0.62 0.69
CA ASP E 47 -14.03 -0.24 -0.40
C ASP E 47 -12.76 -0.99 -0.03
N LYS E 48 -11.93 -0.40 0.84
CA LYS E 48 -10.67 -1.05 1.19
C LYS E 48 -10.86 -2.17 2.20
N ILE E 49 -11.80 -2.02 3.13
CA ILE E 49 -12.05 -3.10 4.09
C ILE E 49 -12.78 -4.25 3.42
N ARG E 50 -13.62 -3.94 2.45
CA ARG E 50 -14.32 -4.99 1.76
C ARG E 50 -13.28 -5.77 0.98
N TYR E 51 -12.37 -5.04 0.34
CA TYR E 51 -11.28 -5.61 -0.43
C TYR E 51 -10.33 -6.40 0.46
N ALA E 52 -10.07 -5.88 1.66
CA ALA E 52 -9.19 -6.53 2.63
C ALA E 52 -9.76 -7.86 3.08
N ALA E 53 -11.08 -7.91 3.22
CA ALA E 53 -11.84 -9.07 3.64
C ALA E 53 -11.86 -10.24 2.65
N LEU E 54 -11.49 -10.01 1.40
CA LEU E 54 -11.51 -11.08 0.43
C LEU E 54 -10.57 -12.22 0.82
N THR E 55 -9.39 -11.88 1.32
CA THR E 55 -8.41 -12.89 1.69
C THR E 55 -8.56 -13.31 3.14
N ASP E 56 -9.14 -12.43 3.94
CA ASP E 56 -9.37 -12.67 5.36
C ASP E 56 -10.76 -12.14 5.69
N PRO E 57 -11.80 -12.98 5.58
CA PRO E 57 -13.16 -12.51 5.87
C PRO E 57 -13.36 -12.04 7.29
N SER E 58 -12.46 -12.41 8.22
CA SER E 58 -12.57 -11.98 9.61
C SER E 58 -12.22 -10.51 9.80
N GLN E 59 -11.77 -9.82 8.74
CA GLN E 59 -11.49 -8.40 8.86
C GLN E 59 -12.76 -7.59 9.09
N LEU E 60 -13.90 -8.11 8.64
CA LEU E 60 -15.19 -7.46 8.86
C LEU E 60 -15.81 -7.82 10.21
N ASP E 61 -15.17 -8.69 11.00
CA ASP E 61 -15.77 -9.12 12.26
C ASP E 61 -15.83 -7.98 13.26
N SER E 62 -14.88 -7.04 13.19
CA SER E 62 -14.90 -5.89 14.09
C SER E 62 -16.14 -5.03 13.89
N GLU E 63 -16.70 -5.04 12.68
CA GLU E 63 -17.91 -4.27 12.37
C GLU E 63 -18.44 -4.79 11.05
N LYS E 64 -19.57 -5.49 11.11
CA LYS E 64 -20.12 -6.17 9.93
C LYS E 64 -20.99 -5.26 9.07
N ASP E 65 -21.39 -4.10 9.58
CA ASP E 65 -22.21 -3.18 8.80
C ASP E 65 -21.34 -2.15 8.11
N LEU E 66 -21.50 -2.02 6.80
CA LEU E 66 -20.77 -1.05 5.99
C LEU E 66 -21.71 0.10 5.65
N TYR E 67 -21.43 1.28 6.18
CA TYR E 67 -22.32 2.43 5.96
C TYR E 67 -21.52 3.71 6.16
N ILE E 68 -22.11 4.81 5.70
CA ILE E 68 -21.62 6.15 5.96
C ILE E 68 -22.72 6.91 6.70
N ARG E 69 -22.41 7.37 7.90
CA ARG E 69 -23.40 8.00 8.76
C ARG E 69 -22.99 9.43 9.07
N ILE E 70 -23.92 10.36 8.89
CA ILE E 70 -23.71 11.78 9.15
C ILE E 70 -24.50 12.14 10.40
N ILE E 71 -23.83 12.78 11.37
CA ILE E 71 -24.47 13.10 12.64
C ILE E 71 -24.33 14.59 12.93
N PRO E 72 -25.31 15.41 12.52
CA PRO E 72 -25.26 16.84 12.87
C PRO E 72 -25.68 17.06 14.31
N ASN E 73 -24.84 17.77 15.06
CA ASN E 73 -25.10 18.10 16.47
C ASN E 73 -25.14 19.61 16.58
N LYS E 74 -26.35 20.18 16.56
CA LYS E 74 -26.49 21.63 16.62
C LYS E 74 -26.06 22.18 17.98
N GLU E 75 -26.33 21.45 19.06
CA GLU E 75 -25.93 21.91 20.38
C GLU E 75 -24.41 21.95 20.51
N GLU E 76 -23.72 20.94 20.01
CA GLU E 76 -22.26 20.95 19.97
C GLU E 76 -21.73 21.78 18.80
N GLY E 77 -22.58 22.17 17.87
CA GLY E 77 -22.14 22.90 16.70
C GLY E 77 -21.24 22.10 15.79
N THR E 78 -21.43 20.79 15.71
CA THR E 78 -20.53 19.90 15.01
C THR E 78 -21.27 19.04 14.00
N LEU E 79 -20.54 18.60 12.98
CA LEU E 79 -21.04 17.66 11.99
C LEU E 79 -20.12 16.44 11.99
N THR E 80 -20.64 15.31 12.45
CA THR E 80 -19.86 14.09 12.57
C THR E 80 -20.18 13.15 11.41
N ILE E 81 -19.14 12.61 10.79
CA ILE E 81 -19.27 11.69 9.65
C ILE E 81 -18.51 10.43 10.02
N ARG E 82 -19.23 9.39 10.43
CA ARG E 82 -18.63 8.13 10.86
C ARG E 82 -18.91 7.06 9.82
N ASP E 83 -17.86 6.45 9.30
CA ASP E 83 -17.94 5.30 8.43
C ASP E 83 -17.29 4.10 9.11
N THR E 84 -17.50 2.92 8.52
CA THR E 84 -16.94 1.68 9.03
C THR E 84 -15.87 1.14 8.09
N GLY E 85 -15.05 2.03 7.54
CA GLY E 85 -14.02 1.66 6.60
C GLY E 85 -12.88 0.91 7.27
N ILE E 86 -11.82 0.71 6.49
CA ILE E 86 -10.66 -0.04 6.96
C ILE E 86 -10.00 0.66 8.14
N GLY E 87 -10.07 1.98 8.18
CA GLY E 87 -9.50 2.76 9.26
C GLY E 87 -8.01 3.05 9.06
N MET E 88 -7.52 4.01 9.82
CA MET E 88 -6.13 4.41 9.78
C MET E 88 -5.43 4.01 11.07
N THR E 89 -4.19 3.54 10.94
CA THR E 89 -3.32 3.35 12.08
C THR E 89 -2.56 4.65 12.37
N LYS E 90 -1.83 4.66 13.48
CA LYS E 90 -1.07 5.84 13.88
C LYS E 90 -0.12 6.17 12.75
N ALA E 91 0.54 5.15 12.23
CA ALA E 91 1.46 5.34 11.12
C ALA E 91 0.71 5.85 9.91
N ASP E 92 -0.46 5.27 9.65
CA ASP E 92 -1.25 5.70 8.54
C ASP E 92 -1.70 7.13 8.74
N LEU E 93 -2.10 7.47 9.96
CA LEU E 93 -2.59 8.81 10.21
C LEU E 93 -1.53 9.85 9.94
N VAL E 94 -0.33 9.63 10.43
CA VAL E 94 0.74 10.58 10.15
C VAL E 94 1.08 10.58 8.67
N ASN E 95 1.07 9.40 8.07
CA ASN E 95 1.40 9.28 6.65
C ASN E 95 0.26 9.49 5.64
N ASN E 96 -0.97 9.70 6.10
CA ASN E 96 -2.07 10.00 5.17
C ASN E 96 -2.46 11.46 5.33
N LEU E 97 -2.18 12.02 6.51
CA LEU E 97 -2.44 13.42 6.83
C LEU E 97 -1.14 14.24 6.74
N GLY E 98 -0.08 13.58 6.30
CA GLY E 98 1.24 14.14 6.09
C GLY E 98 1.96 13.33 5.02
N THR E 99 3.03 13.86 4.45
CA THR E 99 3.85 13.17 3.42
C THR E 99 3.16 12.92 2.06
N ILE E 100 2.09 12.13 2.01
CA ILE E 100 1.38 11.94 0.75
C ILE E 100 0.73 13.25 0.35
N ALA E 101 0.17 13.94 1.36
CA ALA E 101 -0.47 15.22 1.16
C ALA E 101 0.53 16.13 0.51
N LYS E 102 1.75 16.16 1.04
CA LYS E 102 2.83 17.01 0.53
C LYS E 102 2.99 16.86 -0.98
N SER E 103 2.83 15.64 -1.50
CA SER E 103 2.94 15.43 -2.93
C SER E 103 1.67 15.85 -3.66
N GLY E 104 0.50 15.51 -3.10
CA GLY E 104 -0.75 15.87 -3.75
C GLY E 104 -1.13 17.33 -3.62
N THR E 105 -0.76 17.97 -2.51
CA THR E 105 -1.08 19.38 -2.32
C THR E 105 -0.36 20.26 -3.33
N LYS E 106 0.91 19.98 -3.59
CA LYS E 106 1.69 20.84 -4.49
C LYS E 106 1.10 20.84 -5.89
N ALA E 107 0.67 19.68 -6.38
CA ALA E 107 0.04 19.63 -7.71
C ALA E 107 -1.28 20.39 -7.71
N PHE E 108 -1.99 20.41 -6.59
CA PHE E 108 -3.26 21.13 -6.53
C PHE E 108 -3.05 22.63 -6.51
N MET E 109 -2.10 23.11 -5.72
CA MET E 109 -1.79 24.53 -5.69
C MET E 109 -1.22 25.00 -7.01
N GLU E 110 -0.43 24.15 -7.68
CA GLU E 110 0.04 24.47 -9.03
C GLU E 110 -1.12 24.61 -9.99
N ALA E 111 -2.21 23.88 -9.77
CA ALA E 111 -3.39 24.01 -10.62
C ALA E 111 -4.29 25.15 -10.16
N LEU E 112 -4.33 25.43 -8.86
CA LEU E 112 -5.16 26.52 -8.36
C LEU E 112 -4.65 27.87 -8.84
N SER E 113 -3.33 28.03 -8.95
CA SER E 113 -2.78 29.26 -9.49
C SER E 113 -3.10 29.41 -10.97
N SER E 114 -3.24 28.31 -11.69
CA SER E 114 -3.58 28.33 -13.10
C SER E 114 -5.05 28.60 -13.37
N GLY E 115 -5.85 28.80 -12.32
CA GLY E 115 -7.25 29.11 -12.48
C GLY E 115 -8.23 27.98 -12.24
N ALA E 116 -7.78 26.86 -11.69
CA ALA E 116 -8.67 25.76 -11.39
C ALA E 116 -9.62 26.13 -10.26
N ASP E 117 -10.72 25.39 -10.17
CA ASP E 117 -11.72 25.63 -9.15
C ASP E 117 -11.38 24.86 -7.88
N ILE E 118 -11.93 25.33 -6.76
CA ILE E 118 -11.68 24.70 -5.47
C ILE E 118 -12.32 23.31 -5.42
N SER E 119 -13.39 23.08 -6.17
CA SER E 119 -14.05 21.78 -6.18
C SER E 119 -13.13 20.69 -6.74
N MET E 120 -12.13 21.05 -7.54
CA MET E 120 -11.19 20.08 -8.08
C MET E 120 -10.22 19.55 -7.04
N ILE E 121 -10.43 19.84 -5.75
CA ILE E 121 -9.47 19.42 -4.73
C ILE E 121 -9.48 17.90 -4.57
N GLY E 122 -10.61 17.25 -4.84
CA GLY E 122 -10.66 15.81 -4.71
C GLY E 122 -9.82 15.08 -5.75
N GLN E 123 -9.64 15.70 -6.92
CA GLN E 123 -8.86 15.07 -7.97
C GLN E 123 -7.39 14.94 -7.59
N PHE E 124 -6.89 15.80 -6.71
CA PHE E 124 -5.50 15.80 -6.31
C PHE E 124 -5.26 15.06 -4.99
N GLY E 125 -6.22 14.23 -4.57
CA GLY E 125 -6.01 13.38 -3.42
C GLY E 125 -5.88 14.09 -2.09
N VAL E 126 -6.39 15.33 -1.98
CA VAL E 126 -6.32 16.07 -0.73
C VAL E 126 -7.69 16.66 -0.42
N GLY E 127 -8.75 15.98 -0.86
CA GLY E 127 -10.10 16.49 -0.66
C GLY E 127 -10.52 16.57 0.79
N PHE E 128 -9.78 15.93 1.70
CA PHE E 128 -10.11 16.02 3.11
C PHE E 128 -9.94 17.45 3.63
N TYR E 129 -8.83 18.09 3.28
CA TYR E 129 -8.54 19.42 3.78
C TYR E 129 -9.56 20.46 3.32
N SER E 130 -10.43 20.11 2.37
CA SER E 130 -11.58 20.95 2.07
C SER E 130 -12.56 21.04 3.22
N SER E 131 -12.40 20.21 4.25
CA SER E 131 -13.23 20.32 5.44
C SER E 131 -13.05 21.67 6.12
N TYR E 132 -11.86 22.24 6.03
CA TYR E 132 -11.58 23.55 6.63
C TYR E 132 -12.20 24.69 5.85
N LEU E 133 -12.83 24.42 4.70
CA LEU E 133 -13.67 25.43 4.06
C LEU E 133 -14.85 25.80 4.94
N VAL E 134 -15.38 24.83 5.70
CA VAL E 134 -16.53 25.06 6.56
C VAL E 134 -16.22 24.85 8.03
N ALA E 135 -15.10 24.23 8.37
CA ALA E 135 -14.77 23.90 9.74
C ALA E 135 -13.55 24.70 10.20
N GLU E 136 -13.62 25.20 11.44
CA GLU E 136 -12.48 25.84 12.06
C GLU E 136 -11.59 24.85 12.80
N LYS E 137 -12.13 23.70 13.21
CA LYS E 137 -11.38 22.63 13.83
C LYS E 137 -11.96 21.30 13.40
N VAL E 138 -11.10 20.31 13.19
CA VAL E 138 -11.51 19.00 12.71
C VAL E 138 -10.93 17.93 13.63
N GLN E 139 -11.80 17.06 14.13
CA GLN E 139 -11.41 15.89 14.91
C GLN E 139 -11.65 14.64 14.07
N VAL E 140 -10.66 13.76 14.01
CA VAL E 140 -10.73 12.53 13.23
C VAL E 140 -10.50 11.37 14.18
N THR E 141 -11.57 10.64 14.48
CA THR E 141 -11.49 9.43 15.29
C THR E 141 -11.46 8.23 14.35
N THR E 142 -10.39 7.44 14.43
CA THR E 142 -10.22 6.31 13.53
C THR E 142 -9.77 5.10 14.33
N LYS E 143 -10.07 3.92 13.78
CA LYS E 143 -9.73 2.66 14.43
C LYS E 143 -9.46 1.62 13.34
N HIS E 144 -8.28 1.04 13.36
CA HIS E 144 -7.91 -0.03 12.45
C HIS E 144 -8.00 -1.37 13.14
N ASN E 145 -8.17 -2.43 12.34
CA ASN E 145 -8.46 -3.75 12.90
C ASN E 145 -7.34 -4.25 13.79
N ASP E 146 -6.09 -3.93 13.45
CA ASP E 146 -4.94 -4.40 14.20
C ASP E 146 -4.25 -3.31 15.01
N ASP E 147 -4.90 -2.15 15.15
CA ASP E 147 -4.33 -1.04 15.90
C ASP E 147 -5.38 -0.46 16.83
N GLU E 148 -4.93 0.39 17.75
CA GLU E 148 -5.81 1.02 18.73
C GLU E 148 -6.56 2.18 18.08
N GLN E 149 -7.44 2.81 18.85
CA GLN E 149 -8.22 3.93 18.38
C GLN E 149 -7.45 5.23 18.63
N TYR E 150 -7.40 6.10 17.63
CA TYR E 150 -6.64 7.33 17.69
C TYR E 150 -7.51 8.52 17.30
N ILE E 151 -7.30 9.65 17.96
CA ILE E 151 -7.97 10.90 17.63
C ILE E 151 -6.95 11.82 16.97
N TRP E 152 -7.21 12.18 15.71
CA TRP E 152 -6.47 13.21 15.02
C TRP E 152 -7.23 14.51 15.14
N GLU E 153 -6.53 15.59 15.48
CA GLU E 153 -7.19 16.87 15.69
C GLU E 153 -6.24 18.00 15.32
N SER E 154 -6.77 18.99 14.59
CA SER E 154 -5.99 20.17 14.23
C SER E 154 -6.94 21.28 13.82
N ALA E 155 -6.69 22.49 14.32
CA ALA E 155 -7.41 23.68 13.89
C ALA E 155 -6.68 24.41 12.76
N ALA E 156 -5.88 23.68 11.98
CA ALA E 156 -5.10 24.24 10.87
C ALA E 156 -4.14 25.34 11.35
N GLY E 157 -3.58 25.14 12.53
CA GLY E 157 -2.59 26.07 13.05
C GLY E 157 -1.19 25.65 12.70
N GLY E 158 -1.04 24.84 11.65
CA GLY E 158 0.23 24.32 11.23
C GLY E 158 0.65 23.04 11.94
N THR E 159 0.00 22.70 13.05
CA THR E 159 0.32 21.51 13.81
C THR E 159 -0.94 20.64 13.93
N PHE E 160 -0.72 19.34 14.16
CA PHE E 160 -1.81 18.41 14.40
C PHE E 160 -1.44 17.47 15.53
N THR E 161 -2.45 17.00 16.25
CA THR E 161 -2.28 16.17 17.44
C THR E 161 -2.89 14.80 17.20
N ILE E 162 -2.15 13.75 17.57
CA ILE E 162 -2.62 12.37 17.45
C ILE E 162 -2.70 11.80 18.86
N THR E 163 -3.92 11.62 19.35
CA THR E 163 -4.18 11.15 20.71
C THR E 163 -4.79 9.75 20.67
N GLU E 164 -4.20 8.83 21.41
CA GLU E 164 -4.75 7.49 21.55
C GLU E 164 -6.07 7.56 22.31
N ASP E 165 -7.18 7.29 21.63
CA ASP E 165 -8.49 7.46 22.22
C ASP E 165 -8.73 6.40 23.30
N THR E 166 -8.98 6.87 24.52
CA THR E 166 -9.28 5.99 25.64
C THR E 166 -10.56 6.33 26.37
N GLU E 167 -11.16 7.50 26.10
CA GLU E 167 -12.40 7.90 26.76
C GLU E 167 -13.54 8.17 25.79
N GLY E 168 -13.28 8.26 24.50
CA GLY E 168 -14.34 8.43 23.52
C GLY E 168 -15.03 7.13 23.22
N PRO E 169 -16.18 7.23 22.55
CA PRO E 169 -16.94 6.02 22.20
C PRO E 169 -16.18 5.18 21.18
N ARG E 170 -16.13 3.88 21.42
CA ARG E 170 -15.42 2.97 20.54
C ARG E 170 -16.07 2.93 19.16
N LEU E 171 -15.26 2.65 18.14
CA LEU E 171 -15.75 2.55 16.78
C LEU E 171 -15.72 1.13 16.23
N GLY E 172 -14.97 0.23 16.86
CA GLY E 172 -14.81 -1.12 16.33
C GLY E 172 -13.92 -1.14 15.11
N ARG E 173 -14.29 -0.35 14.10
CA ARG E 173 -13.49 -0.16 12.89
C ARG E 173 -14.11 0.99 12.11
N GLY E 174 -13.25 1.77 11.45
CA GLY E 174 -13.73 2.87 10.64
C GLY E 174 -13.11 4.20 10.99
N THR E 175 -13.74 5.30 10.56
CA THR E 175 -13.19 6.63 10.72
C THR E 175 -14.34 7.60 10.99
N SER E 176 -14.43 8.09 12.23
CA SER E 176 -15.43 9.09 12.61
C SER E 176 -14.77 10.45 12.64
N MET E 177 -15.33 11.40 11.89
CA MET E 177 -14.75 12.73 11.76
C MET E 177 -15.77 13.78 12.20
N LYS E 178 -15.40 14.60 13.18
CA LYS E 178 -16.25 15.64 13.71
C LYS E 178 -15.75 17.00 13.20
N LEU E 179 -16.63 17.75 12.56
CA LEU E 179 -16.29 19.06 12.01
C LEU E 179 -16.91 20.15 12.88
N PHE E 180 -16.05 20.98 13.48
CA PHE E 180 -16.51 22.15 14.22
C PHE E 180 -16.78 23.25 13.22
N ILE E 181 -18.05 23.39 12.82
CA ILE E 181 -18.42 24.28 11.73
C ILE E 181 -18.21 25.73 12.14
N LYS E 182 -17.70 26.54 11.21
CA LYS E 182 -17.55 27.97 11.46
C LYS E 182 -18.90 28.60 11.77
N GLU E 183 -18.89 29.63 12.61
CA GLU E 183 -20.12 30.16 13.18
C GLU E 183 -21.06 30.68 12.11
N ASP E 184 -20.53 31.33 11.08
CA ASP E 184 -21.34 31.87 10.00
C ASP E 184 -21.76 30.81 8.99
N LEU E 185 -21.48 29.53 9.25
CA LEU E 185 -21.76 28.47 8.29
C LEU E 185 -22.62 27.35 8.89
N LYS E 186 -23.41 27.66 9.93
CA LYS E 186 -24.24 26.66 10.58
C LYS E 186 -25.34 26.13 9.68
N GLU E 187 -25.46 26.63 8.45
CA GLU E 187 -26.43 26.06 7.51
C GLU E 187 -26.11 24.62 7.16
N TYR E 188 -24.85 24.21 7.28
CA TYR E 188 -24.43 22.84 6.99
C TYR E 188 -24.72 21.88 8.14
N LEU E 189 -25.46 22.32 9.16
CA LEU E 189 -25.98 21.43 10.18
C LEU E 189 -27.47 21.19 10.05
N GLU E 190 -28.16 21.90 9.17
CA GLU E 190 -29.58 21.71 8.98
C GLU E 190 -29.85 20.39 8.25
N GLU E 191 -30.96 19.74 8.62
CA GLU E 191 -31.28 18.44 8.04
C GLU E 191 -31.53 18.57 6.53
N LYS E 192 -32.46 19.44 6.14
CA LYS E 192 -32.80 19.57 4.73
C LYS E 192 -31.60 19.99 3.90
N ARG E 193 -30.74 20.84 4.46
CA ARG E 193 -29.53 21.25 3.75
C ARG E 193 -28.59 20.07 3.55
N ILE E 194 -28.41 19.24 4.58
CA ILE E 194 -27.51 18.09 4.48
C ILE E 194 -28.04 17.08 3.48
N ARG E 195 -29.36 16.82 3.51
CA ARG E 195 -29.93 15.82 2.63
C ARG E 195 -29.89 16.26 1.17
N GLU E 196 -30.23 17.52 0.90
CA GLU E 196 -30.20 18.01 -0.47
C GLU E 196 -28.77 18.08 -1.00
N ILE E 197 -27.78 18.23 -0.11
CA ILE E 197 -26.39 18.21 -0.55
C ILE E 197 -25.95 16.79 -0.87
N VAL E 198 -26.26 15.84 0.02
CA VAL E 198 -25.94 14.44 -0.24
C VAL E 198 -26.65 13.96 -1.50
N LYS E 199 -27.93 14.32 -1.65
CA LYS E 199 -28.68 13.90 -2.83
C LYS E 199 -28.12 14.53 -4.10
N LYS E 200 -27.52 15.71 -4.00
CA LYS E 200 -26.99 16.40 -5.16
C LYS E 200 -25.58 15.93 -5.54
N HIS E 201 -24.75 15.63 -4.55
CA HIS E 201 -23.36 15.29 -4.80
C HIS E 201 -23.04 13.80 -4.63
N SER E 202 -23.99 12.99 -4.16
CA SER E 202 -23.77 11.57 -3.94
C SER E 202 -24.88 10.77 -4.62
N GLU E 203 -25.05 10.99 -5.93
CA GLU E 203 -26.06 10.26 -6.67
C GLU E 203 -25.68 8.79 -6.84
N PHE E 204 -24.48 8.52 -7.35
CA PHE E 204 -24.00 7.16 -7.54
C PHE E 204 -22.95 6.85 -6.49
N ILE E 205 -23.40 6.68 -5.24
CA ILE E 205 -22.57 6.16 -4.17
C ILE E 205 -22.89 4.68 -3.99
N SER E 206 -21.87 3.90 -3.65
CA SER E 206 -22.02 2.46 -3.56
C SER E 206 -22.47 1.99 -2.19
N TYR E 207 -22.36 2.83 -1.17
CA TYR E 207 -22.64 2.45 0.21
C TYR E 207 -23.83 3.22 0.76
N PRO E 208 -24.51 2.68 1.77
CA PRO E 208 -25.68 3.38 2.33
C PRO E 208 -25.26 4.61 3.11
N ILE E 209 -25.84 5.75 2.73
CA ILE E 209 -25.62 7.01 3.44
C ILE E 209 -26.73 7.16 4.47
N GLN E 210 -26.34 7.33 5.73
CA GLN E 210 -27.28 7.49 6.83
C GLN E 210 -27.15 8.90 7.41
N LEU E 211 -28.28 9.47 7.80
CA LEU E 211 -28.32 10.77 8.45
C LEU E 211 -29.06 10.64 9.77
N VAL E 212 -28.38 10.97 10.87
CA VAL E 212 -28.98 10.91 12.20
C VAL E 212 -29.66 12.24 12.45
N VAL E 213 -30.97 12.28 12.20
CA VAL E 213 -31.77 13.46 12.50
C VAL E 213 -32.22 13.39 13.95
N THR E 214 -32.25 14.54 14.62
CA THR E 214 -32.58 14.61 16.03
C THR E 214 -33.87 15.40 16.22
N LYS E 215 -34.89 14.75 16.76
CA LYS E 215 -36.18 15.39 17.02
C LYS E 215 -36.31 15.71 18.51
N MET F 5 6.56 44.16 -3.51
CA MET F 5 5.85 43.79 -4.74
C MET F 5 5.01 42.53 -4.55
N SER F 6 5.36 41.48 -5.28
CA SER F 6 4.64 40.22 -5.18
C SER F 6 5.06 39.47 -3.91
N THR F 7 4.14 38.64 -3.41
CA THR F 7 4.33 37.92 -2.16
C THR F 7 4.23 36.42 -2.42
N GLU F 8 5.28 35.69 -2.08
CA GLU F 8 5.27 34.23 -2.12
C GLU F 8 5.00 33.72 -0.71
N THR F 9 3.97 32.90 -0.55
CA THR F 9 3.61 32.33 0.74
C THR F 9 4.16 30.91 0.83
N PHE F 10 4.97 30.67 1.85
CA PHE F 10 5.54 29.35 2.10
C PHE F 10 4.93 28.77 3.37
N GLY F 11 5.23 27.49 3.59
CA GLY F 11 4.82 26.81 4.81
C GLY F 11 6.04 26.33 5.58
N PHE F 12 6.00 26.51 6.90
CA PHE F 12 7.10 26.04 7.73
C PHE F 12 7.24 24.54 7.61
N GLN F 13 8.48 24.05 7.72
CA GLN F 13 8.69 22.62 7.81
C GLN F 13 8.05 22.08 9.08
N ALA F 14 7.66 20.81 9.03
CA ALA F 14 6.88 20.22 10.13
C ALA F 14 7.56 20.39 11.47
N GLU F 15 8.89 20.29 11.51
CA GLU F 15 9.62 20.42 12.76
C GLU F 15 9.55 21.85 13.31
N ILE F 16 9.49 22.85 12.42
CA ILE F 16 9.41 24.23 12.88
C ILE F 16 8.00 24.54 13.39
N SER F 17 6.98 24.17 12.62
CA SER F 17 5.61 24.30 13.09
C SER F 17 5.42 23.56 14.42
N GLN F 18 6.02 22.37 14.53
CA GLN F 18 6.01 21.64 15.80
C GLN F 18 6.74 22.42 16.88
N LEU F 19 7.86 23.07 16.53
CA LEU F 19 8.62 23.84 17.50
C LEU F 19 7.88 25.12 17.87
N LEU F 20 7.26 25.78 16.89
CA LEU F 20 6.53 27.02 17.17
C LEU F 20 5.36 26.78 18.10
N ASP F 21 4.71 25.62 18.00
CA ASP F 21 3.58 25.32 18.87
C ASP F 21 4.01 25.27 20.33
N LEU F 22 5.18 24.71 20.61
CA LEU F 22 5.66 24.64 21.99
C LEU F 22 6.03 26.02 22.52
N ILE F 23 6.48 26.93 21.65
CA ILE F 23 6.85 28.26 22.10
C ILE F 23 5.61 29.07 22.46
N ILE F 24 4.58 29.01 21.62
CA ILE F 24 3.40 29.84 21.83
C ILE F 24 2.48 29.23 22.88
N ASN F 25 2.23 27.92 22.78
CA ASN F 25 1.20 27.26 23.57
C ASN F 25 1.71 26.66 24.87
N THR F 26 2.96 26.96 25.25
CA THR F 26 3.49 26.54 26.55
C THR F 26 4.05 27.77 27.24
N PHE F 27 3.70 27.94 28.51
CA PHE F 27 4.12 29.11 29.27
C PHE F 27 5.53 28.91 29.83
N TYR F 28 6.37 29.93 29.68
CA TYR F 28 7.71 29.94 30.25
C TYR F 28 7.91 31.22 31.05
N SER F 29 8.72 31.13 32.09
CA SER F 29 8.94 32.27 32.97
C SER F 29 10.01 33.21 32.40
N ASN F 30 11.15 32.66 31.98
CA ASN F 30 12.26 33.45 31.48
C ASN F 30 12.08 33.76 29.99
N LYS F 31 10.99 34.49 29.69
CA LYS F 31 10.75 34.92 28.32
C LYS F 31 11.75 35.99 27.86
N GLU F 32 12.52 36.57 28.79
CA GLU F 32 13.48 37.61 28.44
C GLU F 32 14.64 37.08 27.60
N ILE F 33 14.78 35.76 27.48
CA ILE F 33 15.89 35.19 26.72
C ILE F 33 15.76 35.42 25.22
N PHE F 34 14.59 35.87 24.75
CA PHE F 34 14.42 36.14 23.33
C PHE F 34 15.40 37.21 22.86
N LEU F 35 15.63 38.23 23.70
CA LEU F 35 16.54 39.29 23.32
C LEU F 35 17.98 38.77 23.24
N ARG F 36 18.32 37.86 24.12
CA ARG F 36 19.65 37.30 24.13
C ARG F 36 19.92 36.64 22.79
N GLU F 37 19.01 35.76 22.39
CA GLU F 37 19.18 35.04 21.14
C GLU F 37 19.16 35.94 19.91
N LEU F 38 18.25 36.90 19.89
CA LEU F 38 18.16 37.80 18.74
C LEU F 38 19.42 38.63 18.63
N ILE F 39 19.90 39.12 19.76
CA ILE F 39 21.13 39.90 19.78
C ILE F 39 22.30 39.03 19.38
N SER F 40 22.32 37.80 19.85
CA SER F 40 23.39 36.89 19.53
C SER F 40 23.45 36.63 18.05
N ASN F 41 22.30 36.46 17.41
CA ASN F 41 22.27 36.21 15.98
C ASN F 41 22.83 37.40 15.22
N SER F 42 22.49 38.60 15.66
CA SER F 42 22.99 39.81 15.03
C SER F 42 24.51 39.87 15.16
N SER F 43 25.02 39.53 16.33
CA SER F 43 26.45 39.53 16.56
C SER F 43 27.11 38.51 15.66
N ASP F 44 26.49 37.34 15.53
CA ASP F 44 27.01 36.28 14.66
C ASP F 44 27.00 36.77 13.22
N ALA F 45 25.93 37.46 12.84
CA ALA F 45 25.80 37.99 11.49
C ALA F 45 26.89 39.03 11.24
N LEU F 46 27.17 39.86 12.24
CA LEU F 46 28.19 40.88 12.08
C LEU F 46 29.54 40.21 11.87
N ASP F 47 29.82 39.19 12.68
CA ASP F 47 31.07 38.45 12.54
C ASP F 47 31.25 37.94 11.12
N LYS F 48 30.15 37.59 10.45
CA LYS F 48 30.23 37.05 9.09
C LYS F 48 30.56 38.13 8.06
N ILE F 49 30.10 39.36 8.27
CA ILE F 49 30.43 40.43 7.33
C ILE F 49 31.80 41.02 7.66
N ARG F 50 32.18 41.05 8.95
CA ARG F 50 33.54 41.43 9.30
C ARG F 50 34.56 40.44 8.75
N TYR F 51 34.21 39.15 8.77
CA TYR F 51 35.07 38.13 8.17
C TYR F 51 35.15 38.31 6.66
N ALA F 52 34.05 38.71 6.01
CA ALA F 52 34.05 38.88 4.57
C ALA F 52 34.87 40.10 4.14
N ALA F 53 35.02 41.08 5.03
CA ALA F 53 35.75 42.29 4.68
C ALA F 53 37.25 42.07 4.61
N LEU F 54 37.75 40.96 5.16
CA LEU F 54 39.18 40.69 5.09
C LEU F 54 39.59 40.27 3.68
N THR F 55 38.83 39.36 3.08
CA THR F 55 39.09 38.95 1.70
C THR F 55 38.61 39.98 0.68
N ASP F 56 37.70 40.86 1.06
CA ASP F 56 37.16 41.88 0.18
C ASP F 56 36.63 43.05 1.02
N PRO F 57 37.43 44.11 1.20
CA PRO F 57 36.97 45.21 2.08
C PRO F 57 35.84 46.04 1.49
N SER F 58 35.58 45.92 0.18
CA SER F 58 34.50 46.68 -0.42
C SER F 58 33.12 46.18 -0.02
N GLN F 59 33.04 45.05 0.68
CA GLN F 59 31.75 44.52 1.12
C GLN F 59 31.09 45.41 2.17
N LEU F 60 31.86 46.24 2.86
CA LEU F 60 31.31 47.15 3.85
C LEU F 60 30.79 48.45 3.24
N ASP F 61 30.88 48.61 1.92
CA ASP F 61 30.46 49.87 1.31
C ASP F 61 28.96 50.09 1.42
N SER F 62 28.17 49.02 1.53
CA SER F 62 26.75 49.17 1.73
C SER F 62 26.43 49.82 3.08
N GLU F 63 27.26 49.57 4.09
CA GLU F 63 27.19 50.27 5.36
C GLU F 63 28.46 50.02 6.17
N LYS F 64 29.30 51.04 6.31
CA LYS F 64 30.61 50.84 6.91
C LYS F 64 30.56 50.74 8.43
N ASP F 65 29.44 51.10 9.05
CA ASP F 65 29.31 51.03 10.50
C ASP F 65 28.70 49.69 10.90
N LEU F 66 29.34 49.02 11.83
CA LEU F 66 28.88 47.73 12.35
C LEU F 66 28.29 47.96 13.74
N TYR F 67 26.97 47.84 13.86
CA TYR F 67 26.29 48.09 15.11
C TYR F 67 25.08 47.19 15.22
N ILE F 68 24.51 47.12 16.43
CA ILE F 68 23.25 46.46 16.70
C ILE F 68 22.36 47.48 17.40
N ARG F 69 21.23 47.84 16.77
CA ARG F 69 20.37 48.89 17.25
C ARG F 69 19.02 48.31 17.64
N ILE F 70 18.54 48.68 18.83
CA ILE F 70 17.25 48.24 19.35
C ILE F 70 16.34 49.46 19.41
N ILE F 71 15.18 49.36 18.75
CA ILE F 71 14.26 50.50 18.67
C ILE F 71 12.90 50.09 19.22
N PRO F 72 12.64 50.28 20.52
CA PRO F 72 11.30 50.00 21.06
C PRO F 72 10.33 51.11 20.69
N ASN F 73 9.17 50.70 20.18
CA ASN F 73 8.11 51.63 19.78
C ASN F 73 6.86 51.27 20.58
N LYS F 74 6.59 52.03 21.65
CA LYS F 74 5.43 51.75 22.48
C LYS F 74 4.12 52.04 21.75
N GLU F 75 4.10 53.10 20.93
CA GLU F 75 2.89 53.45 20.21
C GLU F 75 2.54 52.38 19.18
N GLU F 76 3.52 51.92 18.42
CA GLU F 76 3.31 50.84 17.47
C GLU F 76 3.26 49.46 18.14
N GLY F 77 3.70 49.37 19.39
CA GLY F 77 3.74 48.09 20.07
C GLY F 77 4.75 47.11 19.50
N THR F 78 5.87 47.62 18.98
CA THR F 78 6.86 46.79 18.32
C THR F 78 8.25 46.98 18.95
N LEU F 79 9.07 45.93 18.83
CA LEU F 79 10.47 45.97 19.22
C LEU F 79 11.31 45.58 18.02
N THR F 80 12.16 46.50 17.56
CA THR F 80 12.92 46.31 16.34
C THR F 80 14.39 46.08 16.67
N ILE F 81 14.95 44.99 16.14
CA ILE F 81 16.36 44.65 16.31
C ILE F 81 17.02 44.89 14.95
N ARG F 82 17.76 45.98 14.85
CA ARG F 82 18.41 46.41 13.62
C ARG F 82 19.90 46.19 13.75
N ASP F 83 20.46 45.36 12.87
CA ASP F 83 21.89 45.10 12.84
C ASP F 83 22.40 45.21 11.41
N THR F 84 23.68 45.54 11.29
CA THR F 84 24.29 45.74 9.97
C THR F 84 25.22 44.58 9.64
N GLY F 85 24.73 43.36 9.80
CA GLY F 85 25.52 42.18 9.53
C GLY F 85 25.58 41.86 8.04
N ILE F 86 25.94 40.60 7.75
CA ILE F 86 26.09 40.18 6.36
C ILE F 86 24.76 40.16 5.62
N GLY F 87 23.65 40.05 6.33
CA GLY F 87 22.35 40.00 5.70
C GLY F 87 22.04 38.61 5.14
N MET F 88 20.82 38.49 4.63
CA MET F 88 20.32 37.22 4.11
C MET F 88 19.77 37.41 2.71
N THR F 89 20.26 36.63 1.75
CA THR F 89 19.65 36.58 0.44
C THR F 89 18.28 35.90 0.55
N LYS F 90 17.51 35.97 -0.53
CA LYS F 90 16.23 35.26 -0.56
C LYS F 90 16.44 33.77 -0.38
N ALA F 91 17.40 33.20 -1.12
CA ALA F 91 17.70 31.78 -0.97
C ALA F 91 18.21 31.47 0.43
N ASP F 92 19.04 32.36 0.99
CA ASP F 92 19.49 32.16 2.37
C ASP F 92 18.35 32.39 3.36
N LEU F 93 17.42 33.30 3.04
CA LEU F 93 16.32 33.59 3.95
C LEU F 93 15.35 32.41 4.02
N VAL F 94 14.85 31.97 2.85
CA VAL F 94 13.88 30.88 2.81
C VAL F 94 14.44 29.65 3.50
N ASN F 95 15.77 29.48 3.48
CA ASN F 95 16.40 28.38 4.19
C ASN F 95 16.30 28.56 5.70
N ASN F 96 17.04 29.55 6.24
CA ASN F 96 17.17 29.70 7.68
C ASN F 96 15.81 29.74 8.39
N LEU F 97 14.82 30.35 7.77
CA LEU F 97 13.49 30.49 8.36
C LEU F 97 12.52 29.61 7.57
N GLY F 98 12.24 28.42 8.10
CA GLY F 98 11.33 27.48 7.47
C GLY F 98 11.99 26.58 6.46
N THR F 99 11.47 25.36 6.30
CA THR F 99 11.86 24.41 5.26
C THR F 99 13.30 23.93 5.38
N ILE F 100 13.99 24.21 6.48
CA ILE F 100 15.39 23.78 6.62
C ILE F 100 15.70 23.30 8.02
N ALA F 101 15.44 24.12 9.03
CA ALA F 101 15.88 23.80 10.39
C ALA F 101 15.28 22.48 10.86
N LYS F 102 16.15 21.55 11.26
CA LYS F 102 15.74 20.21 11.67
C LYS F 102 16.88 19.54 12.42
N SER F 103 18.09 20.10 12.27
CA SER F 103 19.33 19.57 12.84
C SER F 103 19.16 18.97 14.22
N GLY F 104 18.97 19.82 15.22
CA GLY F 104 18.74 19.36 16.58
C GLY F 104 17.41 19.83 17.13
N THR F 105 16.57 20.38 16.26
CA THR F 105 15.27 20.88 16.69
C THR F 105 14.44 19.78 17.33
N LYS F 106 14.41 18.59 16.70
CA LYS F 106 13.77 17.44 17.32
C LYS F 106 14.32 17.18 18.71
N ALA F 107 15.64 17.13 18.83
CA ALA F 107 16.27 16.90 20.13
C ALA F 107 15.89 18.00 21.11
N PHE F 108 15.95 19.26 20.68
CA PHE F 108 15.51 20.36 21.54
C PHE F 108 14.05 20.19 21.96
N MET F 109 13.17 19.96 20.99
CA MET F 109 11.77 19.73 21.31
C MET F 109 11.60 18.53 22.22
N GLU F 110 12.32 17.43 21.94
CA GLU F 110 12.24 16.26 22.80
C GLU F 110 12.87 16.54 24.17
N ALA F 111 13.96 17.29 24.20
CA ALA F 111 14.54 17.69 25.48
C ALA F 111 13.63 18.66 26.21
N LEU F 112 13.05 19.61 25.48
CA LEU F 112 12.16 20.60 26.10
C LEU F 112 10.83 19.98 26.51
N SER F 113 10.35 18.97 25.77
CA SER F 113 9.08 18.34 26.13
C SER F 113 9.14 17.68 27.50
N SER F 114 10.29 17.11 27.84
CA SER F 114 10.48 16.49 29.16
C SER F 114 10.64 17.50 30.29
N GLY F 115 10.40 18.79 30.05
CA GLY F 115 10.46 19.80 31.08
C GLY F 115 11.71 20.64 31.13
N ALA F 116 12.50 20.67 30.06
CA ALA F 116 13.73 21.44 30.06
C ALA F 116 13.42 22.94 29.98
N ASP F 117 14.47 23.75 30.07
CA ASP F 117 14.34 25.20 30.03
C ASP F 117 14.43 25.70 28.60
N ILE F 118 13.67 26.77 28.33
CA ILE F 118 13.68 27.39 27.01
C ILE F 118 15.01 28.10 26.74
N SER F 119 15.76 28.44 27.79
CA SER F 119 17.02 29.17 27.61
C SER F 119 18.04 28.38 26.81
N MET F 120 17.92 27.05 26.76
CA MET F 120 18.83 26.21 25.99
C MET F 120 18.54 26.26 24.49
N ILE F 121 17.68 27.18 24.04
CA ILE F 121 17.31 27.24 22.63
C ILE F 121 18.48 27.72 21.77
N GLY F 122 19.45 28.42 22.35
CA GLY F 122 20.59 28.87 21.59
C GLY F 122 21.57 27.75 21.25
N GLN F 123 21.63 26.72 22.10
CA GLN F 123 22.55 25.62 21.84
C GLN F 123 22.13 24.81 20.62
N PHE F 124 20.83 24.76 20.32
CA PHE F 124 20.32 23.99 19.20
C PHE F 124 20.16 24.81 17.93
N GLY F 125 20.46 26.10 17.98
CA GLY F 125 20.47 26.92 16.78
C GLY F 125 19.13 27.35 16.26
N VAL F 126 18.14 27.44 17.14
CA VAL F 126 16.81 27.89 16.76
C VAL F 126 16.42 29.03 17.66
N GLY F 127 17.38 29.89 17.91
CA GLY F 127 17.20 31.04 18.77
C GLY F 127 16.19 32.04 18.28
N PHE F 128 16.11 32.22 16.97
CA PHE F 128 15.21 33.22 16.43
C PHE F 128 13.75 33.01 16.81
N TYR F 129 13.29 31.78 16.80
CA TYR F 129 11.88 31.53 17.11
C TYR F 129 11.46 31.95 18.51
N SER F 130 12.40 31.94 19.45
CA SER F 130 12.10 32.34 20.82
C SER F 130 11.48 33.73 20.87
N SER F 131 11.59 34.50 19.79
CA SER F 131 10.92 35.79 19.73
C SER F 131 9.40 35.64 19.85
N TYR F 132 8.86 34.52 19.37
CA TYR F 132 7.43 34.27 19.48
C TYR F 132 6.98 33.99 20.90
N LEU F 133 7.91 33.89 21.86
CA LEU F 133 7.51 33.89 23.27
C LEU F 133 6.86 35.21 23.65
N VAL F 134 7.28 36.30 23.03
CA VAL F 134 6.76 37.64 23.35
C VAL F 134 6.11 38.31 22.15
N ALA F 135 6.18 37.73 20.95
CA ALA F 135 5.71 38.38 19.74
C ALA F 135 4.55 37.62 19.14
N GLU F 136 3.46 38.33 18.84
CA GLU F 136 2.36 37.74 18.10
C GLU F 136 2.71 37.57 16.63
N LYS F 137 3.46 38.53 16.07
CA LYS F 137 3.86 38.51 14.68
C LYS F 137 5.29 39.00 14.59
N VAL F 138 6.07 38.43 13.67
CA VAL F 138 7.48 38.76 13.51
C VAL F 138 7.73 39.11 12.04
N GLN F 139 8.26 40.30 11.80
CA GLN F 139 8.71 40.72 10.49
C GLN F 139 10.22 40.80 10.47
N VAL F 140 10.84 40.25 9.44
CA VAL F 140 12.30 40.22 9.31
C VAL F 140 12.64 40.84 7.95
N THR F 141 13.07 42.09 7.96
CA THR F 141 13.55 42.75 6.75
C THR F 141 15.06 42.57 6.65
N THR F 142 15.52 42.05 5.53
CA THR F 142 16.93 41.74 5.34
C THR F 142 17.40 42.27 4.00
N LYS F 143 18.72 42.42 3.88
CA LYS F 143 19.35 42.89 2.65
C LYS F 143 20.78 42.37 2.63
N HIS F 144 21.07 41.51 1.66
CA HIS F 144 22.42 40.98 1.45
C HIS F 144 23.03 41.65 0.23
N ASN F 145 24.37 41.67 0.19
CA ASN F 145 25.09 42.38 -0.86
C ASN F 145 24.76 41.84 -2.25
N ASP F 146 24.58 40.52 -2.35
CA ASP F 146 24.38 39.87 -3.64
C ASP F 146 22.92 39.65 -3.98
N ASP F 147 21.99 40.13 -3.15
CA ASP F 147 20.57 39.94 -3.40
C ASP F 147 19.84 41.24 -3.08
N GLU F 148 18.53 41.25 -3.32
CA GLU F 148 17.72 42.42 -3.04
C GLU F 148 17.22 42.39 -1.60
N GLN F 149 16.38 43.36 -1.26
CA GLN F 149 15.83 43.48 0.08
C GLN F 149 14.50 42.74 0.16
N TYR F 150 14.32 41.93 1.20
CA TYR F 150 13.12 41.11 1.36
C TYR F 150 12.54 41.29 2.75
N ILE F 151 11.22 41.20 2.83
CA ILE F 151 10.50 41.22 4.10
C ILE F 151 9.94 39.83 4.34
N TRP F 152 10.47 39.15 5.34
CA TRP F 152 9.94 37.88 5.81
C TRP F 152 9.03 38.15 7.00
N GLU F 153 7.81 37.61 6.96
CA GLU F 153 6.82 37.89 7.98
C GLU F 153 6.01 36.65 8.26
N SER F 154 5.76 36.39 9.55
CA SER F 154 4.97 35.24 9.94
C SER F 154 4.37 35.48 11.32
N ALA F 155 3.10 35.10 11.48
CA ALA F 155 2.44 35.05 12.77
C ALA F 155 2.46 33.64 13.36
N ALA F 156 3.35 32.78 12.85
CA ALA F 156 3.49 31.40 13.32
C ALA F 156 2.21 30.60 13.14
N GLY F 157 1.50 30.87 12.04
CA GLY F 157 0.31 30.11 11.71
C GLY F 157 0.60 29.03 10.69
N GLY F 158 1.76 28.38 10.83
CA GLY F 158 2.18 27.35 9.90
C GLY F 158 2.70 27.88 8.57
N THR F 159 2.54 29.17 8.29
CA THR F 159 2.97 29.75 7.02
C THR F 159 3.73 31.05 7.28
N PHE F 160 4.67 31.34 6.38
CA PHE F 160 5.37 32.61 6.37
C PHE F 160 5.37 33.17 4.96
N THR F 161 5.45 34.50 4.85
CA THR F 161 5.39 35.19 3.58
C THR F 161 6.70 35.94 3.33
N ILE F 162 7.23 35.80 2.12
CA ILE F 162 8.45 36.49 1.71
C ILE F 162 8.09 37.45 0.59
N THR F 163 8.24 38.75 0.85
CA THR F 163 7.94 39.80 -0.13
C THR F 163 9.21 40.58 -0.41
N GLU F 164 9.48 40.83 -1.69
CA GLU F 164 10.60 41.70 -2.04
C GLU F 164 10.29 43.13 -1.61
N ASP F 165 11.14 43.68 -0.75
CA ASP F 165 10.88 44.99 -0.17
C ASP F 165 11.14 46.06 -1.22
N THR F 166 10.08 46.75 -1.64
CA THR F 166 10.18 47.85 -2.58
C THR F 166 9.53 49.14 -2.09
N GLU F 167 8.74 49.10 -1.02
CA GLU F 167 8.11 50.29 -0.47
C GLU F 167 8.62 50.64 0.92
N GLY F 168 9.31 49.73 1.60
CA GLY F 168 9.83 49.99 2.92
C GLY F 168 11.20 50.65 2.87
N PRO F 169 11.68 51.10 4.03
CA PRO F 169 12.97 51.79 4.07
C PRO F 169 14.11 50.87 3.66
N ARG F 170 15.12 51.46 3.00
CA ARG F 170 16.28 50.70 2.57
C ARG F 170 17.18 50.38 3.76
N LEU F 171 17.93 49.29 3.62
CA LEU F 171 18.85 48.86 4.67
C LEU F 171 20.32 48.88 4.24
N GLY F 172 20.61 48.86 2.95
CA GLY F 172 21.98 48.75 2.48
C GLY F 172 22.53 47.36 2.74
N ARG F 173 22.61 46.98 4.02
CA ARG F 173 23.04 45.66 4.41
C ARG F 173 22.57 45.39 5.83
N GLY F 174 22.39 44.11 6.14
CA GLY F 174 21.96 43.69 7.46
C GLY F 174 20.52 43.22 7.46
N THR F 175 19.99 43.07 8.67
CA THR F 175 18.61 42.63 8.88
C THR F 175 17.94 43.52 9.92
N SER F 176 16.72 43.95 9.61
CA SER F 176 15.88 44.68 10.56
C SER F 176 14.71 43.77 10.92
N MET F 177 14.65 43.35 12.18
CA MET F 177 13.65 42.40 12.65
C MET F 177 12.68 43.12 13.57
N LYS F 178 11.43 43.25 13.12
CA LYS F 178 10.38 43.92 13.88
C LYS F 178 9.54 42.88 14.61
N LEU F 179 9.44 43.02 15.92
CA LEU F 179 8.68 42.10 16.77
C LEU F 179 7.39 42.78 17.21
N PHE F 180 6.25 42.25 16.78
CA PHE F 180 4.96 42.74 17.24
C PHE F 180 4.67 42.09 18.59
N ILE F 181 4.94 42.84 19.67
CA ILE F 181 4.86 42.27 21.01
C ILE F 181 3.41 42.02 21.39
N LYS F 182 3.17 40.89 22.06
CA LYS F 182 1.83 40.56 22.54
C LYS F 182 1.37 41.58 23.57
N GLU F 183 0.06 41.81 23.62
CA GLU F 183 -0.47 42.89 24.44
C GLU F 183 -0.19 42.68 25.91
N ASP F 184 -0.21 41.43 26.37
CA ASP F 184 0.02 41.12 27.78
C ASP F 184 1.50 41.07 28.15
N LEU F 185 2.40 41.42 27.22
CA LEU F 185 3.83 41.35 27.45
C LEU F 185 4.53 42.64 27.06
N LYS F 186 3.84 43.77 27.18
CA LYS F 186 4.43 45.07 26.86
C LYS F 186 5.56 45.47 27.80
N GLU F 187 5.84 44.66 28.82
CA GLU F 187 6.96 44.96 29.72
C GLU F 187 8.30 44.96 29.00
N TYR F 188 8.41 44.26 27.87
CA TYR F 188 9.66 44.14 27.13
C TYR F 188 9.88 45.30 26.16
N LEU F 189 9.03 46.33 26.20
CA LEU F 189 9.29 47.57 25.49
C LEU F 189 9.80 48.67 26.39
N GLU F 190 9.76 48.46 27.70
CA GLU F 190 10.27 49.46 28.64
C GLU F 190 11.78 49.58 28.53
N GLU F 191 12.28 50.82 28.66
CA GLU F 191 13.72 51.03 28.63
C GLU F 191 14.40 50.32 29.79
N LYS F 192 13.84 50.45 30.99
CA LYS F 192 14.43 49.80 32.16
C LYS F 192 14.54 48.29 31.98
N ARG F 193 13.49 47.67 31.42
CA ARG F 193 13.49 46.22 31.25
C ARG F 193 14.49 45.79 30.19
N ILE F 194 14.57 46.54 29.08
CA ILE F 194 15.44 46.13 27.97
C ILE F 194 16.91 46.23 28.37
N ARG F 195 17.29 47.30 29.07
CA ARG F 195 18.69 47.50 29.41
C ARG F 195 19.17 46.45 30.41
N GLU F 196 18.35 46.13 31.42
CA GLU F 196 18.74 45.11 32.38
C GLU F 196 18.74 43.72 31.76
N ILE F 197 18.03 43.52 30.64
CA ILE F 197 18.11 42.25 29.93
C ILE F 197 19.43 42.14 29.19
N VAL F 198 19.79 43.19 28.44
CA VAL F 198 21.02 43.18 27.65
C VAL F 198 22.22 42.99 28.55
N LYS F 199 22.28 43.74 29.65
CA LYS F 199 23.42 43.63 30.57
C LYS F 199 23.51 42.23 31.15
N LYS F 200 22.37 41.66 31.56
CA LYS F 200 22.40 40.36 32.22
C LYS F 200 22.62 39.21 31.25
N HIS F 201 22.32 39.39 29.96
CA HIS F 201 22.41 38.33 28.98
C HIS F 201 23.51 38.55 27.96
N SER F 202 23.54 39.71 27.30
CA SER F 202 24.51 39.99 26.25
C SER F 202 25.59 40.91 26.82
N GLU F 203 26.54 40.31 27.53
CA GLU F 203 27.70 41.02 28.05
C GLU F 203 28.96 40.75 27.25
N PHE F 204 29.10 39.54 26.71
CA PHE F 204 30.27 39.17 25.91
C PHE F 204 30.05 39.44 24.43
N ILE F 205 29.55 40.64 24.11
CA ILE F 205 29.29 41.04 22.73
C ILE F 205 30.41 41.95 22.24
N SER F 206 30.99 41.59 21.10
CA SER F 206 32.12 42.34 20.55
C SER F 206 31.69 43.50 19.67
N TYR F 207 30.43 43.90 19.73
CA TYR F 207 29.92 44.97 18.90
C TYR F 207 29.13 45.95 19.75
N PRO F 208 29.13 47.23 19.39
CA PRO F 208 28.40 48.24 20.16
C PRO F 208 26.90 48.00 20.07
N ILE F 209 26.26 47.81 21.22
CA ILE F 209 24.82 47.62 21.29
C ILE F 209 24.17 48.98 21.50
N GLN F 210 23.31 49.37 20.57
CA GLN F 210 22.61 50.65 20.63
C GLN F 210 21.15 50.43 20.98
N LEU F 211 20.61 51.33 21.81
CA LEU F 211 19.20 51.31 22.18
C LEU F 211 18.63 52.70 21.95
N VAL F 212 17.59 52.78 21.12
CA VAL F 212 16.95 54.05 20.79
C VAL F 212 15.84 54.27 21.82
N VAL F 213 16.11 55.10 22.82
CA VAL F 213 15.10 55.49 23.79
C VAL F 213 14.40 56.74 23.31
N THR F 214 13.09 56.80 23.47
CA THR F 214 12.28 57.91 23.00
C THR F 214 11.80 58.72 24.20
N LYS F 215 12.01 60.03 24.15
CA LYS F 215 11.64 60.92 25.24
C LYS F 215 10.77 62.07 24.75
C25 2GJ G . -14.46 -1.50 -9.23
C26 2GJ G . -15.89 -1.72 -8.71
O27 2GJ G . -16.56 -0.57 -8.71
C28 2GJ G . -16.68 -0.09 -9.98
C29 2GJ G . -15.28 0.20 -10.54
N24 2GJ G . -14.44 -0.85 -10.43
C23 2GJ G . -14.49 -1.63 -11.42
C20 2GJ G . -13.06 -1.70 -11.98
C21 2GJ G . -12.35 -0.38 -12.34
C22 2GJ G . -11.12 -0.40 -12.81
C19 2GJ G . -12.45 -2.86 -12.16
C18 2GJ G . -10.99 -2.89 -12.73
C7 2GJ G . -10.40 -1.76 -13.03
C3 2GJ G . -8.93 -1.74 -13.59
C2 2GJ G . -7.70 -1.71 -12.72
C8 2GJ G . -7.73 -1.70 -11.16
O9 2GJ G . -8.72 -1.41 -10.59
N10 2GJ G . -6.53 -2.05 -10.40
C11 2GJ G . -6.55 -2.04 -8.91
C12 2GJ G . -7.34 -3.22 -8.37
N1 2GJ G . -6.68 -1.69 -13.46
O5 2GJ G . -7.13 -1.70 -14.86
C4 2GJ G . -8.55 -1.72 -14.83
C6 2GJ G . -9.51 -1.75 -16.06
C13 2GJ G . -10.50 -2.74 -16.10
C14 2GJ G . -11.40 -2.82 -17.18
C30 2GJ G . -12.49 -3.95 -17.15
C32 2GJ G . -13.05 -3.99 -15.74
C31 2GJ G . -11.81 -5.30 -17.45
C15 2GJ G . -11.30 -1.89 -18.26
O34 2GJ G . -12.20 -1.97 -19.34
C16 2GJ G . -10.29 -0.89 -18.22
C17 2GJ G . -9.39 -0.83 -17.12
O33 2GJ G . -8.38 0.17 -17.08
C25 2GJ H . -26.14 -38.61 -5.28
C26 2GJ H . -25.37 -37.60 -4.44
O27 2GJ H . -24.06 -37.89 -4.43
C28 2GJ H . -23.55 -37.89 -5.69
C29 2GJ H . -24.29 -38.92 -6.56
N24 2GJ H . -25.62 -38.72 -6.54
C23 2GJ H . -25.95 -37.70 -7.25
C20 2GJ H . -27.44 -37.79 -7.60
C21 2GJ H . -28.01 -39.10 -8.19
C22 2GJ H . -29.30 -39.18 -8.49
C19 2GJ H . -28.22 -36.75 -7.39
C18 2GJ H . -29.74 -36.84 -7.75
C7 2GJ H . -30.24 -37.95 -8.25
C3 2GJ H . -31.76 -38.05 -8.61
C2 2GJ H . -32.89 -37.96 -7.60
C8 2GJ H . -32.71 -37.76 -6.07
O9 2GJ H . -31.72 -38.13 -5.55
N10 2GJ H . -33.76 -37.13 -5.29
C11 2GJ H . -33.59 -36.93 -3.82
C12 2GJ H . -32.63 -35.78 -3.56
N1 2GJ H . -33.98 -38.08 -8.23
O5 2GJ H . -33.69 -38.25 -9.65
C4 2GJ H . -32.27 -38.22 -9.79
C6 2GJ H . -31.46 -38.36 -11.11
C13 2GJ H . -30.55 -37.36 -11.47
C14 2GJ H . -29.79 -37.45 -12.66
C30 2GJ H . -28.78 -36.29 -13.01
C32 2GJ H . -28.11 -35.82 -11.75
C31 2GJ H . -29.56 -35.13 -13.64
C15 2GJ H . -29.93 -38.58 -13.51
O34 2GJ H . -29.18 -38.69 -14.68
C16 2GJ H . -30.86 -39.60 -13.13
C17 2GJ H . -31.62 -39.48 -11.93
O33 2GJ H . -32.53 -40.50 -11.56
C25 2GJ I . -2.03 -9.59 12.60
C26 2GJ I . -1.43 -8.19 12.61
O27 2GJ I . -1.63 -7.61 13.80
C28 2GJ I . -1.03 -8.32 14.79
C29 2GJ I . -1.61 -9.73 14.84
N24 2GJ I . -1.55 -10.36 13.63
C23 2GJ I . -0.39 -10.79 13.39
C20 2GJ I . -0.53 -12.02 12.46
C21 2GJ I . -1.50 -13.16 12.84
C22 2GJ I . -1.63 -14.22 12.04
C19 2GJ I . 0.17 -12.07 11.33
C18 2GJ I . 0.01 -13.31 10.39
C7 2GJ I . -0.81 -14.30 10.72
C3 2GJ I . -0.97 -15.53 9.77
C2 2GJ I . -1.97 -15.63 8.66
C8 2GJ I . -2.98 -14.50 8.31
O9 2GJ I . -3.53 -13.93 9.18
N10 2GJ I . -3.26 -14.15 6.93
C11 2GJ I . -4.22 -13.06 6.61
C12 2GJ I . -3.59 -11.71 6.93
N1 2GJ I . -1.83 -16.76 8.10
O5 2GJ I . -0.75 -17.48 8.76
C4 2GJ I . -0.28 -16.63 9.80
C6 2GJ I . 0.87 -16.90 10.83
C13 2GJ I . 1.97 -16.04 10.80
C14 2GJ I . 3.04 -16.21 11.70
C30 2GJ I . 4.24 -15.19 11.57
C32 2GJ I . 3.66 -13.79 11.47
C31 2GJ I . 4.99 -15.49 10.27
C15 2GJ I . 3.00 -17.25 12.66
O34 2GJ I . 4.04 -17.43 13.57
C16 2GJ I . 1.87 -18.12 12.69
C17 2GJ I . 0.80 -17.93 11.77
O33 2GJ I . -0.32 -18.79 11.79
C25 2GJ J . 23.85 12.79 -4.38
C26 2GJ J . 23.54 11.58 -5.26
O27 2GJ J . 24.21 11.64 -6.41
C28 2GJ J . 25.55 11.70 -6.21
C29 2GJ J . 25.88 12.93 -5.36
N24 2GJ J . 25.20 12.94 -4.20
C23 2GJ J . 25.66 12.08 -3.39
C20 2GJ J . 26.28 12.81 -2.19
C21 2GJ J . 27.49 13.74 -2.40
C22 2GJ J . 28.04 14.37 -1.36
C19 2GJ J . 25.77 12.65 -0.96
C18 2GJ J . 26.40 13.39 0.24
C7 2GJ J . 27.44 14.18 0.06
C3 2GJ J . 28.09 14.94 1.28
C2 2GJ J . 27.57 16.19 1.93
C8 2GJ J . 26.27 16.95 1.49
O9 2GJ J . 25.90 16.87 0.39
N10 2GJ J . 25.53 17.75 2.45
C11 2GJ J . 24.31 18.48 2.04
C12 2GJ J . 23.17 17.49 1.81
N1 2GJ J . 28.35 16.51 2.87
O5 2GJ J . 29.44 15.52 2.92
C4 2GJ J . 29.18 14.57 1.89
C6 2GJ J . 30.03 13.32 1.50
C13 2GJ J . 29.41 12.08 1.41
C14 2GJ J . 30.13 10.92 1.04
C30 2GJ J . 29.36 9.54 0.95
C32 2GJ J . 28.06 9.74 0.20
C31 2GJ J . 29.02 9.11 2.39
C15 2GJ J . 31.52 11.01 0.76
O34 2GJ J . 32.27 9.89 0.39
C16 2GJ J . 32.15 12.28 0.86
C17 2GJ J . 31.40 13.44 1.22
O33 2GJ J . 32.06 14.68 1.32
C25 2GJ K . -6.58 8.07 -0.97
C26 2GJ K . -5.42 8.88 -1.55
O27 2GJ K . -5.77 9.39 -2.72
C28 2GJ K . -6.85 10.21 -2.62
C29 2GJ K . -8.04 9.45 -2.03
N24 2GJ K . -7.72 8.82 -0.88
C23 2GJ K . -7.68 9.61 0.11
C20 2GJ K . -8.07 8.79 1.34
C21 2GJ K . -9.41 8.00 1.31
C22 2GJ K . -9.77 7.27 2.34
C19 2GJ K . -7.27 8.71 2.40
C18 2GJ K . -7.70 7.84 3.63
C7 2GJ K . -8.84 7.19 3.60
C3 2GJ K . -9.28 6.31 4.82
C2 2GJ K . -8.70 4.96 5.13
C8 2GJ K . -7.58 4.27 4.29
O9 2GJ K . -7.54 4.46 3.14
N10 2GJ K . -6.60 3.42 4.92
C11 2GJ K . -5.53 2.78 4.11
C12 2GJ K . -4.49 3.81 3.69
N1 2GJ K . -9.26 4.51 6.17
O5 2GJ K . -10.25 5.50 6.62
C4 2GJ K . -10.19 6.59 5.71
C6 2GJ K . -11.03 7.91 5.74
C13 2GJ K . -10.36 9.12 5.60
C14 2GJ K . -11.06 10.35 5.60
C30 2GJ K . -10.24 11.69 5.44
C32 2GJ K . -9.28 11.53 4.27
C31 2GJ K . -9.41 11.91 6.71
C15 2GJ K . -12.47 10.35 5.77
O34 2GJ K . -13.19 11.55 5.79
C16 2GJ K . -13.15 9.11 5.92
C17 2GJ K . -12.42 7.89 5.90
O33 2GJ K . -13.11 6.66 6.04
C25 2GJ L . 23.43 30.11 12.54
C26 2GJ L . 23.00 28.67 12.34
O27 2GJ L . 23.15 27.98 13.47
C28 2GJ L . 22.37 28.51 14.45
C29 2GJ L . 22.74 29.98 14.66
N24 2GJ L . 22.69 30.68 13.52
C23 2GJ L . 21.49 30.82 13.12
C20 2GJ L . 21.51 32.06 12.23
C21 2GJ L . 22.36 33.26 12.67
C22 2GJ L . 22.40 34.34 11.92
C19 2GJ L . 20.83 32.11 11.08
C18 2GJ L . 20.89 33.39 10.20
C7 2GJ L . 21.61 34.42 10.60
C3 2GJ L . 21.73 35.74 9.76
C2 2GJ L . 22.54 35.92 8.52
C8 2GJ L . 23.38 34.81 7.82
O9 2GJ L . 23.90 33.98 8.45
N10 2GJ L . 23.49 34.85 6.38
C11 2GJ L . 24.27 33.82 5.65
C12 2GJ L . 23.41 32.58 5.49
N1 2GJ L . 22.42 37.10 8.12
O5 2GJ L . 21.54 37.82 9.04
C4 2GJ L . 21.17 36.87 10.04
C6 2GJ L . 20.23 37.18 11.22
C13 2GJ L . 19.30 36.24 11.63
C14 2GJ L . 18.44 36.52 12.71
C30 2GJ L . 17.41 35.42 13.11
C32 2GJ L . 18.18 34.13 13.32
C31 2GJ L . 16.48 35.21 11.91
C15 2GJ L . 18.50 37.77 13.38
O34 2GJ L . 17.65 38.05 14.44
C16 2GJ L . 19.45 38.72 12.95
C17 2GJ L . 20.32 38.40 11.87
O33 2GJ L . 21.27 39.35 11.41
#